data_6Z88
#
_entry.id   6Z88
#
_cell.length_a   112.355
_cell.length_b   161.505
_cell.length_c   271.642
_cell.angle_alpha   90
_cell.angle_beta   90
_cell.angle_gamma   90
#
_symmetry.space_group_name_H-M   'C 2 2 21'
#
loop_
_entity.id
_entity.type
_entity.pdbx_description
1 polymer 'GTP cyclohydrolase 1'
2 non-polymer 5-azanyl-[1,3]thiazolo[5,4-d]pyrimidine-2,7-dione
3 non-polymer 'ZINC ION'
4 water water
#
_entity_poly.entity_id   1
_entity_poly.type   'polypeptide(L)'
_entity_poly.pdbx_seq_one_letter_code
;MHHHHHHGSDDDDKRPEAKSAQPADGWKGERPRSEEDNELNLPNLAAAYSSILSSLGENPQRQGLLKTPWRAASAMQFFT
KGYQETISDVLNDAIFDEDHDEMVIVKDIDMFSMCEHHLVPFVGKVHIGYLPNKQVLGLSKLARIVEIYSRRLQVQERLT
KQIAVAITEALRPAGVGVVVEATHMCMVMRGVQKMNSKTVTSTMLGVFREDPKTREEFLTLIRS
;
_entity_poly.pdbx_strand_id   A,B,C,D,E,F,G,H,I,J
#
loop_
_chem_comp.id
_chem_comp.type
_chem_comp.name
_chem_comp.formula
QBK non-polymer 5-azanyl-[1,3]thiazolo[5,4-d]pyrimidine-2,7-dione 'C5 H2 N4 O2 S'
ZN non-polymer 'ZINC ION' 'Zn 2'
#
# COMPACT_ATOMS: atom_id res chain seq x y z
N PRO A 32 43.28 11.92 14.57
CA PRO A 32 42.62 11.11 13.52
C PRO A 32 43.26 9.74 13.41
N ARG A 33 42.44 8.68 13.30
CA ARG A 33 42.94 7.31 13.21
C ARG A 33 43.64 7.01 11.89
N SER A 34 44.63 6.12 11.89
CA SER A 34 45.38 5.80 10.68
C SER A 34 45.48 4.28 10.43
N GLU A 35 45.96 3.87 9.24
CA GLU A 35 46.12 2.44 8.88
C GLU A 35 47.16 1.75 9.77
N GLU A 36 48.17 2.50 10.27
CA GLU A 36 49.18 1.95 11.18
C GLU A 36 48.54 1.59 12.52
N ASP A 37 47.66 2.44 13.02
CA ASP A 37 46.92 2.25 14.27
C ASP A 37 46.00 1.03 14.19
N ASN A 38 45.38 0.83 13.03
CA ASN A 38 44.47 -0.29 12.80
C ASN A 38 45.22 -1.59 12.77
N GLU A 39 46.34 -1.64 12.04
CA GLU A 39 47.14 -2.85 11.90
C GLU A 39 47.74 -3.27 13.26
N LEU A 40 48.10 -2.28 14.09
CA LEU A 40 48.67 -2.53 15.41
C LEU A 40 47.63 -2.95 16.44
N ASN A 41 46.40 -2.43 16.33
CA ASN A 41 45.33 -2.77 17.27
C ASN A 41 44.50 -3.97 16.87
N LEU A 42 44.63 -4.45 15.64
CA LEU A 42 43.88 -5.61 15.17
C LEU A 42 44.10 -6.88 16.03
N PRO A 43 45.34 -7.28 16.40
CA PRO A 43 45.47 -8.46 17.27
C PRO A 43 44.90 -8.25 18.66
N ASN A 44 44.91 -7.01 19.18
CA ASN A 44 44.34 -6.71 20.50
C ASN A 44 42.81 -6.77 20.50
N LEU A 45 42.19 -6.48 19.34
CA LEU A 45 40.74 -6.56 19.19
C LEU A 45 40.37 -8.03 19.08
N ALA A 46 41.10 -8.79 18.23
CA ALA A 46 40.86 -10.22 18.04
C ALA A 46 41.05 -10.98 19.35
N ALA A 47 42.03 -10.56 20.20
CA ALA A 47 42.25 -11.20 21.50
C ALA A 47 41.02 -11.02 22.41
N ALA A 48 40.43 -9.81 22.41
CA ALA A 48 39.23 -9.51 23.19
C ALA A 48 38.02 -10.26 22.64
N TYR A 49 37.94 -10.43 21.31
CA TYR A 49 36.84 -11.18 20.69
C TYR A 49 36.94 -12.67 20.97
N SER A 50 38.17 -13.20 21.10
CA SER A 50 38.38 -14.61 21.44
C SER A 50 37.93 -14.83 22.88
N SER A 51 38.22 -13.87 23.77
CA SER A 51 37.81 -13.93 25.16
C SER A 51 36.28 -13.92 25.28
N ILE A 52 35.60 -13.18 24.38
CA ILE A 52 34.14 -13.09 24.35
C ILE A 52 33.56 -14.43 23.96
N LEU A 53 34.12 -15.08 22.93
CA LEU A 53 33.67 -16.40 22.49
C LEU A 53 33.76 -17.43 23.64
N SER A 54 34.88 -17.44 24.37
CA SER A 54 35.09 -18.33 25.50
C SER A 54 34.10 -18.01 26.63
N SER A 55 33.90 -16.71 26.93
CA SER A 55 32.97 -16.28 27.97
C SER A 55 31.51 -16.60 27.66
N LEU A 56 31.17 -16.88 26.40
CA LEU A 56 29.78 -17.21 26.00
C LEU A 56 29.42 -18.68 26.11
N GLY A 57 30.35 -19.51 26.58
CA GLY A 57 30.14 -20.95 26.66
C GLY A 57 30.14 -21.50 25.27
N GLU A 58 31.18 -21.16 24.51
CA GLU A 58 31.33 -21.56 23.13
C GLU A 58 32.79 -21.96 22.86
N ASN A 59 32.99 -22.92 21.94
CA ASN A 59 34.30 -23.47 21.56
C ASN A 59 34.96 -22.60 20.51
N PRO A 60 35.99 -21.81 20.84
CA PRO A 60 36.64 -20.99 19.82
C PRO A 60 37.32 -21.80 18.72
N GLN A 61 37.73 -23.03 19.02
CA GLN A 61 38.42 -23.85 18.04
C GLN A 61 37.50 -24.58 17.07
N ARG A 62 36.19 -24.28 17.07
CA ARG A 62 35.20 -24.85 16.13
C ARG A 62 35.61 -24.56 14.70
N GLN A 63 35.20 -25.38 13.74
CA GLN A 63 35.57 -25.16 12.33
C GLN A 63 35.11 -23.75 11.86
N GLY A 64 33.88 -23.39 12.16
CA GLY A 64 33.36 -22.07 11.82
C GLY A 64 33.80 -20.90 12.69
N LEU A 65 34.19 -21.17 13.95
CA LEU A 65 34.59 -20.09 14.87
C LEU A 65 36.08 -19.81 14.92
N LEU A 66 36.89 -20.47 14.10
CA LEU A 66 38.34 -20.29 14.17
C LEU A 66 38.76 -18.92 13.73
N LYS A 67 38.17 -18.42 12.63
CA LYS A 67 38.50 -17.10 12.10
C LYS A 67 37.65 -15.97 12.69
N THR A 68 36.60 -16.29 13.47
CA THR A 68 35.67 -15.32 14.06
C THR A 68 36.36 -14.20 14.88
N PRO A 69 37.37 -14.40 15.77
CA PRO A 69 37.95 -13.25 16.49
C PRO A 69 38.57 -12.21 15.57
N TRP A 70 39.18 -12.65 14.46
CA TRP A 70 39.81 -11.77 13.46
C TRP A 70 38.75 -11.06 12.62
N ARG A 71 37.70 -11.79 12.21
CA ARG A 71 36.60 -11.26 11.39
C ARG A 71 35.78 -10.24 12.18
N ALA A 72 35.54 -10.50 13.46
CA ALA A 72 34.80 -9.60 14.34
C ALA A 72 35.62 -8.33 14.56
N ALA A 73 36.94 -8.47 14.74
CA ALA A 73 37.84 -7.33 14.91
C ALA A 73 37.84 -6.47 13.62
N SER A 74 37.92 -7.11 12.45
CA SER A 74 37.90 -6.41 11.18
C SER A 74 36.56 -5.69 10.94
N ALA A 75 35.44 -6.32 11.35
CA ALA A 75 34.11 -5.74 11.21
C ALA A 75 33.99 -4.51 12.09
N MET A 76 34.42 -4.61 13.36
CA MET A 76 34.38 -3.49 14.30
C MET A 76 35.24 -2.32 13.81
N GLN A 77 36.35 -2.61 13.13
CA GLN A 77 37.22 -1.58 12.54
C GLN A 77 36.52 -0.85 11.39
N PHE A 78 35.73 -1.57 10.59
CA PHE A 78 34.98 -1.01 9.48
C PHE A 78 33.83 -0.15 9.99
N PHE A 79 33.16 -0.59 11.09
CA PHE A 79 32.07 0.20 11.68
C PHE A 79 32.55 1.48 12.32
N THR A 80 33.84 1.61 12.61
CA THR A 80 34.40 2.79 13.22
C THR A 80 35.45 3.46 12.30
N LYS A 81 35.38 3.25 10.98
CA LYS A 81 36.33 3.84 10.03
C LYS A 81 36.23 5.37 9.90
N GLY A 82 35.12 5.95 10.32
CA GLY A 82 34.87 7.38 10.27
C GLY A 82 35.77 8.20 11.18
N TYR A 83 36.40 7.54 12.16
CA TYR A 83 37.38 8.16 13.05
C TYR A 83 38.67 8.46 12.28
N GLN A 84 39.00 7.65 11.24
CA GLN A 84 40.16 7.81 10.37
C GLN A 84 40.07 9.02 9.43
N GLU A 85 38.86 9.56 9.22
CA GLU A 85 38.65 10.68 8.31
C GLU A 85 38.43 12.01 9.01
N THR A 86 38.69 13.11 8.26
CA THR A 86 38.47 14.48 8.68
C THR A 86 37.46 15.13 7.73
N ILE A 87 36.61 16.03 8.23
CA ILE A 87 35.64 16.71 7.36
C ILE A 87 36.30 17.52 6.27
N SER A 88 37.49 18.07 6.56
CA SER A 88 38.28 18.90 5.66
C SER A 88 38.46 18.26 4.29
N ASP A 89 38.58 16.92 4.25
CA ASP A 89 38.74 16.16 3.01
C ASP A 89 37.60 15.15 2.80
N ASP A 99 25.07 31.51 -7.56
CA ASP A 99 23.84 31.64 -6.77
C ASP A 99 22.74 30.72 -7.28
N HIS A 100 21.98 30.07 -6.35
CA HIS A 100 20.98 29.11 -6.79
C HIS A 100 19.51 29.40 -6.46
N ASP A 101 19.16 29.88 -5.28
CA ASP A 101 17.78 30.23 -4.93
C ASP A 101 16.77 29.07 -5.07
N GLU A 102 17.02 27.93 -4.43
CA GLU A 102 16.10 26.78 -4.50
C GLU A 102 16.43 25.79 -3.42
N MET A 103 15.42 25.03 -2.96
CA MET A 103 15.66 24.05 -1.90
C MET A 103 16.30 22.82 -2.52
N VAL A 104 17.39 22.33 -1.95
CA VAL A 104 18.08 21.14 -2.45
C VAL A 104 17.99 20.03 -1.41
N ILE A 105 17.40 18.88 -1.78
CA ILE A 105 17.18 17.74 -0.90
C ILE A 105 17.82 16.48 -1.42
N VAL A 106 18.39 15.67 -0.53
CA VAL A 106 18.88 14.33 -0.80
C VAL A 106 18.25 13.46 0.28
N LYS A 107 17.24 12.70 -0.08
CA LYS A 107 16.52 11.83 0.84
C LYS A 107 16.88 10.34 0.65
N ASP A 108 16.52 9.54 1.63
CA ASP A 108 16.73 8.10 1.64
C ASP A 108 18.19 7.70 1.54
N ILE A 109 19.06 8.45 2.25
CA ILE A 109 20.48 8.12 2.30
C ILE A 109 20.62 6.98 3.27
N ASP A 110 21.07 5.79 2.82
CA ASP A 110 21.25 4.66 3.71
C ASP A 110 22.31 4.92 4.77
N MET A 111 21.88 4.85 5.99
CA MET A 111 22.73 5.10 7.14
C MET A 111 22.98 3.78 7.90
N PHE A 112 24.22 3.59 8.39
CA PHE A 112 24.60 2.41 9.17
C PHE A 112 25.57 2.89 10.23
N SER A 113 25.10 2.96 11.48
CA SER A 113 25.94 3.39 12.57
C SER A 113 25.98 2.30 13.69
N MET A 114 26.67 2.60 14.82
CA MET A 114 26.83 1.70 15.96
C MET A 114 26.50 2.37 17.29
N CYS A 115 25.48 1.88 18.00
CA CYS A 115 25.04 2.45 19.28
C CYS A 115 26.20 2.42 20.27
N GLU A 116 26.66 3.58 20.73
CA GLU A 116 27.77 3.70 21.66
C GLU A 116 27.47 3.17 23.06
N HIS A 117 26.19 2.87 23.39
CA HIS A 117 25.84 2.35 24.69
C HIS A 117 26.09 0.86 24.82
N HIS A 118 25.70 0.06 23.80
CA HIS A 118 25.80 -1.40 23.84
C HIS A 118 26.66 -2.00 22.74
N LEU A 119 27.25 -1.18 21.87
CA LEU A 119 28.04 -1.66 20.74
C LEU A 119 27.22 -2.52 19.77
N VAL A 120 25.93 -2.19 19.61
CA VAL A 120 25.03 -2.90 18.71
C VAL A 120 24.72 -1.97 17.55
N PRO A 121 24.85 -2.46 16.31
CA PRO A 121 24.56 -1.58 15.16
C PRO A 121 23.13 -1.08 15.09
N PHE A 122 22.97 0.15 14.61
CA PHE A 122 21.66 0.72 14.31
C PHE A 122 21.65 1.20 12.86
N VAL A 123 20.58 0.85 12.15
CA VAL A 123 20.50 1.15 10.74
C VAL A 123 19.29 1.98 10.42
N GLY A 124 19.48 2.97 9.56
CA GLY A 124 18.37 3.80 9.14
C GLY A 124 18.58 4.53 7.85
N LYS A 125 17.95 5.72 7.76
CA LYS A 125 17.97 6.59 6.62
C LYS A 125 18.16 8.05 7.06
N VAL A 126 18.90 8.83 6.24
CA VAL A 126 19.15 10.26 6.47
C VAL A 126 18.53 11.09 5.34
N HIS A 127 17.85 12.18 5.72
CA HIS A 127 17.22 13.08 4.79
C HIS A 127 17.84 14.43 5.03
N ILE A 128 18.50 14.99 4.02
CA ILE A 128 19.17 16.27 4.12
C ILE A 128 18.53 17.28 3.17
N GLY A 129 18.38 18.50 3.64
CA GLY A 129 17.85 19.58 2.83
C GLY A 129 18.59 20.86 3.16
N TYR A 130 18.73 21.76 2.18
CA TYR A 130 19.36 23.04 2.43
C TYR A 130 18.98 24.07 1.40
N LEU A 131 19.03 25.33 1.80
CA LEU A 131 18.75 26.46 0.93
C LEU A 131 20.06 27.17 0.80
N PRO A 132 20.74 27.09 -0.37
CA PRO A 132 22.08 27.68 -0.48
C PRO A 132 22.09 29.18 -0.42
N ASN A 133 23.22 29.74 0.02
CA ASN A 133 23.40 31.20 0.04
C ASN A 133 24.23 31.47 -1.22
N LYS A 134 25.49 31.03 -1.27
CA LYS A 134 26.33 31.23 -2.44
C LYS A 134 27.06 29.96 -2.89
N GLN A 135 27.18 28.97 -1.98
CA GLN A 135 27.88 27.72 -2.23
C GLN A 135 26.95 26.53 -2.23
N VAL A 136 27.09 25.65 -3.21
CA VAL A 136 26.32 24.41 -3.33
C VAL A 136 27.30 23.22 -3.14
N LEU A 137 26.86 22.15 -2.50
CA LEU A 137 27.71 20.98 -2.27
C LEU A 137 27.34 19.91 -3.25
N GLY A 138 28.35 19.22 -3.78
CA GLY A 138 28.18 18.08 -4.67
C GLY A 138 27.41 16.99 -3.96
N LEU A 139 26.33 16.49 -4.59
CA LEU A 139 25.40 15.51 -4.00
C LEU A 139 26.10 14.22 -3.52
N SER A 140 27.25 13.89 -4.11
CA SER A 140 28.03 12.74 -3.66
C SER A 140 28.67 13.04 -2.30
N LYS A 141 29.12 14.28 -2.09
CA LYS A 141 29.76 14.75 -0.87
C LYS A 141 28.82 14.80 0.32
N LEU A 142 27.50 14.97 0.10
CA LEU A 142 26.53 14.94 1.20
C LEU A 142 26.54 13.57 1.85
N ALA A 143 26.64 12.51 1.04
CA ALA A 143 26.70 11.12 1.50
C ALA A 143 28.02 10.81 2.21
N ARG A 144 29.11 11.46 1.80
CA ARG A 144 30.40 11.26 2.45
C ARG A 144 30.40 11.83 3.90
N ILE A 145 29.62 12.90 4.14
CA ILE A 145 29.47 13.49 5.47
C ILE A 145 28.73 12.50 6.36
N VAL A 146 27.66 11.85 5.82
CA VAL A 146 26.87 10.84 6.52
C VAL A 146 27.78 9.69 6.95
N GLU A 147 28.62 9.22 6.05
CA GLU A 147 29.58 8.12 6.26
C GLU A 147 30.64 8.43 7.32
N ILE A 148 31.25 9.63 7.29
CA ILE A 148 32.27 10.03 8.27
C ILE A 148 31.75 9.98 9.72
N TYR A 149 30.54 10.53 9.94
CA TYR A 149 29.96 10.56 11.27
C TYR A 149 29.22 9.29 11.66
N SER A 150 28.58 8.56 10.71
CA SER A 150 27.87 7.35 11.06
C SER A 150 28.82 6.20 11.41
N ARG A 151 30.01 6.15 10.77
CA ARG A 151 30.99 5.12 11.07
C ARG A 151 31.80 5.46 12.31
N ARG A 152 31.13 5.52 13.45
CA ARG A 152 31.69 5.84 14.75
C ARG A 152 30.71 5.35 15.84
N LEU A 153 31.13 5.34 17.11
CA LEU A 153 30.25 4.95 18.21
C LEU A 153 29.36 6.14 18.41
N GLN A 154 28.09 5.99 18.05
CA GLN A 154 27.18 7.10 18.07
C GLN A 154 25.97 7.03 19.02
N VAL A 155 25.28 8.15 19.04
CA VAL A 155 24.01 8.39 19.62
C VAL A 155 23.37 9.20 18.48
N GLN A 156 22.21 8.76 17.96
CA GLN A 156 21.50 9.40 16.85
C GLN A 156 21.39 10.91 16.99
N GLU A 157 21.08 11.41 18.17
CA GLU A 157 20.99 12.86 18.44
C GLU A 157 22.29 13.55 18.06
N ARG A 158 23.43 12.99 18.45
CA ARG A 158 24.73 13.54 18.07
C ARG A 158 25.00 13.46 16.55
N LEU A 159 24.87 12.28 15.97
CA LEU A 159 25.08 12.07 14.54
C LEU A 159 24.26 13.04 13.68
N THR A 160 22.98 13.30 14.05
CA THR A 160 22.11 14.24 13.33
C THR A 160 22.75 15.64 13.39
N LYS A 161 23.13 16.06 14.61
CA LYS A 161 23.74 17.36 14.88
C LYS A 161 25.04 17.53 14.10
N GLN A 162 25.85 16.47 14.07
CA GLN A 162 27.12 16.51 13.39
C GLN A 162 26.98 16.71 11.90
N ILE A 163 26.02 16.02 11.25
CA ILE A 163 25.82 16.20 9.81
C ILE A 163 25.35 17.63 9.51
N ALA A 164 24.42 18.17 10.31
CA ALA A 164 23.89 19.52 10.12
C ALA A 164 24.97 20.58 10.26
N VAL A 165 25.83 20.44 11.28
CA VAL A 165 26.92 21.38 11.51
C VAL A 165 27.97 21.31 10.39
N ALA A 166 28.24 20.09 9.88
CA ALA A 166 29.21 19.90 8.80
C ALA A 166 28.73 20.62 7.55
N ILE A 167 27.43 20.48 7.20
CA ILE A 167 26.88 21.19 6.04
C ILE A 167 26.92 22.69 6.26
N THR A 168 26.47 23.17 7.42
CA THR A 168 26.43 24.60 7.74
C THR A 168 27.80 25.22 7.63
N GLU A 169 28.81 24.56 8.19
CA GLU A 169 30.16 25.07 8.16
C GLU A 169 30.77 25.06 6.75
N ALA A 170 30.49 24.00 5.97
CA ALA A 170 30.99 23.88 4.62
C ALA A 170 30.37 24.89 3.63
N LEU A 171 29.04 24.99 3.57
CA LEU A 171 28.36 25.85 2.61
C LEU A 171 27.98 27.24 3.09
N ARG A 172 27.77 27.39 4.41
CA ARG A 172 27.22 28.63 4.99
C ARG A 172 25.88 28.97 4.31
N PRO A 173 24.91 28.04 4.40
CA PRO A 173 23.63 28.23 3.70
C PRO A 173 22.63 29.04 4.50
N ALA A 174 21.51 29.40 3.86
CA ALA A 174 20.43 30.13 4.51
C ALA A 174 19.72 29.24 5.59
N GLY A 175 19.66 27.95 5.33
CA GLY A 175 19.04 26.99 6.23
C GLY A 175 19.50 25.58 5.94
N VAL A 176 19.35 24.64 6.91
CA VAL A 176 19.72 23.22 6.84
C VAL A 176 18.67 22.39 7.62
N GLY A 177 18.23 21.29 7.05
CA GLY A 177 17.28 20.40 7.69
C GLY A 177 17.83 19.01 7.58
N VAL A 178 18.09 18.34 8.71
CA VAL A 178 18.62 16.98 8.75
C VAL A 178 17.70 16.07 9.56
N VAL A 179 17.16 15.04 8.93
CA VAL A 179 16.30 14.07 9.58
C VAL A 179 16.94 12.69 9.52
N VAL A 180 17.06 12.05 10.66
CA VAL A 180 17.56 10.71 10.72
C VAL A 180 16.46 9.82 11.31
N GLU A 181 16.10 8.75 10.61
CA GLU A 181 15.12 7.80 11.12
C GLU A 181 15.78 6.42 11.14
N ALA A 182 16.04 5.86 12.31
CA ALA A 182 16.72 4.59 12.42
C ALA A 182 15.95 3.66 13.34
N THR A 183 16.24 2.35 13.25
CA THR A 183 15.70 1.31 14.11
C THR A 183 16.89 0.76 14.88
N HIS A 184 16.91 0.93 16.22
CA HIS A 184 18.01 0.46 17.05
C HIS A 184 17.74 -0.99 17.49
N MET A 185 18.81 -1.76 17.78
CA MET A 185 18.57 -3.12 18.28
C MET A 185 18.33 -3.15 19.82
N CYS A 186 18.07 -1.96 20.45
CA CYS A 186 17.67 -1.85 21.85
C CYS A 186 16.15 -2.25 21.94
N MET A 187 15.73 -3.26 21.10
CA MET A 187 14.42 -3.93 20.92
C MET A 187 13.40 -3.06 20.08
N VAL A 188 12.19 -3.64 19.78
CA VAL A 188 11.09 -3.02 18.98
C VAL A 188 9.70 -3.30 19.63
N SER A 197 9.11 0.08 16.82
CA SER A 197 9.55 1.36 17.37
C SER A 197 10.74 1.99 16.61
N LYS A 198 10.52 3.19 16.06
CA LYS A 198 11.57 3.90 15.35
C LYS A 198 11.97 5.18 16.09
N THR A 199 13.22 5.58 15.95
CA THR A 199 13.72 6.79 16.56
C THR A 199 14.02 7.79 15.48
N VAL A 200 13.41 8.97 15.56
CA VAL A 200 13.59 10.02 14.57
C VAL A 200 14.22 11.22 15.26
N THR A 201 15.35 11.71 14.76
CA THR A 201 16.00 12.89 15.31
C THR A 201 16.06 13.91 14.19
N SER A 202 15.67 15.16 14.49
CA SER A 202 15.55 16.17 13.47
C SER A 202 16.21 17.49 13.86
N THR A 203 17.10 18.01 13.00
CA THR A 203 17.76 19.30 13.21
C THR A 203 17.28 20.29 12.17
N MET A 204 16.76 21.43 12.57
CA MET A 204 16.31 22.45 11.63
C MET A 204 17.08 23.73 11.97
N LEU A 205 17.94 24.18 11.06
CA LEU A 205 18.73 25.38 11.26
C LEU A 205 18.37 26.46 10.26
N GLY A 206 18.60 27.68 10.66
CA GLY A 206 18.37 28.85 9.84
C GLY A 206 16.93 28.99 9.40
N VAL A 207 16.75 29.33 8.14
CA VAL A 207 15.45 29.50 7.53
C VAL A 207 14.58 28.22 7.67
N PHE A 208 15.23 27.02 7.82
CA PHE A 208 14.55 25.75 8.04
C PHE A 208 13.84 25.75 9.44
N ARG A 209 14.41 26.46 10.43
CA ARG A 209 13.81 26.57 11.76
C ARG A 209 12.85 27.73 11.80
N GLU A 210 13.27 28.87 11.26
CA GLU A 210 12.50 30.10 11.38
C GLU A 210 11.30 30.23 10.41
N ASP A 211 11.42 29.70 9.17
CA ASP A 211 10.35 29.84 8.20
C ASP A 211 9.43 28.66 8.22
N PRO A 212 8.15 28.88 8.55
CA PRO A 212 7.19 27.77 8.54
C PRO A 212 6.98 27.17 7.15
N LYS A 213 7.04 28.02 6.11
CA LYS A 213 6.87 27.58 4.74
C LYS A 213 8.01 26.64 4.33
N THR A 214 9.24 27.02 4.69
CA THR A 214 10.44 26.24 4.41
C THR A 214 10.41 24.87 5.11
N ARG A 215 10.06 24.86 6.41
CA ARG A 215 10.02 23.58 7.14
C ARG A 215 8.91 22.62 6.63
N GLU A 216 7.72 23.17 6.31
CA GLU A 216 6.61 22.37 5.79
C GLU A 216 7.01 21.72 4.46
N GLU A 217 7.67 22.52 3.59
CA GLU A 217 8.16 22.08 2.31
C GLU A 217 9.19 20.97 2.41
N PHE A 218 10.18 21.13 3.27
CA PHE A 218 11.22 20.13 3.44
C PHE A 218 10.61 18.81 3.90
N LEU A 219 9.77 18.89 4.98
CA LEU A 219 9.12 17.73 5.55
C LEU A 219 8.19 17.02 4.59
N THR A 220 7.51 17.77 3.70
CA THR A 220 6.63 17.13 2.70
C THR A 220 7.46 16.50 1.59
N LEU A 221 8.52 17.19 1.13
CA LEU A 221 9.31 16.68 0.03
C LEU A 221 10.15 15.48 0.40
N ILE A 222 10.50 15.27 1.69
CA ILE A 222 11.25 14.05 2.08
C ILE A 222 10.34 12.80 2.17
N ARG A 223 9.02 12.93 1.90
CA ARG A 223 8.08 11.85 1.91
C ARG A 223 7.80 11.42 0.48
N SER B 34 42.73 -5.91 -17.19
CA SER B 34 43.67 -5.67 -16.09
C SER B 34 43.85 -4.17 -15.78
N GLU B 35 44.48 -3.83 -14.64
CA GLU B 35 44.71 -2.45 -14.23
C GLU B 35 45.68 -1.70 -15.19
N GLU B 36 46.60 -2.44 -15.81
CA GLU B 36 47.54 -1.86 -16.78
C GLU B 36 46.77 -1.43 -18.04
N ASP B 37 45.83 -2.27 -18.49
CA ASP B 37 44.97 -2.02 -19.65
C ASP B 37 44.09 -0.79 -19.42
N ASN B 38 43.59 -0.61 -18.20
CA ASN B 38 42.74 0.51 -17.85
C ASN B 38 43.50 1.81 -17.86
N GLU B 39 44.69 1.82 -17.25
CA GLU B 39 45.52 3.02 -17.17
C GLU B 39 45.98 3.47 -18.56
N LEU B 40 46.25 2.51 -19.46
CA LEU B 40 46.69 2.77 -20.82
C LEU B 40 45.54 3.22 -21.73
N ASN B 41 44.33 2.70 -21.50
CA ASN B 41 43.17 3.06 -22.31
C ASN B 41 42.39 4.27 -21.82
N LEU B 42 42.66 4.74 -20.59
CA LEU B 42 41.97 5.89 -20.03
C LEU B 42 42.10 7.16 -20.89
N PRO B 43 43.30 7.56 -21.37
CA PRO B 43 43.36 8.76 -22.22
C PRO B 43 42.65 8.59 -23.57
N ASN B 44 42.60 7.34 -24.10
CA ASN B 44 41.89 7.05 -25.36
C ASN B 44 40.37 7.14 -25.20
N LEU B 45 39.86 6.84 -24.00
CA LEU B 45 38.45 6.94 -23.70
C LEU B 45 38.11 8.42 -23.53
N ALA B 46 38.93 9.17 -22.75
CA ALA B 46 38.72 10.58 -22.52
C ALA B 46 38.79 11.36 -23.84
N ALA B 47 39.67 10.95 -24.79
CA ALA B 47 39.76 11.60 -26.09
C ALA B 47 38.45 11.44 -26.88
N ALA B 48 37.86 10.24 -26.84
CA ALA B 48 36.58 9.96 -27.50
C ALA B 48 35.43 10.70 -26.82
N TYR B 49 35.48 10.86 -25.49
CA TYR B 49 34.46 11.61 -24.77
C TYR B 49 34.55 13.11 -25.04
N SER B 50 35.76 13.62 -25.29
CA SER B 50 35.93 15.03 -25.63
C SER B 50 35.37 15.29 -27.03
N SER B 51 35.53 14.34 -27.93
CA SER B 51 34.98 14.41 -29.27
C SER B 51 33.44 14.43 -29.20
N ILE B 52 32.85 13.65 -28.27
CA ILE B 52 31.41 13.58 -28.05
C ILE B 52 30.88 14.91 -27.55
N LEU B 53 31.56 15.56 -26.58
CA LEU B 53 31.15 16.89 -26.10
C LEU B 53 31.10 17.92 -27.25
N SER B 54 32.09 17.88 -28.12
CA SER B 54 32.22 18.77 -29.25
C SER B 54 31.15 18.48 -30.34
N SER B 55 30.76 17.21 -30.46
CA SER B 55 29.77 16.77 -31.44
C SER B 55 28.30 16.93 -30.98
N LEU B 56 28.06 17.23 -29.71
CA LEU B 56 26.68 17.43 -29.23
C LEU B 56 26.17 18.85 -29.39
N GLY B 57 27.09 19.80 -29.61
CA GLY B 57 26.74 21.20 -29.73
C GLY B 57 27.01 21.91 -28.42
N GLU B 58 28.17 21.61 -27.81
CA GLU B 58 28.55 22.28 -26.57
C GLU B 58 30.06 22.58 -26.52
N ASN B 59 30.42 23.53 -25.64
CA ASN B 59 31.78 24.01 -25.39
C ASN B 59 32.50 23.11 -24.38
N PRO B 60 33.49 22.30 -24.82
CA PRO B 60 34.20 21.44 -23.87
C PRO B 60 35.11 22.18 -22.90
N GLN B 61 35.38 23.48 -23.15
CA GLN B 61 36.19 24.30 -22.24
C GLN B 61 35.38 25.02 -21.17
N ARG B 62 34.07 24.74 -21.06
CA ARG B 62 33.17 25.29 -20.05
C ARG B 62 33.68 24.90 -18.66
N GLN B 63 33.34 25.67 -17.64
CA GLN B 63 33.78 25.39 -16.27
C GLN B 63 33.39 23.96 -15.83
N GLY B 64 32.12 23.62 -15.93
CA GLY B 64 31.62 22.29 -15.57
C GLY B 64 31.92 21.15 -16.54
N LEU B 65 32.46 21.46 -17.73
CA LEU B 65 32.76 20.44 -18.73
C LEU B 65 34.23 20.20 -18.96
N LEU B 66 35.12 20.84 -18.19
CA LEU B 66 36.55 20.71 -18.41
C LEU B 66 37.06 19.32 -18.04
N LYS B 67 36.63 18.79 -16.89
CA LYS B 67 37.02 17.47 -16.41
C LYS B 67 36.11 16.33 -16.89
N THR B 68 35.00 16.67 -17.56
CA THR B 68 34.00 15.71 -18.04
C THR B 68 34.58 14.58 -18.92
N PRO B 69 35.50 14.79 -19.90
CA PRO B 69 36.01 13.64 -20.68
C PRO B 69 36.71 12.58 -19.81
N TRP B 70 37.44 13.00 -18.76
CA TRP B 70 38.15 12.10 -17.84
C TRP B 70 37.18 11.40 -16.91
N ARG B 71 36.17 12.13 -16.41
CA ARG B 71 35.14 11.61 -15.49
C ARG B 71 34.25 10.58 -16.21
N ALA B 72 33.87 10.86 -17.45
CA ALA B 72 33.05 9.98 -18.27
C ALA B 72 33.85 8.70 -18.58
N ALA B 73 35.15 8.84 -18.89
CA ALA B 73 36.01 7.71 -19.17
C ALA B 73 36.14 6.83 -17.91
N SER B 74 36.33 7.45 -16.73
CA SER B 74 36.44 6.72 -15.46
C SER B 74 35.14 6.01 -15.11
N ALA B 75 33.99 6.64 -15.43
CA ALA B 75 32.67 6.07 -15.18
C ALA B 75 32.46 4.86 -16.07
N MET B 76 32.77 4.96 -17.35
CA MET B 76 32.64 3.84 -18.28
C MET B 76 33.53 2.66 -17.88
N GLN B 77 34.70 2.94 -17.29
CA GLN B 77 35.62 1.90 -16.80
C GLN B 77 35.03 1.16 -15.61
N PHE B 78 34.32 1.90 -14.73
CA PHE B 78 33.65 1.35 -13.55
C PHE B 78 32.45 0.50 -13.97
N PHE B 79 31.70 0.93 -15.00
CA PHE B 79 30.55 0.15 -15.48
C PHE B 79 30.97 -1.12 -16.18
N THR B 80 32.25 -1.26 -16.57
CA THR B 80 32.76 -2.46 -17.24
C THR B 80 33.88 -3.14 -16.43
N LYS B 81 33.92 -2.92 -15.09
CA LYS B 81 34.94 -3.51 -14.22
C LYS B 81 34.85 -5.03 -14.06
N GLY B 82 33.70 -5.60 -14.41
CA GLY B 82 33.43 -7.04 -14.31
C GLY B 82 34.19 -7.89 -15.30
N TYR B 83 34.77 -7.24 -16.32
CA TYR B 83 35.65 -7.88 -17.29
C TYR B 83 37.01 -8.21 -16.62
N GLN B 84 37.44 -7.38 -15.62
CA GLN B 84 38.67 -7.55 -14.84
C GLN B 84 38.59 -8.72 -13.84
N GLU B 85 37.38 -9.20 -13.52
CA GLU B 85 37.22 -10.30 -12.56
C GLU B 85 36.94 -11.64 -13.20
N THR B 86 37.41 -12.72 -12.52
CA THR B 86 37.23 -14.14 -12.86
C THR B 86 36.33 -14.83 -11.80
N ILE B 87 35.40 -15.66 -12.24
CA ILE B 87 34.49 -16.37 -11.32
C ILE B 87 35.25 -17.22 -10.29
N SER B 88 36.45 -17.68 -10.66
CA SER B 88 37.33 -18.48 -9.82
C SER B 88 37.85 -17.66 -8.63
N ASP B 89 38.13 -16.35 -8.86
CA ASP B 89 38.60 -15.40 -7.83
C ASP B 89 37.63 -15.35 -6.64
N VAL B 90 36.34 -15.60 -6.87
CA VAL B 90 35.31 -15.59 -5.84
C VAL B 90 34.63 -16.97 -5.67
N GLU B 98 28.54 -29.51 5.17
CA GLU B 98 28.04 -28.69 4.06
C GLU B 98 26.64 -29.12 3.53
N ASP B 99 26.12 -30.23 4.01
CA ASP B 99 24.88 -30.80 3.54
C ASP B 99 23.59 -30.23 4.14
N HIS B 100 23.00 -29.26 3.45
CA HIS B 100 21.69 -28.73 3.83
C HIS B 100 20.62 -29.26 2.86
N ASP B 101 19.36 -29.23 3.28
CA ASP B 101 18.25 -29.70 2.47
C ASP B 101 17.12 -28.67 2.59
N GLU B 102 17.39 -27.45 2.13
CA GLU B 102 16.42 -26.37 2.21
C GLU B 102 16.65 -25.35 1.10
N MET B 103 15.59 -24.65 0.71
CA MET B 103 15.71 -23.66 -0.33
C MET B 103 16.37 -22.41 0.22
N VAL B 104 17.41 -21.93 -0.47
CA VAL B 104 18.14 -20.75 -0.04
C VAL B 104 17.95 -19.65 -1.07
N ILE B 105 17.40 -18.51 -0.66
CA ILE B 105 17.11 -17.38 -1.51
C ILE B 105 17.81 -16.08 -1.06
N VAL B 106 18.28 -15.28 -2.01
CA VAL B 106 18.78 -13.92 -1.81
C VAL B 106 18.00 -13.04 -2.80
N LYS B 107 17.03 -12.28 -2.30
CA LYS B 107 16.20 -11.43 -3.15
C LYS B 107 16.58 -9.94 -3.04
N ASP B 108 16.12 -9.13 -3.98
CA ASP B 108 16.32 -7.69 -4.02
C ASP B 108 17.78 -7.30 -4.11
N ILE B 109 18.56 -8.05 -4.87
CA ILE B 109 19.95 -7.72 -5.10
C ILE B 109 20.00 -6.58 -6.12
N ASP B 110 20.50 -5.41 -5.72
CA ASP B 110 20.57 -4.27 -6.63
C ASP B 110 21.50 -4.54 -7.79
N MET B 111 20.99 -4.34 -8.98
CA MET B 111 21.75 -4.58 -10.18
C MET B 111 21.87 -3.31 -11.00
N PHE B 112 23.08 -3.05 -11.54
CA PHE B 112 23.38 -1.92 -12.40
C PHE B 112 24.23 -2.43 -13.56
N SER B 113 23.61 -2.61 -14.72
CA SER B 113 24.34 -3.05 -15.90
C SER B 113 24.33 -1.96 -17.01
N MET B 114 25.04 -2.22 -18.14
CA MET B 114 25.11 -1.30 -19.24
C MET B 114 24.61 -1.98 -20.51
N CYS B 115 23.59 -1.41 -21.20
CA CYS B 115 23.07 -2.06 -22.40
C CYS B 115 24.09 -2.07 -23.48
N GLU B 116 24.41 -3.23 -24.02
CA GLU B 116 25.42 -3.34 -25.05
C GLU B 116 24.97 -2.78 -26.38
N HIS B 117 23.67 -2.50 -26.58
CA HIS B 117 23.20 -1.96 -27.85
C HIS B 117 23.44 -0.47 -28.00
N HIS B 118 23.13 0.31 -26.94
CA HIS B 118 23.24 1.77 -26.99
C HIS B 118 24.18 2.36 -25.98
N LEU B 119 24.83 1.55 -25.15
CA LEU B 119 25.72 2.01 -24.08
C LEU B 119 24.99 2.88 -23.06
N VAL B 120 23.73 2.59 -22.80
CA VAL B 120 22.93 3.31 -21.81
C VAL B 120 22.72 2.37 -20.62
N PRO B 121 22.94 2.84 -19.40
CA PRO B 121 22.79 1.94 -18.25
C PRO B 121 21.36 1.45 -18.05
N PHE B 122 21.24 0.20 -17.61
CA PHE B 122 19.96 -0.37 -17.22
C PHE B 122 20.06 -0.87 -15.77
N VAL B 123 19.06 -0.54 -14.96
CA VAL B 123 19.09 -0.82 -13.56
C VAL B 123 17.92 -1.68 -13.14
N GLY B 124 18.18 -2.64 -12.25
CA GLY B 124 17.12 -3.48 -11.75
C GLY B 124 17.46 -4.21 -10.48
N LYS B 125 16.81 -5.35 -10.27
CA LYS B 125 16.97 -6.22 -9.12
C LYS B 125 17.10 -7.69 -9.54
N VAL B 126 17.92 -8.46 -8.81
CA VAL B 126 18.13 -9.86 -9.09
C VAL B 126 17.65 -10.69 -7.92
N HIS B 127 16.93 -11.77 -8.22
CA HIS B 127 16.44 -12.69 -7.17
C HIS B 127 17.06 -14.03 -7.50
N ILE B 128 17.80 -14.58 -6.53
CA ILE B 128 18.49 -15.86 -6.71
C ILE B 128 17.99 -16.87 -5.69
N GLY B 129 17.83 -18.10 -6.14
CA GLY B 129 17.42 -19.20 -5.27
C GLY B 129 18.08 -20.49 -5.70
N TYR B 130 18.31 -21.37 -4.76
CA TYR B 130 18.91 -22.67 -5.05
C TYR B 130 18.61 -23.70 -3.97
N LEU B 131 18.64 -24.96 -4.35
CA LEU B 131 18.48 -26.09 -3.46
C LEU B 131 19.82 -26.77 -3.48
N PRO B 132 20.62 -26.72 -2.39
CA PRO B 132 21.97 -27.31 -2.45
C PRO B 132 22.00 -28.81 -2.54
N ASN B 133 23.06 -29.35 -3.10
CA ASN B 133 23.25 -30.79 -3.15
C ASN B 133 24.25 -31.09 -2.01
N LYS B 134 25.51 -30.63 -2.14
CA LYS B 134 26.53 -30.87 -1.15
C LYS B 134 27.29 -29.61 -0.74
N GLN B 135 27.24 -28.54 -1.54
CA GLN B 135 27.97 -27.32 -1.22
C GLN B 135 27.04 -26.16 -1.10
N VAL B 136 27.32 -25.30 -0.14
CA VAL B 136 26.52 -24.10 0.05
C VAL B 136 27.42 -22.88 -0.23
N LEU B 137 26.86 -21.81 -0.83
CA LEU B 137 27.65 -20.63 -1.15
C LEU B 137 27.39 -19.56 -0.12
N GLY B 138 28.45 -18.85 0.29
CA GLY B 138 28.35 -17.72 1.21
C GLY B 138 27.48 -16.64 0.59
N LEU B 139 26.49 -16.14 1.35
CA LEU B 139 25.50 -15.17 0.87
C LEU B 139 26.11 -13.87 0.34
N SER B 140 27.32 -13.53 0.80
CA SER B 140 28.04 -12.38 0.26
C SER B 140 28.52 -12.66 -1.17
N LYS B 141 28.95 -13.90 -1.43
CA LYS B 141 29.44 -14.35 -2.71
C LYS B 141 28.37 -14.39 -3.81
N LEU B 142 27.07 -14.58 -3.48
CA LEU B 142 26.02 -14.53 -4.50
C LEU B 142 25.96 -13.12 -5.10
N ALA B 143 26.16 -12.07 -4.29
CA ALA B 143 26.16 -10.67 -4.74
C ALA B 143 27.39 -10.33 -5.58
N ARG B 144 28.51 -11.00 -5.29
CA ARG B 144 29.72 -10.79 -6.06
C ARG B 144 29.58 -11.37 -7.48
N ILE B 145 28.76 -12.45 -7.62
CA ILE B 145 28.45 -13.11 -8.91
C ILE B 145 27.68 -12.14 -9.78
N VAL B 146 26.68 -11.46 -9.17
CA VAL B 146 25.84 -10.47 -9.85
C VAL B 146 26.71 -9.35 -10.40
N GLU B 147 27.62 -8.84 -9.57
CA GLU B 147 28.52 -7.75 -9.87
C GLU B 147 29.48 -8.05 -11.04
N ILE B 148 30.06 -9.25 -11.10
CA ILE B 148 31.00 -9.63 -12.15
C ILE B 148 30.33 -9.68 -13.53
N TYR B 149 29.09 -10.17 -13.63
CA TYR B 149 28.40 -10.23 -14.93
C TYR B 149 27.65 -8.94 -15.25
N SER B 150 27.13 -8.22 -14.23
CA SER B 150 26.40 -6.98 -14.49
C SER B 150 27.33 -5.82 -14.90
N ARG B 151 28.57 -5.80 -14.40
CA ARG B 151 29.55 -4.78 -14.81
C ARG B 151 30.26 -5.16 -16.12
N ARG B 152 29.49 -5.33 -17.16
CA ARG B 152 29.92 -5.68 -18.49
C ARG B 152 28.90 -5.05 -19.46
N LEU B 153 29.12 -5.17 -20.77
CA LEU B 153 28.17 -4.67 -21.76
C LEU B 153 27.27 -5.85 -21.92
N GLN B 154 26.05 -5.71 -21.40
CA GLN B 154 25.14 -6.81 -21.38
C GLN B 154 23.84 -6.68 -22.20
N VAL B 155 23.18 -7.81 -22.27
CA VAL B 155 21.86 -8.06 -22.76
C VAL B 155 21.25 -8.81 -21.56
N GLN B 156 20.12 -8.32 -21.01
CA GLN B 156 19.50 -8.90 -19.79
C GLN B 156 19.38 -10.40 -19.81
N GLU B 157 19.00 -10.98 -20.96
CA GLU B 157 18.86 -12.43 -21.15
C GLU B 157 20.18 -13.14 -20.90
N ARG B 158 21.28 -12.61 -21.44
CA ARG B 158 22.59 -13.21 -21.25
C ARG B 158 23.03 -13.09 -19.78
N LEU B 159 22.79 -11.93 -19.17
CA LEU B 159 23.15 -11.64 -17.79
C LEU B 159 22.46 -12.62 -16.87
N THR B 160 21.14 -12.88 -17.06
CA THR B 160 20.43 -13.86 -16.22
C THR B 160 21.08 -15.25 -16.30
N LYS B 161 21.38 -15.70 -17.55
CA LYS B 161 21.96 -17.01 -17.86
C LYS B 161 23.35 -17.17 -17.25
N GLN B 162 24.20 -16.13 -17.37
CA GLN B 162 25.55 -16.22 -16.80
C GLN B 162 25.54 -16.44 -15.29
N ILE B 163 24.71 -15.69 -14.54
CA ILE B 163 24.55 -15.85 -13.08
C ILE B 163 24.13 -17.26 -12.71
N ALA B 164 23.07 -17.79 -13.37
CA ALA B 164 22.57 -19.13 -13.13
C ALA B 164 23.65 -20.20 -13.39
N VAL B 165 24.41 -20.04 -14.49
CA VAL B 165 25.49 -20.98 -14.83
C VAL B 165 26.64 -20.91 -13.84
N ALA B 166 26.96 -19.68 -13.37
CA ALA B 166 28.01 -19.48 -12.38
C ALA B 166 27.67 -20.21 -11.09
N ILE B 167 26.42 -20.09 -10.59
CA ILE B 167 25.98 -20.80 -9.39
C ILE B 167 26.02 -22.29 -9.61
N THR B 168 25.46 -22.78 -10.74
CA THR B 168 25.40 -24.19 -11.06
C THR B 168 26.78 -24.81 -11.09
N GLU B 169 27.73 -24.14 -11.74
CA GLU B 169 29.10 -24.66 -11.83
C GLU B 169 29.85 -24.62 -10.50
N ALA B 170 29.58 -23.58 -9.68
CA ALA B 170 30.21 -23.46 -8.38
C ALA B 170 29.72 -24.51 -7.37
N LEU B 171 28.41 -24.61 -7.17
CA LEU B 171 27.85 -25.49 -6.14
C LEU B 171 27.42 -26.87 -6.61
N ARG B 172 27.09 -27.01 -7.90
CA ARG B 172 26.47 -28.23 -8.44
C ARG B 172 25.20 -28.56 -7.63
N PRO B 173 24.22 -27.62 -7.62
CA PRO B 173 23.03 -27.81 -6.81
C PRO B 173 21.94 -28.64 -7.47
N ALA B 174 20.90 -28.98 -6.71
CA ALA B 174 19.75 -29.72 -7.22
C ALA B 174 18.93 -28.85 -8.19
N GLY B 175 18.88 -27.55 -7.92
CA GLY B 175 18.15 -26.62 -8.75
C GLY B 175 18.60 -25.20 -8.51
N VAL B 176 18.37 -24.32 -9.49
CA VAL B 176 18.71 -22.90 -9.44
C VAL B 176 17.58 -22.07 -10.08
N GLY B 177 17.32 -20.92 -9.52
CA GLY B 177 16.33 -19.98 -10.01
C GLY B 177 16.89 -18.58 -10.00
N VAL B 178 16.89 -17.92 -11.16
CA VAL B 178 17.40 -16.56 -11.27
C VAL B 178 16.35 -15.67 -11.97
N VAL B 179 15.73 -14.72 -11.23
CA VAL B 179 14.75 -13.80 -11.84
C VAL B 179 15.25 -12.37 -11.86
N VAL B 180 15.73 -11.88 -12.98
CA VAL B 180 16.18 -10.48 -13.11
C VAL B 180 15.00 -9.54 -13.58
N GLU B 181 14.68 -8.47 -12.84
CA GLU B 181 13.66 -7.52 -13.25
C GLU B 181 14.34 -6.15 -13.36
N ALA B 182 14.38 -5.55 -14.56
CA ALA B 182 15.05 -4.27 -14.76
C ALA B 182 14.18 -3.29 -15.56
N THR B 183 14.60 -2.01 -15.64
CA THR B 183 14.00 -0.93 -16.43
C THR B 183 15.12 -0.38 -17.32
N HIS B 184 15.00 -0.56 -18.63
CA HIS B 184 16.05 -0.14 -19.55
C HIS B 184 16.06 1.37 -19.87
N SER B 197 7.30 0.41 -18.16
CA SER B 197 7.57 -0.88 -18.82
C SER B 197 8.82 -1.62 -18.27
N LYS B 198 8.60 -2.79 -17.64
CA LYS B 198 9.71 -3.54 -17.07
C LYS B 198 10.01 -4.82 -17.83
N THR B 199 11.27 -5.23 -17.80
CA THR B 199 11.72 -6.45 -18.44
C THR B 199 12.09 -7.47 -17.38
N VAL B 200 11.45 -8.63 -17.42
CA VAL B 200 11.71 -9.69 -16.47
C VAL B 200 12.25 -10.88 -17.25
N THR B 201 13.43 -11.37 -16.86
CA THR B 201 14.03 -12.56 -17.48
C THR B 201 14.16 -13.60 -16.39
N SER B 202 13.82 -14.86 -16.68
CA SER B 202 13.81 -15.88 -15.66
C SER B 202 14.47 -17.17 -16.09
N THR B 203 15.47 -17.65 -15.32
CA THR B 203 16.14 -18.94 -15.58
C THR B 203 15.76 -19.93 -14.48
N MET B 204 15.21 -21.08 -14.83
CA MET B 204 14.84 -22.12 -13.88
C MET B 204 15.59 -23.38 -14.28
N LEU B 205 16.55 -23.81 -13.45
CA LEU B 205 17.34 -24.99 -13.75
C LEU B 205 17.11 -26.09 -12.72
N GLY B 206 17.33 -27.32 -13.13
CA GLY B 206 17.18 -28.46 -12.25
C GLY B 206 15.81 -28.64 -11.68
N VAL B 207 15.75 -28.94 -10.40
CA VAL B 207 14.50 -29.14 -9.66
C VAL B 207 13.60 -27.89 -9.75
N PHE B 208 14.18 -26.68 -9.95
CA PHE B 208 13.38 -25.46 -10.10
C PHE B 208 12.59 -25.52 -11.42
N ARG B 209 13.13 -26.14 -12.47
CA ARG B 209 12.43 -26.30 -13.72
C ARG B 209 11.47 -27.50 -13.67
N GLU B 210 11.96 -28.65 -13.16
CA GLU B 210 11.20 -29.89 -13.17
C GLU B 210 10.13 -30.03 -12.09
N ASP B 211 10.34 -29.50 -10.88
CA ASP B 211 9.37 -29.64 -9.79
C ASP B 211 8.44 -28.43 -9.74
N PRO B 212 7.14 -28.66 -9.97
CA PRO B 212 6.20 -27.54 -9.90
C PRO B 212 6.09 -26.94 -8.49
N LYS B 213 6.23 -27.78 -7.45
CA LYS B 213 6.19 -27.34 -6.06
C LYS B 213 7.38 -26.41 -5.77
N THR B 214 8.57 -26.80 -6.23
CA THR B 214 9.79 -26.01 -6.07
C THR B 214 9.70 -24.65 -6.75
N ARG B 215 9.23 -24.62 -8.01
CA ARG B 215 9.14 -23.35 -8.72
C ARG B 215 8.10 -22.39 -8.10
N GLU B 216 6.93 -22.92 -7.67
CA GLU B 216 5.88 -22.11 -7.07
C GLU B 216 6.42 -21.46 -5.76
N GLU B 217 7.15 -22.28 -4.96
CA GLU B 217 7.78 -21.86 -3.71
C GLU B 217 8.82 -20.75 -3.92
N PHE B 218 9.75 -20.93 -4.88
CA PHE B 218 10.75 -19.89 -5.13
C PHE B 218 10.07 -18.58 -5.57
N LEU B 219 9.12 -18.66 -6.52
CA LEU B 219 8.44 -17.49 -7.03
C LEU B 219 7.61 -16.79 -5.95
N THR B 220 7.06 -17.55 -4.98
CA THR B 220 6.26 -16.92 -3.91
C THR B 220 7.15 -16.30 -2.87
N LEU B 221 8.24 -16.98 -2.50
CA LEU B 221 9.17 -16.46 -1.50
C LEU B 221 9.94 -15.23 -1.97
N ILE B 222 10.12 -15.01 -3.29
CA ILE B 222 10.81 -13.79 -3.77
C ILE B 222 9.88 -12.55 -3.81
N ARG B 223 8.62 -12.71 -3.37
CA ARG B 223 7.65 -11.63 -3.28
C ARG B 223 7.53 -11.21 -1.81
N PRO C 32 4.39 1.36 47.15
CA PRO C 32 4.73 0.62 45.91
C PRO C 32 4.78 -0.88 46.15
N ARG C 33 4.30 -1.66 45.18
CA ARG C 33 4.23 -3.12 45.27
C ARG C 33 5.59 -3.82 45.21
N SER C 34 5.73 -4.92 45.96
CA SER C 34 6.97 -5.70 46.01
C SER C 34 6.75 -7.19 45.64
N GLU C 35 7.84 -7.95 45.44
CA GLU C 35 7.79 -9.38 45.11
C GLU C 35 7.19 -10.22 46.25
N GLU C 36 7.37 -9.77 47.51
CA GLU C 36 6.79 -10.45 48.66
C GLU C 36 5.26 -10.31 48.65
N ASP C 37 4.76 -9.11 48.28
CA ASP C 37 3.34 -8.80 48.18
C ASP C 37 2.68 -9.65 47.07
N ASN C 38 3.40 -9.88 45.99
CA ASN C 38 2.90 -10.66 44.87
C ASN C 38 2.78 -12.12 45.24
N GLU C 39 3.81 -12.67 45.88
CA GLU C 39 3.82 -14.07 46.29
C GLU C 39 2.73 -14.37 47.33
N LEU C 40 2.45 -13.39 48.21
CA LEU C 40 1.43 -13.52 49.25
C LEU C 40 0.01 -13.38 48.69
N ASN C 41 -0.16 -12.52 47.68
CA ASN C 41 -1.48 -12.29 47.08
C ASN C 41 -1.84 -13.23 45.95
N LEU C 42 -0.87 -13.97 45.42
CA LEU C 42 -1.11 -14.90 44.34
C LEU C 42 -2.20 -15.95 44.65
N PRO C 43 -2.21 -16.63 45.83
CA PRO C 43 -3.31 -17.59 46.09
C PRO C 43 -4.67 -16.92 46.23
N ASN C 44 -4.72 -15.66 46.70
CA ASN C 44 -5.98 -14.91 46.82
C ASN C 44 -6.56 -14.53 45.46
N LEU C 45 -5.67 -14.31 44.46
CA LEU C 45 -6.08 -13.98 43.10
C LEU C 45 -6.58 -15.25 42.43
N ALA C 46 -5.82 -16.36 42.57
CA ALA C 46 -6.20 -17.65 42.01
C ALA C 46 -7.52 -18.13 42.59
N ALA C 47 -7.78 -17.87 43.89
CA ALA C 47 -9.04 -18.25 44.51
C ALA C 47 -10.21 -17.51 43.85
N ALA C 48 -10.04 -16.21 43.59
CA ALA C 48 -11.07 -15.41 42.95
C ALA C 48 -11.27 -15.84 41.48
N TYR C 49 -10.20 -16.25 40.78
CA TYR C 49 -10.29 -16.73 39.41
C TYR C 49 -10.99 -18.10 39.33
N SER C 50 -10.83 -18.93 40.36
CA SER C 50 -11.51 -20.23 40.42
C SER C 50 -13.01 -20.00 40.61
N SER C 51 -13.37 -19.01 41.44
CA SER C 51 -14.75 -18.63 41.68
C SER C 51 -15.38 -18.14 40.39
N ILE C 52 -14.62 -17.42 39.54
CA ILE C 52 -15.10 -16.88 38.28
C ILE C 52 -15.43 -18.01 37.34
N LEU C 53 -14.54 -19.02 37.23
CA LEU C 53 -14.75 -20.19 36.39
C LEU C 53 -16.04 -20.93 36.77
N SER C 54 -16.25 -21.14 38.06
CA SER C 54 -17.45 -21.79 38.58
C SER C 54 -18.70 -20.94 38.31
N SER C 55 -18.61 -19.62 38.50
CA SER C 55 -19.72 -18.71 38.28
C SER C 55 -20.14 -18.61 36.80
N LEU C 56 -19.27 -19.02 35.87
CA LEU C 56 -19.56 -18.96 34.45
C LEU C 56 -20.28 -20.19 33.88
N GLY C 57 -20.59 -21.16 34.73
CA GLY C 57 -21.21 -22.39 34.26
C GLY C 57 -20.17 -23.22 33.54
N GLU C 58 -19.03 -23.37 34.19
CA GLU C 58 -17.89 -24.08 33.63
C GLU C 58 -17.26 -24.97 34.71
N ASN C 59 -16.69 -26.11 34.30
CA ASN C 59 -16.06 -27.08 35.20
C ASN C 59 -14.61 -26.71 35.46
N PRO C 60 -14.26 -26.21 36.66
CA PRO C 60 -12.86 -25.84 36.93
C PRO C 60 -11.90 -27.02 37.05
N GLN C 61 -12.43 -28.26 37.15
CA GLN C 61 -11.60 -29.45 37.21
C GLN C 61 -11.33 -30.06 35.81
N ARG C 62 -11.72 -29.37 34.71
CA ARG C 62 -11.47 -29.79 33.33
C ARG C 62 -9.95 -29.88 33.10
N GLN C 63 -9.52 -30.67 32.12
CA GLN C 63 -8.08 -30.77 31.81
C GLN C 63 -7.43 -29.38 31.55
N GLY C 64 -7.98 -28.62 30.61
CA GLY C 64 -7.44 -27.31 30.28
C GLY C 64 -7.73 -26.20 31.28
N LEU C 65 -8.58 -26.45 32.29
CA LEU C 65 -8.94 -25.42 33.27
C LEU C 65 -8.41 -25.66 34.67
N LEU C 66 -7.60 -26.71 34.89
CA LEU C 66 -7.09 -27.03 36.21
C LEU C 66 -6.09 -25.99 36.71
N LYS C 67 -5.14 -25.60 35.85
CA LYS C 67 -4.14 -24.60 36.19
C LYS C 67 -4.55 -23.16 35.86
N THR C 68 -5.71 -22.95 35.18
CA THR C 68 -6.21 -21.64 34.77
C THR C 68 -6.33 -20.62 35.92
N PRO C 69 -6.84 -20.92 37.16
CA PRO C 69 -6.87 -19.89 38.20
C PRO C 69 -5.49 -19.30 38.55
N TRP C 70 -4.44 -20.13 38.54
CA TRP C 70 -3.07 -19.71 38.83
C TRP C 70 -2.47 -18.92 37.69
N ARG C 71 -2.72 -19.38 36.45
CA ARG C 71 -2.21 -18.76 35.21
C ARG C 71 -2.85 -17.38 35.01
N ALA C 72 -4.15 -17.26 35.30
CA ALA C 72 -4.89 -16.02 35.18
C ALA C 72 -4.38 -15.05 36.23
N ALA C 73 -4.14 -15.53 37.47
CA ALA C 73 -3.62 -14.70 38.56
C ALA C 73 -2.22 -14.19 38.19
N SER C 74 -1.35 -15.06 37.63
CA SER C 74 0.01 -14.66 37.22
C SER C 74 -0.02 -13.66 36.08
N ALA C 75 -0.98 -13.82 35.14
CA ALA C 75 -1.14 -12.90 34.02
C ALA C 75 -1.59 -11.54 34.51
N MET C 76 -2.60 -11.49 35.42
CA MET C 76 -3.10 -10.24 35.99
C MET C 76 -2.01 -9.50 36.77
N GLN C 77 -1.11 -10.25 37.43
CA GLN C 77 0.03 -9.68 38.14
C GLN C 77 1.03 -9.02 37.15
N PHE C 78 1.24 -9.63 35.98
CA PHE C 78 2.13 -9.10 34.96
C PHE C 78 1.52 -7.85 34.31
N PHE C 79 0.19 -7.84 34.10
CA PHE C 79 -0.48 -6.67 33.52
C PHE C 79 -0.50 -5.47 34.45
N THR C 80 -0.26 -5.67 35.74
CA THR C 80 -0.23 -4.61 36.73
C THR C 80 1.16 -4.49 37.40
N LYS C 81 2.23 -4.94 36.74
CA LYS C 81 3.58 -4.89 37.30
C LYS C 81 4.14 -3.47 37.45
N GLY C 82 3.54 -2.49 36.77
CA GLY C 82 3.93 -1.10 36.84
C GLY C 82 3.71 -0.48 38.20
N TYR C 83 2.84 -1.12 39.03
CA TYR C 83 2.55 -0.77 40.43
C TYR C 83 3.77 -1.06 41.33
N GLN C 84 4.62 -2.02 40.92
CA GLN C 84 5.83 -2.39 41.65
C GLN C 84 6.97 -1.42 41.47
N GLU C 85 6.95 -0.61 40.38
CA GLU C 85 8.00 0.34 40.05
C GLU C 85 7.64 1.80 40.37
N THR C 86 8.68 2.63 40.53
CA THR C 86 8.57 4.07 40.75
C THR C 86 9.33 4.76 39.60
N ILE C 87 8.90 5.97 39.21
CA ILE C 87 9.59 6.70 38.13
C ILE C 87 11.06 7.00 38.47
N SER C 88 11.38 7.12 39.76
CA SER C 88 12.71 7.39 40.29
C SER C 88 13.73 6.33 39.82
N ASP C 89 13.35 5.05 39.86
CA ASP C 89 14.24 3.97 39.44
C ASP C 89 13.90 3.50 38.03
N ASP C 101 19.95 20.40 20.72
CA ASP C 101 19.16 21.40 20.02
C ASP C 101 18.44 20.80 18.78
N GLU C 102 17.60 19.79 19.02
CA GLU C 102 16.91 19.08 17.96
C GLU C 102 15.73 18.32 18.49
N MET C 103 14.74 18.07 17.64
CA MET C 103 13.58 17.31 18.06
C MET C 103 13.93 15.82 18.18
N VAL C 104 13.58 15.21 19.30
CA VAL C 104 13.85 13.80 19.51
C VAL C 104 12.53 13.02 19.59
N ILE C 105 12.32 12.07 18.67
CA ILE C 105 11.10 11.28 18.59
C ILE C 105 11.35 9.75 18.72
N VAL C 106 10.47 9.06 19.43
CA VAL C 106 10.47 7.60 19.51
C VAL C 106 9.01 7.22 19.17
N LYS C 107 8.78 6.73 17.96
CA LYS C 107 7.45 6.36 17.52
C LYS C 107 7.24 4.83 17.53
N ASP C 108 5.96 4.42 17.42
CA ASP C 108 5.56 3.03 17.36
C ASP C 108 5.98 2.22 18.58
N ILE C 109 5.89 2.82 19.75
CA ILE C 109 6.21 2.13 20.98
C ILE C 109 5.02 1.23 21.31
N ASP C 110 5.22 -0.09 21.31
CA ASP C 110 4.12 -1.00 21.60
C ASP C 110 3.63 -0.83 23.02
N MET C 111 2.33 -0.60 23.16
CA MET C 111 1.73 -0.37 24.45
C MET C 111 0.73 -1.47 24.76
N PHE C 112 0.74 -2.00 25.99
CA PHE C 112 -0.22 -3.02 26.42
C PHE C 112 -0.72 -2.55 27.76
N SER C 113 -2.01 -2.26 27.87
CA SER C 113 -2.57 -1.77 29.13
C SER C 113 -3.87 -2.52 29.52
N MET C 114 -4.46 -2.16 30.66
CA MET C 114 -5.66 -2.81 31.14
C MET C 114 -6.74 -1.81 31.43
N CYS C 115 -7.89 -1.92 30.74
CA CYS C 115 -9.03 -1.02 30.94
C CYS C 115 -9.49 -1.12 32.39
N GLU C 116 -9.36 -0.03 33.16
CA GLU C 116 -9.77 -0.05 34.55
C GLU C 116 -11.27 -0.20 34.73
N HIS C 117 -12.09 -0.05 33.67
CA HIS C 117 -13.53 -0.18 33.78
C HIS C 117 -14.01 -1.62 33.84
N HIS C 118 -13.51 -2.48 32.95
CA HIS C 118 -13.94 -3.88 32.82
C HIS C 118 -12.81 -4.89 33.02
N LEU C 119 -11.59 -4.44 33.28
CA LEU C 119 -10.41 -5.29 33.42
C LEU C 119 -10.10 -6.06 32.12
N VAL C 120 -10.32 -5.42 30.98
CA VAL C 120 -10.07 -6.03 29.68
C VAL C 120 -8.89 -5.32 29.07
N PRO C 121 -7.90 -6.05 28.56
CA PRO C 121 -6.73 -5.38 27.97
C PRO C 121 -7.04 -4.49 26.78
N PHE C 122 -6.29 -3.40 26.66
CA PHE C 122 -6.34 -2.54 25.48
C PHE C 122 -4.93 -2.37 25.00
N VAL C 123 -4.74 -2.51 23.69
CA VAL C 123 -3.41 -2.50 23.11
C VAL C 123 -3.31 -1.43 22.05
N GLY C 124 -2.17 -0.75 22.04
CA GLY C 124 -1.93 0.30 21.07
C GLY C 124 -0.48 0.65 20.88
N LYS C 125 -0.25 1.88 20.45
CA LYS C 125 1.06 2.42 20.15
C LYS C 125 1.21 3.82 20.73
N VAL C 126 2.40 4.15 21.21
CA VAL C 126 2.72 5.45 21.77
C VAL C 126 3.79 6.13 20.92
N HIS C 127 3.60 7.42 20.66
CA HIS C 127 4.54 8.21 19.91
C HIS C 127 4.95 9.34 20.84
N ILE C 128 6.25 9.43 21.14
CA ILE C 128 6.76 10.44 22.04
C ILE C 128 7.75 11.34 21.30
N GLY C 129 7.73 12.61 21.65
CA GLY C 129 8.63 13.58 21.09
C GLY C 129 8.95 14.64 22.11
N TYR C 130 10.13 15.22 22.02
CA TYR C 130 10.52 16.31 22.90
C TYR C 130 11.64 17.15 22.34
N LEU C 131 11.71 18.41 22.77
CA LEU C 131 12.78 19.31 22.41
C LEU C 131 13.51 19.57 23.69
N PRO C 132 14.76 19.06 23.83
CA PRO C 132 15.46 19.21 25.12
C PRO C 132 15.88 20.63 25.42
N ASN C 133 16.02 20.95 26.71
CA ASN C 133 16.52 22.25 27.12
C ASN C 133 18.01 22.02 27.42
N LYS C 134 18.31 21.27 28.49
CA LYS C 134 19.69 20.96 28.87
C LYS C 134 19.91 19.48 29.17
N GLN C 135 18.82 18.73 29.43
CA GLN C 135 18.87 17.32 29.77
C GLN C 135 18.23 16.47 28.69
N VAL C 136 18.90 15.40 28.29
CA VAL C 136 18.39 14.45 27.31
C VAL C 136 18.15 13.11 28.02
N LEU C 137 17.09 12.39 27.64
CA LEU C 137 16.78 11.10 28.25
C LEU C 137 17.22 10.01 27.33
N GLY C 138 17.78 8.94 27.89
CA GLY C 138 18.18 7.76 27.12
C GLY C 138 16.95 7.14 26.47
N LEU C 139 17.01 6.89 25.17
CA LEU C 139 15.89 6.38 24.36
C LEU C 139 15.28 5.07 24.90
N SER C 140 16.08 4.29 25.62
CA SER C 140 15.59 3.05 26.25
C SER C 140 14.67 3.43 27.43
N LYS C 141 15.02 4.48 28.18
CA LYS C 141 14.26 4.99 29.32
C LYS C 141 12.92 5.59 28.95
N LEU C 142 12.75 6.11 27.74
CA LEU C 142 11.44 6.62 27.30
C LEU C 142 10.42 5.48 27.28
N ALA C 143 10.85 4.29 26.80
CA ALA C 143 10.02 3.10 26.75
C ALA C 143 9.73 2.56 28.14
N ARG C 144 10.66 2.71 29.09
CA ARG C 144 10.45 2.26 30.46
C ARG C 144 9.36 3.11 31.16
N ILE C 145 9.20 4.40 30.78
CA ILE C 145 8.15 5.28 31.29
C ILE C 145 6.80 4.78 30.78
N VAL C 146 6.75 4.37 29.51
CA VAL C 146 5.54 3.83 28.90
C VAL C 146 5.09 2.57 29.66
N GLU C 147 6.04 1.70 29.96
CA GLU C 147 5.84 0.43 30.63
C GLU C 147 5.35 0.61 32.07
N ILE C 148 5.90 1.57 32.82
CA ILE C 148 5.48 1.80 34.20
C ILE C 148 4.03 2.23 34.28
N TYR C 149 3.61 3.16 33.42
CA TYR C 149 2.24 3.64 33.45
C TYR C 149 1.26 2.73 32.72
N SER C 150 1.66 2.05 31.64
CA SER C 150 0.75 1.18 30.90
C SER C 150 0.44 -0.10 31.62
N ARG C 151 1.40 -0.62 32.43
CA ARG C 151 1.16 -1.84 33.24
C ARG C 151 0.45 -1.52 34.55
N ARG C 152 -0.78 -1.05 34.41
CA ARG C 152 -1.64 -0.63 35.49
C ARG C 152 -3.07 -0.56 34.96
N LEU C 153 -4.04 -0.43 35.87
CA LEU C 153 -5.44 -0.29 35.49
C LEU C 153 -5.56 1.14 35.02
N GLN C 154 -5.71 1.29 33.73
CA GLN C 154 -5.69 2.60 33.13
C GLN C 154 -6.98 3.06 32.44
N VAL C 155 -6.97 4.34 32.06
CA VAL C 155 -7.89 5.07 31.24
C VAL C 155 -6.92 5.75 30.26
N GLN C 156 -7.14 5.58 28.94
CA GLN C 156 -6.19 6.09 27.94
C GLN C 156 -5.75 7.53 28.15
N GLU C 157 -6.68 8.41 28.52
CA GLU C 157 -6.40 9.81 28.75
C GLU C 157 -5.40 9.98 29.87
N ARG C 158 -5.61 9.27 30.98
CA ARG C 158 -4.71 9.33 32.13
C ARG C 158 -3.29 8.85 31.77
N LEU C 159 -3.17 7.70 31.11
CA LEU C 159 -1.91 7.12 30.67
C LEU C 159 -1.06 8.15 29.87
N THR C 160 -1.69 8.85 28.90
CA THR C 160 -1.06 9.86 28.03
C THR C 160 -0.54 11.06 28.86
N LYS C 161 -1.35 11.49 29.82
CA LYS C 161 -1.01 12.60 30.67
C LYS C 161 0.18 12.23 31.54
N GLN C 162 0.17 11.01 32.11
CA GLN C 162 1.22 10.52 32.97
C GLN C 162 2.56 10.42 32.27
N ILE C 163 2.61 9.88 31.03
CA ILE C 163 3.86 9.76 30.27
C ILE C 163 4.44 11.14 30.02
N ALA C 164 3.58 12.10 29.59
CA ALA C 164 4.01 13.46 29.29
C ALA C 164 4.55 14.19 30.52
N VAL C 165 3.86 14.05 31.67
CA VAL C 165 4.28 14.69 32.91
C VAL C 165 5.59 14.09 33.42
N ALA C 166 5.75 12.76 33.27
CA ALA C 166 6.98 12.08 33.70
C ALA C 166 8.17 12.62 32.90
N ILE C 167 8.03 12.79 31.59
CA ILE C 167 9.11 13.34 30.77
C ILE C 167 9.41 14.79 31.17
N THR C 168 8.36 15.60 31.29
CA THR C 168 8.49 17.02 31.64
C THR C 168 9.22 17.19 32.97
N GLU C 169 8.83 16.40 33.97
CA GLU C 169 9.44 16.49 35.29
C GLU C 169 10.89 15.99 35.29
N ALA C 170 11.18 14.95 34.51
CA ALA C 170 12.52 14.40 34.43
C ALA C 170 13.51 15.31 33.71
N LEU C 171 13.17 15.76 32.50
CA LEU C 171 14.09 16.54 31.67
C LEU C 171 13.96 18.04 31.74
N ARG C 172 12.76 18.54 32.10
CA ARG C 172 12.42 19.96 32.04
C ARG C 172 12.74 20.52 30.62
N PRO C 173 12.05 19.93 29.61
CA PRO C 173 12.35 20.29 28.22
C PRO C 173 11.63 21.53 27.74
N ALA C 174 11.95 21.99 26.53
CA ALA C 174 11.26 23.14 25.93
C ALA C 174 9.80 22.77 25.58
N GLY C 175 9.58 21.52 25.17
CA GLY C 175 8.27 21.01 24.81
C GLY C 175 8.23 19.49 24.80
N VAL C 176 7.03 18.90 24.91
CA VAL C 176 6.79 17.46 24.91
C VAL C 176 5.51 17.17 24.09
N GLY C 177 5.50 16.02 23.44
CA GLY C 177 4.38 15.55 22.65
C GLY C 177 4.19 14.08 22.89
N VAL C 178 2.97 13.69 23.32
CA VAL C 178 2.64 12.28 23.57
C VAL C 178 1.34 11.88 22.86
N VAL C 179 1.44 10.96 21.90
CA VAL C 179 0.27 10.49 21.19
C VAL C 179 0.06 9.00 21.46
N VAL C 180 -1.11 8.64 21.95
CA VAL C 180 -1.46 7.27 22.20
C VAL C 180 -2.62 6.90 21.28
N GLU C 181 -2.44 5.87 20.45
CA GLU C 181 -3.51 5.39 19.59
C GLU C 181 -3.74 3.94 19.95
N ALA C 182 -4.94 3.63 20.43
CA ALA C 182 -5.23 2.30 20.91
C ALA C 182 -6.58 1.76 20.41
N THR C 183 -6.73 0.43 20.46
CA THR C 183 -7.94 -0.28 20.12
C THR C 183 -8.41 -0.98 21.40
N HIS C 184 -9.55 -0.55 21.96
CA HIS C 184 -10.07 -1.12 23.21
C HIS C 184 -10.89 -2.40 22.94
N ASN C 196 -13.62 -2.13 15.79
CA ASN C 196 -13.27 -1.51 14.50
C ASN C 196 -12.86 0.03 14.59
N SER C 197 -13.11 0.62 15.75
CA SER C 197 -12.94 2.03 16.09
C SER C 197 -11.68 2.27 16.91
N LYS C 198 -10.88 3.31 16.58
CA LYS C 198 -9.67 3.61 17.34
C LYS C 198 -9.79 4.88 18.21
N THR C 199 -9.08 4.90 19.34
CA THR C 199 -9.11 6.03 20.24
C THR C 199 -7.74 6.65 20.23
N VAL C 200 -7.67 7.94 19.90
CA VAL C 200 -6.40 8.65 19.88
C VAL C 200 -6.41 9.76 20.94
N THR C 201 -5.43 9.77 21.84
CA THR C 201 -5.29 10.81 22.84
C THR C 201 -3.96 11.52 22.60
N SER C 202 -3.94 12.85 22.70
CA SER C 202 -2.74 13.62 22.39
C SER C 202 -2.47 14.73 23.39
N THR C 203 -1.27 14.72 24.03
CA THR C 203 -0.83 15.76 24.96
C THR C 203 0.32 16.54 24.34
N MET C 204 0.17 17.87 24.22
CA MET C 204 1.16 18.75 23.62
C MET C 204 1.51 19.80 24.66
N LEU C 205 2.75 19.77 25.17
CA LEU C 205 3.19 20.71 26.21
C LEU C 205 4.30 21.60 25.72
N GLY C 206 4.41 22.78 26.32
CA GLY C 206 5.44 23.74 25.97
C GLY C 206 5.43 24.20 24.52
N VAL C 207 6.61 24.22 23.92
CA VAL C 207 6.82 24.60 22.54
C VAL C 207 6.01 23.71 21.56
N PHE C 208 5.69 22.44 21.96
CA PHE C 208 4.84 21.57 21.13
C PHE C 208 3.41 22.11 21.06
N ARG C 209 2.93 22.75 22.15
CA ARG C 209 1.60 23.35 22.15
C ARG C 209 1.63 24.73 21.48
N GLU C 210 2.59 25.55 21.87
CA GLU C 210 2.66 26.93 21.41
C GLU C 210 3.22 27.18 20.00
N ASP C 211 4.19 26.38 19.54
CA ASP C 211 4.79 26.60 18.22
C ASP C 211 4.11 25.76 17.17
N PRO C 212 3.46 26.41 16.18
CA PRO C 212 2.80 25.66 15.12
C PRO C 212 3.78 24.83 14.29
N LYS C 213 5.01 25.36 14.05
CA LYS C 213 6.07 24.67 13.31
C LYS C 213 6.46 23.39 14.06
N THR C 214 6.66 23.48 15.38
CA THR C 214 7.03 22.34 16.21
C THR C 214 5.96 21.26 16.21
N ARG C 215 4.68 21.63 16.40
CA ARG C 215 3.61 20.63 16.43
C ARG C 215 3.41 19.93 15.06
N GLU C 216 3.47 20.71 13.97
CA GLU C 216 3.32 20.16 12.61
C GLU C 216 4.44 19.15 12.33
N GLU C 217 5.66 19.50 12.72
CA GLU C 217 6.83 18.66 12.58
C GLU C 217 6.72 17.36 13.35
N PHE C 218 6.30 17.42 14.63
CA PHE C 218 6.10 16.22 15.43
C PHE C 218 5.08 15.31 14.79
N LEU C 219 3.90 15.86 14.49
CA LEU C 219 2.80 15.10 13.88
C LEU C 219 3.14 14.50 12.54
N THR C 220 3.98 15.18 11.75
CA THR C 220 4.37 14.62 10.44
C THR C 220 5.42 13.55 10.58
N LEU C 221 6.42 13.77 11.44
CA LEU C 221 7.50 12.81 11.62
C LEU C 221 7.05 11.52 12.25
N ILE C 222 5.95 11.53 13.05
CA ILE C 222 5.44 10.29 13.66
C ILE C 222 4.61 9.41 12.69
N ARG C 223 4.48 9.84 11.43
CA ARG C 223 3.77 9.10 10.41
C ARG C 223 4.82 8.48 9.48
N SER D 34 24.27 -22.21 31.96
CA SER D 34 23.33 -21.92 33.04
C SER D 34 23.38 -20.43 33.50
N GLU D 35 22.41 -20.00 34.33
CA GLU D 35 22.32 -18.63 34.84
C GLU D 35 23.50 -18.28 35.76
N GLU D 36 24.08 -19.28 36.45
CA GLU D 36 25.25 -19.07 37.31
C GLU D 36 26.47 -18.77 36.44
N ASP D 37 26.61 -19.48 35.33
CA ASP D 37 27.70 -19.30 34.37
C ASP D 37 27.63 -17.92 33.72
N ASN D 38 26.42 -17.41 33.48
CA ASN D 38 26.26 -16.09 32.87
C ASN D 38 26.66 -14.97 33.84
N GLU D 39 26.21 -15.07 35.08
CA GLU D 39 26.52 -14.09 36.09
C GLU D 39 28.04 -14.06 36.38
N LEU D 40 28.71 -15.23 36.32
CA LEU D 40 30.14 -15.34 36.56
C LEU D 40 30.98 -14.89 35.36
N ASN D 41 30.46 -15.04 34.12
CA ASN D 41 31.17 -14.62 32.91
C ASN D 41 30.94 -13.18 32.50
N LEU D 42 29.96 -12.52 33.10
CA LEU D 42 29.64 -11.14 32.81
C LEU D 42 30.82 -10.16 33.05
N PRO D 43 31.57 -10.21 34.18
CA PRO D 43 32.74 -9.32 34.32
C PRO D 43 33.88 -9.61 33.33
N ASN D 44 34.02 -10.86 32.89
CA ASN D 44 35.03 -11.23 31.89
C ASN D 44 34.67 -10.70 30.50
N LEU D 45 33.36 -10.56 30.21
CA LEU D 45 32.88 -10.01 28.96
C LEU D 45 33.07 -8.49 29.00
N ALA D 46 32.70 -7.84 30.11
CA ALA D 46 32.85 -6.39 30.26
C ALA D 46 34.32 -5.99 30.18
N ALA D 47 35.24 -6.83 30.70
CA ALA D 47 36.67 -6.56 30.63
C ALA D 47 37.12 -6.53 29.16
N ALA D 48 36.64 -7.52 28.35
CA ALA D 48 36.96 -7.62 26.93
C ALA D 48 36.36 -6.47 26.15
N TYR D 49 35.16 -6.00 26.53
CA TYR D 49 34.52 -4.86 25.87
C TYR D 49 35.22 -3.54 26.16
N SER D 50 35.79 -3.41 27.36
CA SER D 50 36.57 -2.22 27.70
C SER D 50 37.86 -2.20 26.86
N SER D 51 38.47 -3.38 26.68
CA SER D 51 39.66 -3.52 25.85
C SER D 51 39.37 -3.17 24.40
N ILE D 52 38.18 -3.49 23.91
CA ILE D 52 37.75 -3.19 22.54
C ILE D 52 37.63 -1.69 22.36
N LEU D 53 37.01 -0.99 23.33
CA LEU D 53 36.87 0.46 23.28
C LEU D 53 38.24 1.16 23.19
N SER D 54 39.21 0.70 24.00
CA SER D 54 40.57 1.23 23.99
C SER D 54 41.26 0.92 22.67
N SER D 55 41.10 -0.31 22.15
CA SER D 55 41.71 -0.73 20.89
C SER D 55 41.14 0.00 19.67
N LEU D 56 39.97 0.66 19.79
CA LEU D 56 39.38 1.40 18.68
C LEU D 56 39.84 2.85 18.58
N GLY D 57 40.75 3.28 19.47
CA GLY D 57 41.20 4.66 19.49
C GLY D 57 40.07 5.53 20.01
N GLU D 58 39.52 5.11 21.15
CA GLU D 58 38.39 5.76 21.78
C GLU D 58 38.64 5.84 23.29
N ASN D 59 38.13 6.93 23.92
CA ASN D 59 38.29 7.21 25.35
C ASN D 59 37.27 6.42 26.18
N PRO D 60 37.70 5.33 26.82
CA PRO D 60 36.74 4.52 27.60
C PRO D 60 36.17 5.20 28.83
N GLN D 61 36.68 6.41 29.14
CA GLN D 61 36.31 7.26 30.28
C GLN D 61 35.38 8.40 29.92
N ARG D 62 34.86 8.41 28.71
CA ARG D 62 33.91 9.39 28.21
C ARG D 62 32.59 9.24 28.98
N GLN D 63 31.80 10.32 29.02
CA GLN D 63 30.48 10.26 29.67
C GLN D 63 29.59 9.09 29.10
N GLY D 64 29.39 9.07 27.78
CA GLY D 64 28.60 8.03 27.12
C GLY D 64 29.24 6.66 27.01
N LEU D 65 30.52 6.52 27.39
CA LEU D 65 31.23 5.24 27.30
C LEU D 65 31.60 4.61 28.64
N LEU D 66 31.21 5.22 29.75
CA LEU D 66 31.55 4.69 31.06
C LEU D 66 30.83 3.39 31.37
N LYS D 67 29.54 3.31 31.10
CA LYS D 67 28.75 2.10 31.33
C LYS D 67 28.74 1.11 30.14
N THR D 68 29.27 1.52 28.97
CA THR D 68 29.31 0.74 27.75
C THR D 68 29.91 -0.67 27.91
N PRO D 69 31.05 -0.96 28.62
CA PRO D 69 31.54 -2.36 28.69
C PRO D 69 30.54 -3.31 29.33
N TRP D 70 29.79 -2.84 30.32
CA TRP D 70 28.82 -3.69 31.00
C TRP D 70 27.52 -3.83 30.21
N ARG D 71 27.11 -2.76 29.49
CA ARG D 71 25.91 -2.75 28.66
C ARG D 71 26.12 -3.65 27.45
N ALA D 72 27.31 -3.59 26.82
CA ALA D 72 27.69 -4.42 25.69
C ALA D 72 27.76 -5.87 26.17
N ALA D 73 28.32 -6.12 27.38
CA ALA D 73 28.37 -7.46 27.94
C ALA D 73 26.94 -8.04 28.09
N SER D 74 26.02 -7.31 28.78
CA SER D 74 24.61 -7.67 28.96
C SER D 74 23.93 -7.93 27.62
N ALA D 75 24.23 -7.11 26.60
CA ALA D 75 23.62 -7.26 25.27
C ALA D 75 24.07 -8.56 24.62
N MET D 76 25.40 -8.83 24.60
CA MET D 76 25.96 -10.04 24.01
C MET D 76 25.44 -11.28 24.73
N GLN D 77 25.23 -11.18 26.06
CA GLN D 77 24.70 -12.29 26.85
C GLN D 77 23.28 -12.58 26.42
N PHE D 78 22.49 -11.56 26.27
CA PHE D 78 21.11 -11.68 25.88
C PHE D 78 20.98 -12.26 24.47
N PHE D 79 21.87 -11.85 23.58
CA PHE D 79 21.93 -12.33 22.20
C PHE D 79 22.25 -13.81 22.12
N THR D 80 22.97 -14.37 23.10
CA THR D 80 23.36 -15.79 23.16
C THR D 80 22.70 -16.54 24.34
N LYS D 81 21.53 -16.04 24.76
CA LYS D 81 20.70 -16.53 25.85
C LYS D 81 20.16 -17.98 25.62
N GLY D 82 20.07 -18.40 24.36
CA GLY D 82 19.57 -19.71 24.00
C GLY D 82 20.47 -20.86 24.37
N TYR D 83 21.74 -20.58 24.66
CA TYR D 83 22.69 -21.62 25.04
C TYR D 83 22.37 -22.27 26.39
N GLN D 84 21.84 -21.50 27.34
CA GLN D 84 21.49 -22.05 28.67
C GLN D 84 20.20 -22.91 28.64
N GLU D 85 19.37 -22.75 27.62
CA GLU D 85 18.13 -23.52 27.50
C GLU D 85 18.28 -24.85 26.74
N THR D 86 17.37 -25.79 27.09
CA THR D 86 17.23 -27.15 26.59
C THR D 86 15.99 -27.30 25.69
N ILE D 87 15.89 -28.38 24.91
CA ILE D 87 14.72 -28.60 24.06
C ILE D 87 13.51 -29.14 24.87
N SER D 88 13.38 -28.72 26.15
CA SER D 88 12.30 -29.15 27.05
C SER D 88 11.83 -28.00 27.95
N ASP D 101 -6.75 -32.36 13.60
CA ASP D 101 -6.64 -32.64 12.16
C ASP D 101 -6.73 -31.33 11.35
N GLU D 102 -5.77 -30.42 11.56
CA GLU D 102 -5.76 -29.12 10.89
C GLU D 102 -4.37 -28.52 10.81
N MET D 103 -4.12 -27.68 9.78
CA MET D 103 -2.82 -27.03 9.65
C MET D 103 -2.64 -25.96 10.70
N VAL D 104 -1.48 -25.96 11.36
CA VAL D 104 -1.18 -25.03 12.44
C VAL D 104 0.00 -24.15 12.11
N ILE D 105 -0.26 -22.86 12.00
CA ILE D 105 0.73 -21.88 11.63
C ILE D 105 0.90 -20.78 12.69
N VAL D 106 2.16 -20.36 12.91
CA VAL D 106 2.52 -19.20 13.71
C VAL D 106 3.47 -18.40 12.80
N LYS D 107 2.96 -17.29 12.27
CA LYS D 107 3.70 -16.44 11.37
C LYS D 107 4.17 -15.15 12.02
N ASP D 108 5.13 -14.48 11.37
CA ASP D 108 5.69 -13.20 11.77
C ASP D 108 6.32 -13.25 13.13
N ILE D 109 7.00 -14.34 13.45
CA ILE D 109 7.68 -14.47 14.73
C ILE D 109 8.94 -13.62 14.64
N ASP D 110 9.05 -12.57 15.45
CA ASP D 110 10.25 -11.73 15.44
C ASP D 110 11.47 -12.52 15.90
N MET D 111 12.48 -12.52 15.04
CA MET D 111 13.69 -13.25 15.31
C MET D 111 14.87 -12.29 15.44
N PHE D 112 15.72 -12.52 16.44
CA PHE D 112 16.93 -11.73 16.64
C PHE D 112 18.02 -12.74 16.85
N SER D 113 19.02 -12.74 15.99
CA SER D 113 20.12 -13.70 16.09
C SER D 113 21.51 -13.04 15.93
N MET D 114 22.58 -13.82 16.03
CA MET D 114 23.94 -13.32 15.88
C MET D 114 24.66 -14.04 14.78
N CYS D 115 25.33 -13.30 13.91
CA CYS D 115 26.12 -13.88 12.85
C CYS D 115 27.36 -14.47 13.49
N GLU D 116 27.55 -15.78 13.39
CA GLU D 116 28.71 -16.44 13.96
C GLU D 116 30.02 -16.11 13.24
N HIS D 117 29.98 -15.49 12.05
CA HIS D 117 31.20 -15.16 11.32
C HIS D 117 31.86 -13.89 11.87
N HIS D 118 31.09 -12.83 12.12
CA HIS D 118 31.62 -11.52 12.56
C HIS D 118 31.07 -11.03 13.88
N LEU D 119 30.20 -11.81 14.54
CA LEU D 119 29.57 -11.43 15.79
C LEU D 119 28.69 -10.19 15.64
N VAL D 120 28.02 -10.05 14.51
CA VAL D 120 27.14 -8.92 14.23
C VAL D 120 25.71 -9.44 14.21
N PRO D 121 24.78 -8.77 14.88
CA PRO D 121 23.39 -9.26 14.90
C PRO D 121 22.71 -9.27 13.56
N PHE D 122 21.82 -10.23 13.33
CA PHE D 122 20.96 -10.27 12.14
C PHE D 122 19.53 -10.44 12.63
N VAL D 123 18.60 -9.71 12.04
CA VAL D 123 17.22 -9.70 12.50
C VAL D 123 16.27 -10.05 11.39
N GLY D 124 15.26 -10.85 11.71
CA GLY D 124 14.24 -11.21 10.73
C GLY D 124 12.95 -11.72 11.33
N LYS D 125 12.24 -12.52 10.54
CA LYS D 125 10.96 -13.11 10.90
C LYS D 125 10.94 -14.60 10.57
N VAL D 126 10.27 -15.40 11.43
CA VAL D 126 10.14 -16.85 11.24
C VAL D 126 8.66 -17.22 11.04
N HIS D 127 8.37 -18.09 10.07
CA HIS D 127 7.01 -18.58 9.87
C HIS D 127 7.06 -20.08 10.01
N ILE D 128 6.27 -20.61 10.93
CA ILE D 128 6.25 -22.03 11.20
C ILE D 128 4.90 -22.60 10.92
N GLY D 129 4.87 -23.80 10.40
CA GLY D 129 3.65 -24.50 10.12
C GLY D 129 3.83 -25.99 10.31
N TYR D 130 2.80 -26.65 10.81
CA TYR D 130 2.84 -28.09 11.02
C TYR D 130 1.44 -28.69 10.90
N LEU D 131 1.43 -29.96 10.53
CA LEU D 131 0.26 -30.79 10.33
C LEU D 131 0.51 -31.97 11.25
N PRO D 132 -0.22 -32.04 12.39
CA PRO D 132 0.07 -33.08 13.39
C PRO D 132 -0.38 -34.49 13.07
N ASN D 133 0.34 -35.47 13.60
CA ASN D 133 -0.01 -36.87 13.39
C ASN D 133 -0.93 -37.24 14.53
N LYS D 134 -0.41 -37.29 15.75
CA LYS D 134 -1.24 -37.56 16.93
C LYS D 134 -0.86 -36.62 18.09
N GLN D 135 0.24 -35.85 17.96
CA GLN D 135 0.74 -34.95 18.97
C GLN D 135 0.70 -33.49 18.50
N VAL D 136 0.14 -32.60 19.36
CA VAL D 136 0.04 -31.17 19.07
C VAL D 136 0.89 -30.37 20.08
N LEU D 137 1.57 -29.32 19.63
CA LEU D 137 2.40 -28.51 20.52
C LEU D 137 1.68 -27.21 20.79
N GLY D 138 1.80 -26.74 22.04
CA GLY D 138 1.25 -25.47 22.47
C GLY D 138 1.91 -24.34 21.68
N LEU D 139 1.11 -23.48 21.08
CA LEU D 139 1.52 -22.34 20.25
C LEU D 139 2.54 -21.41 20.95
N SER D 140 2.53 -21.34 22.28
CA SER D 140 3.52 -20.57 23.02
C SER D 140 4.91 -21.22 22.88
N LYS D 141 4.94 -22.57 22.93
CA LYS D 141 6.13 -23.40 22.84
C LYS D 141 6.78 -23.37 21.46
N LEU D 142 6.00 -23.11 20.39
CA LEU D 142 6.58 -23.02 19.04
C LEU D 142 7.57 -21.86 18.99
N ALA D 143 7.18 -20.72 19.59
CA ALA D 143 7.99 -19.52 19.67
C ALA D 143 9.22 -19.69 20.56
N ARG D 144 9.09 -20.51 21.60
CA ARG D 144 10.19 -20.77 22.50
C ARG D 144 11.30 -21.56 21.78
N ILE D 145 10.94 -22.41 20.79
CA ILE D 145 11.90 -23.17 20.00
C ILE D 145 12.75 -22.23 19.17
N VAL D 146 12.09 -21.25 18.55
CA VAL D 146 12.72 -20.23 17.72
C VAL D 146 13.73 -19.47 18.57
N GLU D 147 13.32 -19.05 19.75
CA GLU D 147 14.14 -18.32 20.69
C GLU D 147 15.37 -19.12 21.12
N ILE D 148 15.20 -20.44 21.28
CA ILE D 148 16.28 -21.33 21.69
C ILE D 148 17.41 -21.29 20.70
N TYR D 149 17.09 -21.45 19.43
CA TYR D 149 18.10 -21.53 18.40
C TYR D 149 18.56 -20.21 17.89
N SER D 150 17.67 -19.19 17.88
CA SER D 150 17.98 -17.85 17.39
C SER D 150 19.03 -17.25 18.24
N ARG D 151 18.85 -17.34 19.56
CA ARG D 151 19.75 -16.73 20.51
C ARG D 151 21.04 -17.52 20.69
N ARG D 152 21.82 -17.64 19.64
CA ARG D 152 23.10 -18.33 19.62
C ARG D 152 23.96 -17.71 18.50
N LEU D 153 25.20 -18.19 18.32
CA LEU D 153 26.02 -17.77 17.20
C LEU D 153 25.55 -18.67 16.09
N GLN D 154 24.74 -18.08 15.19
CA GLN D 154 24.05 -18.77 14.11
C GLN D 154 24.50 -18.44 12.69
N VAL D 155 24.04 -19.28 11.77
CA VAL D 155 24.06 -19.20 10.31
C VAL D 155 22.58 -19.48 9.95
N GLN D 156 21.93 -18.58 9.20
CA GLN D 156 20.50 -18.69 8.87
C GLN D 156 20.06 -20.07 8.40
N GLU D 157 20.85 -20.70 7.55
CA GLU D 157 20.56 -22.04 7.01
C GLU D 157 20.48 -23.06 8.15
N ARG D 158 21.47 -23.03 9.07
CA ARG D 158 21.51 -23.95 10.19
C ARG D 158 20.36 -23.71 11.13
N LEU D 159 20.07 -22.43 11.42
CA LEU D 159 19.01 -22.05 12.32
C LEU D 159 17.65 -22.55 11.82
N THR D 160 17.37 -22.51 10.49
CA THR D 160 16.10 -22.99 9.93
C THR D 160 15.99 -24.50 10.12
N LYS D 161 17.09 -25.22 9.82
CA LYS D 161 17.18 -26.67 9.96
C LYS D 161 16.92 -27.05 11.44
N GLN D 162 17.53 -26.33 12.39
CA GLN D 162 17.35 -26.62 13.80
C GLN D 162 15.93 -26.44 14.29
N ILE D 163 15.23 -25.38 13.89
CA ILE D 163 13.84 -25.18 14.29
C ILE D 163 12.96 -26.30 13.74
N ALA D 164 13.17 -26.68 12.48
CA ALA D 164 12.37 -27.71 11.83
C ALA D 164 12.59 -29.09 12.48
N VAL D 165 13.86 -29.41 12.79
CA VAL D 165 14.20 -30.68 13.41
C VAL D 165 13.65 -30.75 14.83
N ALA D 166 13.67 -29.63 15.57
CA ALA D 166 13.14 -29.60 16.93
C ALA D 166 11.64 -29.92 16.92
N ILE D 167 10.87 -29.32 15.99
CA ILE D 167 9.45 -29.61 15.88
C ILE D 167 9.20 -31.05 15.50
N THR D 168 9.92 -31.54 14.47
CA THR D 168 9.80 -32.90 13.98
C THR D 168 10.06 -33.92 15.07
N GLU D 169 11.14 -33.73 15.83
CA GLU D 169 11.50 -34.65 16.89
C GLU D 169 10.52 -34.62 18.06
N ALA D 170 10.02 -33.41 18.40
CA ALA D 170 9.06 -33.26 19.49
C ALA D 170 7.67 -33.87 19.17
N LEU D 171 7.07 -33.50 18.04
CA LEU D 171 5.72 -33.94 17.71
C LEU D 171 5.60 -35.17 16.83
N ARG D 172 6.62 -35.45 16.01
CA ARG D 172 6.57 -36.50 14.98
C ARG D 172 5.35 -36.27 14.07
N PRO D 173 5.33 -35.08 13.40
CA PRO D 173 4.14 -34.70 12.62
C PRO D 173 4.12 -35.25 11.22
N ALA D 174 2.99 -35.07 10.53
CA ALA D 174 2.84 -35.48 9.14
C ALA D 174 3.70 -34.59 8.26
N GLY D 175 3.84 -33.30 8.61
CA GLY D 175 4.66 -32.36 7.87
C GLY D 175 5.00 -31.14 8.68
N VAL D 176 6.09 -30.46 8.28
CA VAL D 176 6.62 -29.25 8.92
C VAL D 176 7.08 -28.26 7.82
N GLY D 177 6.93 -26.98 8.10
CA GLY D 177 7.35 -25.93 7.21
C GLY D 177 7.95 -24.82 8.02
N VAL D 178 9.18 -24.42 7.72
CA VAL D 178 9.87 -23.34 8.43
C VAL D 178 10.45 -22.34 7.44
N VAL D 179 9.99 -21.08 7.51
CA VAL D 179 10.51 -20.02 6.63
C VAL D 179 11.17 -18.94 7.47
N VAL D 180 12.45 -18.66 7.21
CA VAL D 180 13.15 -17.60 7.90
C VAL D 180 13.53 -16.54 6.88
N GLU D 181 13.10 -15.30 7.08
CA GLU D 181 13.47 -14.20 6.20
C GLU D 181 14.19 -13.18 7.04
N ALA D 182 15.46 -12.93 6.76
CA ALA D 182 16.26 -12.02 7.58
C ALA D 182 17.07 -11.01 6.77
N THR D 183 17.52 -9.92 7.41
CA THR D 183 18.37 -8.90 6.81
C THR D 183 19.66 -8.90 7.62
N HIS D 184 20.76 -9.31 7.00
CA HIS D 184 22.05 -9.40 7.71
C HIS D 184 22.78 -8.05 7.65
N ASN D 196 19.39 -3.62 2.02
CA ASN D 196 18.36 -3.58 0.95
C ASN D 196 17.97 -4.99 0.38
N SER D 197 18.83 -5.99 0.61
CA SER D 197 18.71 -7.35 0.12
C SER D 197 18.33 -8.29 1.25
N LYS D 198 17.33 -9.15 1.05
CA LYS D 198 16.92 -10.09 2.10
C LYS D 198 17.32 -11.56 1.81
N THR D 199 17.53 -12.34 2.85
CA THR D 199 17.87 -13.75 2.72
C THR D 199 16.71 -14.57 3.22
N VAL D 200 16.16 -15.43 2.37
CA VAL D 200 15.05 -16.29 2.76
C VAL D 200 15.49 -17.75 2.73
N THR D 201 15.36 -18.48 3.85
CA THR D 201 15.68 -19.91 3.90
C THR D 201 14.38 -20.66 4.22
N SER D 202 14.11 -21.75 3.50
CA SER D 202 12.87 -22.49 3.66
C SER D 202 13.05 -24.00 3.78
N THR D 203 12.54 -24.61 4.87
CA THR D 203 12.57 -26.05 5.09
C THR D 203 11.16 -26.62 4.99
N MET D 204 10.95 -27.60 4.12
CA MET D 204 9.65 -28.24 3.94
C MET D 204 9.84 -29.73 4.19
N LEU D 205 9.25 -30.26 5.27
CA LEU D 205 9.38 -31.67 5.61
C LEU D 205 8.05 -32.38 5.55
N GLY D 206 8.10 -33.69 5.31
CA GLY D 206 6.92 -34.53 5.24
C GLY D 206 5.90 -34.10 4.21
N VAL D 207 4.64 -34.07 4.60
CA VAL D 207 3.53 -33.70 3.76
C VAL D 207 3.69 -32.29 3.17
N PHE D 208 4.43 -31.40 3.88
CA PHE D 208 4.72 -30.07 3.36
C PHE D 208 5.64 -30.14 2.13
N ARG D 209 6.55 -31.12 2.09
CA ARG D 209 7.42 -31.30 0.93
C ARG D 209 6.69 -32.07 -0.15
N GLU D 210 6.03 -33.17 0.22
CA GLU D 210 5.41 -34.10 -0.73
C GLU D 210 4.08 -33.64 -1.34
N ASP D 211 3.21 -33.01 -0.55
CA ASP D 211 1.89 -32.59 -1.02
C ASP D 211 1.92 -31.18 -1.58
N PRO D 212 1.62 -31.04 -2.88
CA PRO D 212 1.57 -29.70 -3.48
C PRO D 212 0.47 -28.82 -2.86
N LYS D 213 -0.67 -29.44 -2.46
CA LYS D 213 -1.78 -28.72 -1.85
C LYS D 213 -1.36 -28.15 -0.52
N THR D 214 -0.67 -28.98 0.28
CA THR D 214 -0.17 -28.60 1.60
C THR D 214 0.85 -27.47 1.53
N ARG D 215 1.84 -27.57 0.62
CA ARG D 215 2.85 -26.52 0.52
C ARG D 215 2.28 -25.19 0.03
N GLU D 216 1.35 -25.22 -0.96
CA GLU D 216 0.72 -24.03 -1.49
C GLU D 216 -0.07 -23.32 -0.38
N GLU D 217 -0.78 -24.10 0.43
CA GLU D 217 -1.56 -23.61 1.56
C GLU D 217 -0.70 -22.94 2.61
N PHE D 218 0.41 -23.59 3.00
CA PHE D 218 1.30 -23.02 4.00
C PHE D 218 1.86 -21.68 3.50
N LEU D 219 2.43 -21.69 2.27
CA LEU D 219 3.01 -20.50 1.68
C LEU D 219 2.00 -19.36 1.50
N THR D 220 0.74 -19.68 1.21
CA THR D 220 -0.26 -18.66 1.02
C THR D 220 -0.71 -18.09 2.36
N LEU D 221 -0.91 -18.96 3.36
CA LEU D 221 -1.38 -18.52 4.66
C LEU D 221 -0.34 -17.72 5.45
N ILE D 222 0.97 -17.91 5.20
CA ILE D 222 1.98 -17.12 5.89
C ILE D 222 2.11 -15.69 5.32
N ARG D 223 1.31 -15.33 4.29
CA ARG D 223 1.31 -14.01 3.68
C ARG D 223 0.10 -13.25 4.17
N ASP E 37 23.03 20.52 -39.50
CA ASP E 37 24.05 20.29 -38.48
C ASP E 37 24.05 18.84 -37.96
N ASN E 38 22.90 18.35 -37.41
CA ASN E 38 22.73 16.99 -36.85
C ASN E 38 23.04 15.84 -37.80
N GLU E 39 23.09 16.13 -39.11
CA GLU E 39 23.44 15.15 -40.12
C GLU E 39 24.94 14.85 -39.97
N LEU E 40 25.79 15.92 -39.95
CA LEU E 40 27.25 15.82 -39.81
C LEU E 40 27.74 15.76 -38.34
N ASN E 41 26.80 15.60 -37.38
CA ASN E 41 27.10 15.49 -35.96
C ASN E 41 27.10 14.03 -35.54
N LEU E 42 26.12 13.27 -36.04
CA LEU E 42 25.93 11.83 -35.78
C LEU E 42 27.10 10.93 -36.24
N PRO E 43 27.74 11.19 -37.40
CA PRO E 43 28.86 10.34 -37.82
C PRO E 43 30.05 10.45 -36.87
N ASN E 44 30.34 11.67 -36.41
CA ASN E 44 31.43 11.93 -35.49
C ASN E 44 31.18 11.28 -34.14
N LEU E 45 29.91 11.13 -33.75
CA LEU E 45 29.53 10.51 -32.50
C LEU E 45 29.70 9.00 -32.64
N ALA E 46 29.21 8.41 -33.74
CA ALA E 46 29.33 6.97 -33.97
C ALA E 46 30.81 6.56 -34.03
N ALA E 47 31.67 7.42 -34.62
CA ALA E 47 33.10 7.14 -34.69
C ALA E 47 33.71 7.07 -33.28
N ALA E 48 33.32 8.02 -32.39
CA ALA E 48 33.79 8.07 -31.01
C ALA E 48 33.26 6.91 -30.22
N TYR E 49 32.03 6.44 -30.49
CA TYR E 49 31.45 5.29 -29.80
C TYR E 49 32.11 3.98 -30.20
N SER E 50 32.55 3.88 -31.45
CA SER E 50 33.27 2.71 -31.91
C SER E 50 34.65 2.69 -31.23
N SER E 51 35.29 3.84 -31.08
CA SER E 51 36.57 3.95 -30.41
C SER E 51 36.44 3.54 -28.94
N ILE E 52 35.31 3.87 -28.29
CA ILE E 52 35.04 3.52 -26.90
C ILE E 52 34.92 2.02 -26.75
N LEU E 53 34.17 1.36 -27.64
CA LEU E 53 34.01 -0.10 -27.63
C LEU E 53 35.37 -0.80 -27.74
N SER E 54 36.24 -0.34 -28.67
CA SER E 54 37.58 -0.89 -28.86
C SER E 54 38.44 -0.64 -27.62
N SER E 55 38.37 0.58 -27.04
CA SER E 55 39.14 0.95 -25.85
C SER E 55 38.73 0.19 -24.61
N LEU E 56 37.45 -0.24 -24.56
CA LEU E 56 36.98 -1.04 -23.43
C LEU E 56 37.57 -2.45 -23.43
N GLY E 57 37.95 -2.94 -24.60
CA GLY E 57 38.45 -4.29 -24.79
C GLY E 57 37.49 -5.17 -25.59
N GLU E 58 36.38 -4.58 -26.09
CA GLU E 58 35.38 -5.28 -26.88
C GLU E 58 35.73 -5.30 -28.36
N ASN E 59 35.19 -6.28 -29.07
CA ASN E 59 35.32 -6.40 -30.52
C ASN E 59 34.12 -5.67 -31.12
N PRO E 60 34.30 -4.53 -31.78
CA PRO E 60 33.17 -3.81 -32.35
C PRO E 60 32.51 -4.49 -33.55
N GLN E 61 33.15 -5.52 -34.13
CA GLN E 61 32.57 -6.28 -35.24
C GLN E 61 31.75 -7.51 -34.76
N ARG E 62 31.52 -7.66 -33.45
CA ARG E 62 30.71 -8.72 -32.85
C ARG E 62 29.27 -8.60 -33.38
N GLN E 63 28.49 -9.70 -33.37
CA GLN E 63 27.10 -9.65 -33.82
C GLN E 63 26.27 -8.53 -33.12
N GLY E 64 26.21 -8.56 -31.79
CA GLY E 64 25.45 -7.56 -31.03
C GLY E 64 26.08 -6.17 -30.91
N LEU E 65 27.32 -6.02 -31.40
CA LEU E 65 28.01 -4.73 -31.31
C LEU E 65 28.21 -4.04 -32.65
N LEU E 66 27.70 -4.60 -33.75
CA LEU E 66 27.90 -4.00 -35.08
C LEU E 66 27.16 -2.69 -35.25
N LYS E 67 25.90 -2.65 -34.78
CA LYS E 67 25.09 -1.45 -34.88
C LYS E 67 25.24 -0.50 -33.68
N THR E 68 25.92 -0.96 -32.60
CA THR E 68 26.09 -0.22 -31.35
C THR E 68 26.69 1.20 -31.53
N PRO E 69 27.75 1.48 -32.33
CA PRO E 69 28.22 2.88 -32.42
C PRO E 69 27.17 3.87 -32.94
N TRP E 70 26.34 3.43 -33.88
CA TRP E 70 25.26 4.24 -34.43
C TRP E 70 24.10 4.40 -33.45
N ARG E 71 23.71 3.30 -32.76
CA ARG E 71 22.63 3.29 -31.78
C ARG E 71 22.98 4.16 -30.58
N ALA E 72 24.24 4.10 -30.12
CA ALA E 72 24.73 4.88 -28.99
C ALA E 72 24.76 6.36 -29.38
N ALA E 73 25.20 6.67 -30.60
CA ALA E 73 25.22 8.04 -31.10
C ALA E 73 23.82 8.58 -31.22
N SER E 74 22.85 7.78 -31.73
CA SER E 74 21.44 8.18 -31.85
C SER E 74 20.84 8.42 -30.47
N ALA E 75 21.21 7.59 -29.48
CA ALA E 75 20.72 7.74 -28.09
C ALA E 75 21.27 9.03 -27.48
N MET E 76 22.58 9.29 -27.61
CA MET E 76 23.19 10.50 -27.09
C MET E 76 22.61 11.75 -27.74
N GLN E 77 22.25 11.66 -29.04
CA GLN E 77 21.61 12.75 -29.76
C GLN E 77 20.25 13.05 -29.21
N PHE E 78 19.50 12.01 -28.84
CA PHE E 78 18.17 12.13 -28.29
C PHE E 78 18.23 12.73 -26.88
N PHE E 79 19.23 12.35 -26.09
CA PHE E 79 19.39 12.91 -24.74
C PHE E 79 19.83 14.38 -24.76
N THR E 80 20.36 14.88 -25.88
CA THR E 80 20.79 16.27 -26.00
C THR E 80 20.02 17.03 -27.09
N LYS E 81 18.82 16.57 -27.46
CA LYS E 81 18.03 17.21 -28.52
C LYS E 81 17.48 18.61 -28.15
N GLY E 82 17.45 18.93 -26.87
CA GLY E 82 16.97 20.21 -26.37
C GLY E 82 17.83 21.38 -26.77
N TYR E 83 19.09 21.12 -27.18
CA TYR E 83 19.99 22.15 -27.69
C TYR E 83 19.50 22.65 -29.06
N GLN E 84 18.84 21.79 -29.85
CA GLN E 84 18.29 22.10 -31.17
C GLN E 84 17.04 23.00 -31.12
N GLU E 85 16.42 23.15 -29.94
CA GLU E 85 15.21 23.96 -29.80
C GLU E 85 15.42 25.27 -29.06
N THR E 86 14.52 26.25 -29.28
CA THR E 86 14.51 27.54 -28.59
C THR E 86 13.22 27.69 -27.78
N ILE E 87 13.25 28.45 -26.66
CA ILE E 87 12.04 28.63 -25.86
C ILE E 87 10.93 29.37 -26.63
N SER E 88 11.32 30.22 -27.59
CA SER E 88 10.41 30.97 -28.45
C SER E 88 9.38 30.05 -29.15
N ASP E 89 9.66 28.73 -29.22
CA ASP E 89 8.80 27.71 -29.79
C ASP E 89 7.91 27.09 -28.70
N HIS E 100 -7.93 33.49 -15.64
CA HIS E 100 -8.79 32.38 -15.23
C HIS E 100 -9.06 32.44 -13.72
N ASP E 101 -8.01 32.75 -12.94
CA ASP E 101 -8.02 32.90 -11.49
C ASP E 101 -8.04 31.56 -10.75
N GLU E 102 -7.03 30.69 -11.03
CA GLU E 102 -6.95 29.38 -10.40
C GLU E 102 -5.57 28.78 -10.51
N MET E 103 -5.19 27.89 -9.56
CA MET E 103 -3.89 27.25 -9.63
C MET E 103 -3.89 26.17 -10.71
N VAL E 104 -2.89 26.19 -11.61
CA VAL E 104 -2.79 25.21 -12.69
C VAL E 104 -1.52 24.36 -12.50
N ILE E 105 -1.70 23.04 -12.36
CA ILE E 105 -0.63 22.07 -12.14
C ILE E 105 -0.56 20.96 -13.22
N VAL E 106 0.67 20.57 -13.59
CA VAL E 106 0.96 19.41 -14.42
C VAL E 106 2.01 18.58 -13.64
N LYS E 107 1.56 17.47 -13.04
CA LYS E 107 2.43 16.62 -12.23
C LYS E 107 2.86 15.33 -12.95
N ASP E 108 3.88 14.66 -12.40
CA ASP E 108 4.38 13.40 -12.90
C ASP E 108 4.86 13.47 -14.33
N ILE E 109 5.45 14.59 -14.72
CA ILE E 109 6.01 14.71 -16.04
C ILE E 109 7.29 13.89 -16.04
N ASP E 110 7.41 12.88 -16.89
CA ASP E 110 8.64 12.09 -16.98
C ASP E 110 9.77 12.89 -17.58
N MET E 111 10.88 12.87 -16.92
CA MET E 111 12.02 13.65 -17.31
C MET E 111 13.21 12.73 -17.39
N PHE E 112 13.95 12.90 -18.46
CA PHE E 112 15.16 12.14 -18.78
C PHE E 112 16.20 13.20 -19.10
N SER E 113 17.34 13.17 -18.41
CA SER E 113 18.40 14.14 -18.64
C SER E 113 19.80 13.51 -18.62
N MET E 114 20.82 14.28 -18.95
CA MET E 114 22.20 13.83 -18.94
C MET E 114 22.98 14.47 -17.78
N CYS E 115 23.74 13.69 -16.98
CA CYS E 115 24.64 14.28 -15.99
C CYS E 115 25.77 14.93 -16.79
N GLU E 116 25.99 16.23 -16.57
CA GLU E 116 27.06 16.91 -17.28
C GLU E 116 28.47 16.57 -16.73
N HIS E 117 28.57 15.97 -15.54
CA HIS E 117 29.85 15.63 -14.96
C HIS E 117 30.45 14.35 -15.55
N HIS E 118 29.67 13.29 -15.70
CA HIS E 118 30.16 11.99 -16.17
C HIS E 118 29.46 11.45 -17.40
N LEU E 119 28.51 12.21 -17.97
CA LEU E 119 27.73 11.79 -19.12
C LEU E 119 26.92 10.54 -18.82
N VAL E 120 26.39 10.45 -17.61
CA VAL E 120 25.56 9.34 -17.19
C VAL E 120 24.14 9.86 -17.09
N PRO E 121 23.17 9.18 -17.72
CA PRO E 121 21.78 9.64 -17.64
C PRO E 121 21.21 9.66 -16.23
N PHE E 122 20.35 10.62 -15.95
CA PHE E 122 19.60 10.67 -14.71
C PHE E 122 18.13 10.84 -15.08
N VAL E 123 17.26 10.12 -14.39
CA VAL E 123 15.85 10.09 -14.75
C VAL E 123 14.98 10.41 -13.56
N GLY E 124 13.86 11.07 -13.80
CA GLY E 124 12.89 11.32 -12.76
C GLY E 124 11.57 11.94 -13.19
N LYS E 125 10.99 12.73 -12.28
CA LYS E 125 9.72 13.40 -12.51
C LYS E 125 9.78 14.88 -12.21
N VAL E 126 8.97 15.66 -12.95
CA VAL E 126 8.82 17.12 -12.75
C VAL E 126 7.37 17.48 -12.41
N HIS E 127 7.17 18.34 -11.44
CA HIS E 127 5.86 18.79 -11.06
C HIS E 127 5.89 20.29 -11.22
N ILE E 128 4.98 20.82 -12.02
CA ILE E 128 4.93 22.25 -12.31
C ILE E 128 3.59 22.80 -11.89
N GLY E 129 3.61 24.02 -11.36
CA GLY E 129 2.41 24.71 -10.94
C GLY E 129 2.55 26.20 -11.15
N TYR E 130 1.45 26.89 -11.43
CA TYR E 130 1.47 28.35 -11.57
C TYR E 130 0.11 28.98 -11.35
N LEU E 131 0.12 30.24 -10.93
CA LEU E 131 -1.09 31.02 -10.74
C LEU E 131 -1.00 32.11 -11.78
N PRO E 132 -1.86 32.08 -12.82
CA PRO E 132 -1.71 33.06 -13.90
C PRO E 132 -2.08 34.47 -13.52
N ASN E 133 -1.50 35.45 -14.23
CA ASN E 133 -1.84 36.84 -14.01
C ASN E 133 -2.83 37.17 -15.13
N LYS E 134 -2.35 37.18 -16.39
CA LYS E 134 -3.20 37.49 -17.55
C LYS E 134 -2.99 36.53 -18.71
N GLN E 135 -1.86 35.77 -18.70
CA GLN E 135 -1.53 34.82 -19.74
C GLN E 135 -1.50 33.40 -19.19
N VAL E 136 -2.17 32.48 -19.91
CA VAL E 136 -2.20 31.06 -19.54
C VAL E 136 -1.45 30.29 -20.63
N LEU E 137 -0.69 29.26 -20.24
CA LEU E 137 0.08 28.47 -21.18
C LEU E 137 -0.66 27.19 -21.47
N GLY E 138 -0.63 26.73 -22.71
CA GLY E 138 -1.21 25.46 -23.10
C GLY E 138 -0.47 24.34 -22.39
N LEU E 139 -1.21 23.44 -21.72
CA LEU E 139 -0.66 22.35 -20.91
C LEU E 139 0.33 21.45 -21.68
N SER E 140 0.18 21.37 -23.00
CA SER E 140 1.11 20.60 -23.83
C SER E 140 2.49 21.31 -23.85
N LYS E 141 2.47 22.66 -23.89
CA LYS E 141 3.64 23.52 -23.94
C LYS E 141 4.45 23.52 -22.65
N LEU E 142 3.82 23.23 -21.49
CA LEU E 142 4.56 23.14 -20.23
C LEU E 142 5.56 21.98 -20.30
N ALA E 143 5.12 20.85 -20.87
CA ALA E 143 5.94 19.67 -21.05
C ALA E 143 7.05 19.92 -22.05
N ARG E 144 6.81 20.74 -23.06
CA ARG E 144 7.82 21.06 -24.05
C ARG E 144 8.97 21.88 -23.44
N ILE E 145 8.68 22.72 -22.41
CA ILE E 145 9.70 23.49 -21.68
C ILE E 145 10.58 22.52 -20.88
N VAL E 146 9.96 21.49 -20.24
CA VAL E 146 10.68 20.48 -19.48
C VAL E 146 11.66 19.76 -20.39
N GLU E 147 11.18 19.36 -21.57
CA GLU E 147 11.90 18.64 -22.60
C GLU E 147 13.05 19.49 -23.16
N ILE E 148 12.83 20.78 -23.37
CA ILE E 148 13.85 21.68 -23.91
C ILE E 148 15.08 21.73 -23.02
N TYR E 149 14.88 21.91 -21.71
CA TYR E 149 15.99 22.02 -20.78
C TYR E 149 16.51 20.69 -20.27
N SER E 150 15.63 19.67 -20.10
CA SER E 150 16.10 18.37 -19.60
C SER E 150 16.96 17.65 -20.62
N ARG E 151 16.67 17.82 -21.91
CA ARG E 151 17.44 17.18 -22.95
C ARG E 151 18.73 17.96 -23.25
N ARG E 152 19.61 18.08 -22.25
CA ARG E 152 20.90 18.77 -22.31
C ARG E 152 21.84 18.17 -21.26
N LEU E 153 23.12 18.58 -21.28
CA LEU E 153 24.08 18.17 -20.26
C LEU E 153 23.75 19.10 -19.11
N GLN E 154 23.16 18.50 -18.10
CA GLN E 154 22.57 19.23 -17.01
C GLN E 154 23.15 18.96 -15.62
N VAL E 155 22.66 19.74 -14.67
CA VAL E 155 22.84 19.65 -13.25
C VAL E 155 21.41 19.89 -12.73
N GLN E 156 20.88 18.97 -11.90
CA GLN E 156 19.48 19.05 -11.44
C GLN E 156 19.05 20.42 -10.94
N GLU E 157 19.90 21.07 -10.17
CA GLU E 157 19.65 22.41 -9.63
C GLU E 157 19.41 23.40 -10.77
N ARG E 158 20.32 23.44 -11.77
CA ARG E 158 20.21 24.33 -12.89
C ARG E 158 18.97 24.04 -13.73
N LEU E 159 18.80 22.78 -14.10
CA LEU E 159 17.65 22.30 -14.86
C LEU E 159 16.32 22.81 -14.20
N THR E 160 16.11 22.59 -12.86
CA THR E 160 14.94 23.09 -12.11
C THR E 160 14.72 24.60 -12.28
N LYS E 161 15.77 25.42 -12.05
CA LYS E 161 15.81 26.89 -12.16
C LYS E 161 15.39 27.33 -13.56
N GLN E 162 15.88 26.63 -14.60
CA GLN E 162 15.57 26.94 -15.98
C GLN E 162 14.12 26.79 -16.31
N ILE E 163 13.48 25.72 -15.82
CA ILE E 163 12.05 25.51 -16.06
C ILE E 163 11.21 26.64 -15.43
N ALA E 164 11.55 27.02 -14.22
CA ALA E 164 10.84 28.06 -13.52
C ALA E 164 10.99 29.44 -14.16
N VAL E 165 12.20 29.79 -14.59
CA VAL E 165 12.48 31.07 -15.24
C VAL E 165 11.79 31.12 -16.60
N ALA E 166 11.76 30.00 -17.35
CA ALA E 166 11.10 29.94 -18.65
C ALA E 166 9.62 30.24 -18.49
N ILE E 167 8.94 29.63 -17.50
CA ILE E 167 7.53 29.88 -17.27
C ILE E 167 7.30 31.33 -16.86
N THR E 168 8.09 31.84 -15.91
CA THR E 168 7.97 33.20 -15.40
C THR E 168 8.13 34.21 -16.51
N GLU E 169 9.14 34.04 -17.37
CA GLU E 169 9.37 34.96 -18.46
C GLU E 169 8.29 34.87 -19.54
N ALA E 170 7.79 33.66 -19.82
CA ALA E 170 6.75 33.47 -20.82
C ALA E 170 5.38 34.03 -20.40
N LEU E 171 4.87 33.67 -19.21
CA LEU E 171 3.55 34.07 -18.78
C LEU E 171 3.48 35.29 -17.92
N ARG E 172 4.56 35.62 -17.19
CA ARG E 172 4.57 36.68 -16.16
C ARG E 172 3.44 36.42 -15.13
N PRO E 173 3.49 35.24 -14.48
CA PRO E 173 2.42 34.85 -13.57
C PRO E 173 2.58 35.41 -12.17
N ALA E 174 1.54 35.23 -11.33
CA ALA E 174 1.58 35.66 -9.94
C ALA E 174 2.61 34.82 -9.14
N GLY E 175 2.76 33.56 -9.50
CA GLY E 175 3.67 32.65 -8.85
C GLY E 175 3.89 31.40 -9.65
N VAL E 176 5.01 30.71 -9.39
CA VAL E 176 5.42 29.48 -10.09
C VAL E 176 6.02 28.51 -9.07
N GLY E 177 5.84 27.22 -9.30
CA GLY E 177 6.39 26.18 -8.48
C GLY E 177 6.93 25.07 -9.35
N VAL E 178 8.18 24.66 -9.13
CA VAL E 178 8.79 23.59 -9.93
C VAL E 178 9.49 22.56 -9.00
N VAL E 179 9.05 21.30 -9.05
CA VAL E 179 9.66 20.24 -8.25
C VAL E 179 10.25 19.16 -9.16
N VAL E 180 11.54 18.89 -9.00
CA VAL E 180 12.22 17.86 -9.77
C VAL E 180 12.73 16.81 -8.81
N GLU E 181 12.31 15.57 -9.01
CA GLU E 181 12.81 14.46 -8.24
C GLU E 181 13.53 13.52 -9.20
N ALA E 182 14.72 13.06 -8.85
CA ALA E 182 15.50 12.21 -9.74
C ALA E 182 16.43 11.26 -8.98
N THR E 183 16.77 10.14 -9.65
CA THR E 183 17.68 9.12 -9.13
C THR E 183 18.88 9.11 -10.09
N HIS E 184 20.00 9.71 -9.66
CA HIS E 184 21.22 9.83 -10.47
C HIS E 184 22.09 8.57 -10.42
N MET E 185 22.99 8.39 -11.41
CA MET E 185 23.97 7.30 -11.36
C MET E 185 25.41 7.91 -11.23
N CYS E 186 25.57 8.81 -10.23
CA CYS E 186 26.79 9.57 -9.91
C CYS E 186 27.68 8.88 -8.85
N ASN E 196 20.04 4.25 -4.59
CA ASN E 196 19.05 4.11 -3.51
C ASN E 196 18.49 5.47 -2.96
N SER E 197 19.27 6.56 -3.09
CA SER E 197 18.94 7.88 -2.57
C SER E 197 18.32 8.74 -3.65
N LYS E 198 17.35 9.58 -3.30
CA LYS E 198 16.72 10.46 -4.28
C LYS E 198 17.13 11.94 -4.11
N THR E 199 17.20 12.68 -5.22
CA THR E 199 17.52 14.09 -5.17
C THR E 199 16.29 14.89 -5.54
N VAL E 200 15.85 15.77 -4.63
CA VAL E 200 14.69 16.60 -4.86
C VAL E 200 15.13 18.06 -4.90
N THR E 201 14.81 18.79 -5.96
CA THR E 201 15.12 20.21 -6.08
C THR E 201 13.77 20.96 -6.24
N SER E 202 13.62 22.09 -5.58
CA SER E 202 12.35 22.81 -5.61
C SER E 202 12.51 24.32 -5.77
N THR E 203 11.85 24.92 -6.76
CA THR E 203 11.87 26.37 -6.95
C THR E 203 10.47 26.94 -6.73
N MET E 204 10.36 27.93 -5.87
CA MET E 204 9.07 28.55 -5.54
C MET E 204 9.22 30.04 -5.80
N LEU E 205 8.50 30.57 -6.79
CA LEU E 205 8.59 31.98 -7.14
C LEU E 205 7.26 32.69 -6.92
N GLY E 206 7.33 34.00 -6.67
CA GLY E 206 6.16 34.81 -6.46
C GLY E 206 5.27 34.35 -5.33
N VAL E 207 3.98 34.34 -5.60
CA VAL E 207 2.97 33.95 -4.60
C VAL E 207 3.22 32.52 -4.07
N PHE E 208 3.89 31.66 -4.87
CA PHE E 208 4.25 30.31 -4.40
C PHE E 208 5.30 30.37 -3.25
N ARG E 209 6.20 31.35 -3.30
CA ARG E 209 7.18 31.54 -2.25
C ARG E 209 6.56 32.28 -1.06
N GLU E 210 5.85 33.37 -1.35
CA GLU E 210 5.34 34.25 -0.33
C GLU E 210 4.05 33.81 0.40
N ASP E 211 3.13 33.17 -0.30
CA ASP E 211 1.88 32.75 0.31
C ASP E 211 1.98 31.34 0.86
N PRO E 212 1.79 31.19 2.17
CA PRO E 212 1.80 29.85 2.76
C PRO E 212 0.64 29.00 2.28
N LYS E 213 -0.51 29.60 2.01
CA LYS E 213 -1.69 28.89 1.54
C LYS E 213 -1.42 28.28 0.17
N THR E 214 -0.80 29.06 -0.71
CA THR E 214 -0.46 28.72 -2.09
C THR E 214 0.56 27.60 -2.20
N ARG E 215 1.60 27.62 -1.40
CA ARG E 215 2.65 26.60 -1.42
C ARG E 215 2.15 25.30 -0.83
N GLU E 216 1.37 25.37 0.28
CA GLU E 216 0.82 24.17 0.95
C GLU E 216 -0.05 23.41 -0.02
N GLU E 217 -0.86 24.16 -0.80
CA GLU E 217 -1.77 23.65 -1.80
C GLU E 217 -1.06 22.98 -2.97
N PHE E 218 -0.05 23.63 -3.59
CA PHE E 218 0.70 23.00 -4.68
C PHE E 218 1.40 21.73 -4.17
N LEU E 219 2.08 21.78 -3.01
CA LEU E 219 2.77 20.61 -2.47
C LEU E 219 1.82 19.45 -2.13
N THR E 220 0.58 19.76 -1.73
CA THR E 220 -0.41 18.74 -1.45
C THR E 220 -0.97 18.18 -2.74
N LEU E 221 -1.31 19.04 -3.70
CA LEU E 221 -1.90 18.62 -4.95
C LEU E 221 -0.94 17.82 -5.83
N ILE E 222 0.39 18.00 -5.70
CA ILE E 222 1.32 17.19 -6.49
C ILE E 222 1.51 15.76 -5.93
N ARG E 223 0.82 15.41 -4.82
CA ARG E 223 0.89 14.10 -4.20
C ARG E 223 -0.38 13.35 -4.54
N GLU F 36 2.03 9.94 -48.25
CA GLU F 36 1.35 10.58 -49.36
C GLU F 36 -0.17 10.48 -49.18
N ASP F 37 -0.65 9.31 -48.74
CA ASP F 37 -2.07 9.07 -48.49
C ASP F 37 -2.57 9.95 -47.35
N ASN F 38 -1.73 10.15 -46.33
CA ASN F 38 -2.08 10.97 -45.19
C ASN F 38 -2.17 12.43 -45.56
N GLU F 39 -1.20 12.94 -46.31
CA GLU F 39 -1.18 14.34 -46.72
C GLU F 39 -2.37 14.67 -47.63
N LEU F 40 -2.79 13.71 -48.48
CA LEU F 40 -3.91 13.87 -49.39
C LEU F 40 -5.26 13.77 -48.69
N ASN F 41 -5.36 12.93 -47.64
CA ASN F 41 -6.60 12.74 -46.90
C ASN F 41 -6.79 13.69 -45.73
N LEU F 42 -5.74 14.43 -45.33
CA LEU F 42 -5.83 15.35 -44.21
C LEU F 42 -6.89 16.44 -44.40
N PRO F 43 -7.02 17.13 -45.57
CA PRO F 43 -8.10 18.13 -45.70
C PRO F 43 -9.50 17.50 -45.69
N ASN F 44 -9.63 16.24 -46.16
CA ASN F 44 -10.91 15.53 -46.14
C ASN F 44 -11.34 15.15 -44.72
N LEU F 45 -10.37 14.90 -43.84
CA LEU F 45 -10.64 14.58 -42.45
C LEU F 45 -11.01 15.87 -41.72
N ALA F 46 -10.26 16.95 -41.95
CA ALA F 46 -10.52 18.24 -41.34
C ALA F 46 -11.89 18.77 -41.77
N ALA F 47 -12.30 18.52 -43.03
CA ALA F 47 -13.61 18.95 -43.50
C ALA F 47 -14.73 18.25 -42.71
N ALA F 48 -14.56 16.93 -42.46
CA ALA F 48 -15.53 16.14 -41.71
C ALA F 48 -15.55 16.56 -40.23
N TYR F 49 -14.39 16.94 -39.67
CA TYR F 49 -14.32 17.41 -38.29
C TYR F 49 -14.96 18.79 -38.11
N SER F 50 -14.88 19.64 -39.15
CA SER F 50 -15.54 20.94 -39.10
C SER F 50 -17.07 20.75 -39.14
N SER F 51 -17.54 19.78 -39.92
CA SER F 51 -18.94 19.43 -39.98
C SER F 51 -19.44 18.93 -38.64
N ILE F 52 -18.59 18.18 -37.90
CA ILE F 52 -18.92 17.64 -36.58
C ILE F 52 -19.08 18.77 -35.59
N LEU F 53 -18.18 19.76 -35.61
CA LEU F 53 -18.27 20.92 -34.72
C LEU F 53 -19.58 21.68 -34.90
N SER F 54 -19.97 21.91 -36.16
CA SER F 54 -21.21 22.59 -36.51
C SER F 54 -22.42 21.76 -36.05
N SER F 55 -22.37 20.43 -36.29
CA SER F 55 -23.45 19.49 -35.91
C SER F 55 -23.63 19.36 -34.40
N LEU F 56 -22.66 19.78 -33.60
CA LEU F 56 -22.75 19.70 -32.13
C LEU F 56 -23.40 20.92 -31.47
N GLY F 57 -23.79 21.91 -32.26
CA GLY F 57 -24.36 23.14 -31.69
C GLY F 57 -23.23 23.93 -31.06
N GLU F 58 -22.16 24.10 -31.85
CA GLU F 58 -20.96 24.78 -31.41
C GLU F 58 -20.47 25.69 -32.57
N ASN F 59 -19.87 26.85 -32.22
CA ASN F 59 -19.37 27.80 -33.20
C ASN F 59 -17.97 27.43 -33.66
N PRO F 60 -17.78 26.93 -34.91
CA PRO F 60 -16.43 26.55 -35.36
C PRO F 60 -15.45 27.71 -35.57
N GLN F 61 -15.97 28.94 -35.60
CA GLN F 61 -15.11 30.12 -35.74
C GLN F 61 -14.65 30.71 -34.38
N ARG F 62 -14.94 30.01 -33.25
CA ARG F 62 -14.51 30.42 -31.91
C ARG F 62 -12.98 30.45 -31.87
N GLN F 63 -12.40 31.23 -30.94
CA GLN F 63 -10.95 31.29 -30.80
C GLN F 63 -10.30 29.89 -30.61
N GLY F 64 -10.77 29.13 -29.63
CA GLY F 64 -10.23 27.80 -29.39
C GLY F 64 -10.65 26.69 -30.34
N LEU F 65 -11.60 26.99 -31.25
CA LEU F 65 -12.09 25.99 -32.19
C LEU F 65 -11.71 26.22 -33.64
N LEU F 66 -10.90 27.26 -33.93
CA LEU F 66 -10.52 27.60 -35.29
C LEU F 66 -9.60 26.55 -35.92
N LYS F 67 -8.59 26.10 -35.19
CA LYS F 67 -7.66 25.09 -35.67
C LYS F 67 -8.10 23.64 -35.33
N THR F 68 -9.18 23.47 -34.55
CA THR F 68 -9.67 22.16 -34.11
C THR F 68 -9.93 21.17 -35.26
N PRO F 69 -10.54 21.50 -36.43
CA PRO F 69 -10.72 20.47 -37.47
C PRO F 69 -9.41 19.86 -37.97
N TRP F 70 -8.33 20.67 -38.05
CA TRP F 70 -7.01 20.22 -38.49
C TRP F 70 -6.32 19.39 -37.43
N ARG F 71 -6.43 19.84 -36.15
CA ARG F 71 -5.82 19.18 -34.99
C ARG F 71 -6.46 17.81 -34.74
N ALA F 72 -7.79 17.74 -34.90
CA ALA F 72 -8.55 16.51 -34.72
C ALA F 72 -8.19 15.55 -35.83
N ALA F 73 -8.06 16.03 -37.08
CA ALA F 73 -7.67 15.20 -38.21
C ALA F 73 -6.26 14.65 -37.99
N SER F 74 -5.33 15.48 -37.53
CA SER F 74 -3.95 15.05 -37.26
C SER F 74 -3.89 14.01 -36.14
N ALA F 75 -4.73 14.19 -35.10
CA ALA F 75 -4.82 13.27 -33.96
C ALA F 75 -5.34 11.93 -34.42
N MET F 76 -6.44 11.92 -35.20
CA MET F 76 -7.04 10.70 -35.71
C MET F 76 -6.06 9.93 -36.60
N GLN F 77 -5.20 10.65 -37.34
CA GLN F 77 -4.18 10.05 -38.20
C GLN F 77 -3.12 9.34 -37.35
N PHE F 78 -2.76 9.93 -36.20
CA PHE F 78 -1.78 9.35 -35.29
C PHE F 78 -2.36 8.12 -34.58
N PHE F 79 -3.66 8.14 -34.23
CA PHE F 79 -4.29 6.98 -33.59
C PHE F 79 -4.45 5.79 -34.54
N THR F 80 -4.36 6.02 -35.86
CA THR F 80 -4.47 5.00 -36.90
C THR F 80 -3.18 4.90 -37.74
N LYS F 81 -2.00 5.21 -37.14
CA LYS F 81 -0.74 5.14 -37.87
C LYS F 81 -0.23 3.71 -38.11
N GLY F 82 -0.78 2.73 -37.39
CA GLY F 82 -0.39 1.34 -37.52
C GLY F 82 -0.64 0.78 -38.91
N TYR F 83 -1.68 1.29 -39.54
CA TYR F 83 -2.05 0.87 -40.89
C TYR F 83 -0.92 1.15 -41.89
N GLN F 84 -0.09 2.21 -41.62
CA GLN F 84 1.05 2.59 -42.45
C GLN F 84 2.23 1.62 -42.35
N GLU F 85 2.28 0.79 -41.30
CA GLU F 85 3.38 -0.13 -41.08
C GLU F 85 3.02 -1.59 -41.38
N THR F 86 4.05 -2.39 -41.69
CA THR F 86 3.97 -3.82 -41.95
C THR F 86 4.79 -4.56 -40.86
N ILE F 87 4.40 -5.79 -40.52
CA ILE F 87 5.16 -6.56 -39.51
C ILE F 87 6.62 -6.82 -39.93
N SER F 88 6.87 -6.86 -41.23
CA SER F 88 8.19 -7.08 -41.80
C SER F 88 9.20 -6.03 -41.33
N ASP F 99 21.93 -19.48 -28.47
CA ASP F 99 20.89 -20.26 -27.80
C ASP F 99 20.46 -19.65 -26.47
N HIS F 100 19.14 -19.71 -26.22
CA HIS F 100 18.55 -19.28 -24.97
C HIS F 100 17.79 -20.43 -24.34
N ASP F 101 17.59 -20.33 -23.04
CA ASP F 101 16.86 -21.32 -22.26
C ASP F 101 16.22 -20.63 -21.03
N GLU F 102 15.38 -19.61 -21.28
CA GLU F 102 14.79 -18.85 -20.20
C GLU F 102 13.55 -18.10 -20.64
N MET F 103 12.65 -17.83 -19.70
CA MET F 103 11.45 -17.08 -19.99
C MET F 103 11.79 -15.61 -20.14
N VAL F 104 11.33 -14.98 -21.23
CA VAL F 104 11.57 -13.57 -21.44
C VAL F 104 10.23 -12.81 -21.42
N ILE F 105 10.10 -11.84 -20.50
CA ILE F 105 8.90 -11.05 -20.33
C ILE F 105 9.12 -9.53 -20.48
N VAL F 106 8.16 -8.84 -21.12
CA VAL F 106 8.12 -7.38 -21.21
C VAL F 106 6.72 -6.98 -20.72
N LYS F 107 6.64 -6.47 -19.50
CA LYS F 107 5.35 -6.12 -18.89
C LYS F 107 5.14 -4.61 -18.84
N ASP F 108 3.88 -4.21 -18.59
CA ASP F 108 3.47 -2.82 -18.46
C ASP F 108 3.77 -2.01 -19.70
N ILE F 109 3.53 -2.59 -20.88
CA ILE F 109 3.73 -1.87 -22.12
C ILE F 109 2.51 -0.98 -22.28
N ASP F 110 2.68 0.35 -22.26
CA ASP F 110 1.53 1.24 -22.42
C ASP F 110 0.88 1.09 -23.78
N MET F 111 -0.42 0.87 -23.78
CA MET F 111 -1.16 0.65 -25.01
C MET F 111 -2.22 1.73 -25.18
N PHE F 112 -2.35 2.28 -26.40
CA PHE F 112 -3.37 3.29 -26.73
C PHE F 112 -3.99 2.81 -28.03
N SER F 113 -5.29 2.50 -27.99
CA SER F 113 -5.98 2.00 -29.18
C SER F 113 -7.33 2.70 -29.44
N MET F 114 -8.04 2.33 -30.51
CA MET F 114 -9.30 2.96 -30.89
C MET F 114 -10.42 1.98 -31.01
N CYS F 115 -11.54 2.21 -30.32
CA CYS F 115 -12.69 1.32 -30.41
C CYS F 115 -13.24 1.38 -31.85
N GLU F 116 -13.23 0.25 -32.59
CA GLU F 116 -13.77 0.27 -33.96
C GLU F 116 -15.24 0.58 -33.97
N HIS F 117 -15.99 0.26 -32.89
CA HIS F 117 -17.41 0.44 -32.83
C HIS F 117 -17.87 1.89 -32.73
N HIS F 118 -17.24 2.68 -31.84
CA HIS F 118 -17.66 4.07 -31.61
C HIS F 118 -16.60 5.12 -31.88
N LEU F 119 -15.40 4.71 -32.31
CA LEU F 119 -14.29 5.61 -32.54
C LEU F 119 -13.87 6.36 -31.28
N VAL F 120 -13.94 5.66 -30.13
CA VAL F 120 -13.55 6.25 -28.86
C VAL F 120 -12.28 5.54 -28.43
N PRO F 121 -11.23 6.26 -28.05
CA PRO F 121 -10.01 5.60 -27.62
C PRO F 121 -10.17 4.74 -26.37
N PHE F 122 -9.45 3.63 -26.33
CA PHE F 122 -9.37 2.77 -25.15
C PHE F 122 -7.91 2.61 -24.81
N VAL F 123 -7.56 2.73 -23.54
CA VAL F 123 -6.18 2.72 -23.11
C VAL F 123 -5.93 1.65 -22.09
N GLY F 124 -4.79 0.97 -22.21
CA GLY F 124 -4.43 -0.06 -21.25
C GLY F 124 -2.95 -0.37 -21.22
N LYS F 125 -2.60 -1.61 -20.83
CA LYS F 125 -1.23 -2.05 -20.88
C LYS F 125 -1.18 -3.49 -21.39
N VAL F 126 -0.05 -3.88 -21.97
CA VAL F 126 0.18 -5.19 -22.56
C VAL F 126 1.35 -5.90 -21.86
N HIS F 127 1.18 -7.19 -21.57
CA HIS F 127 2.21 -7.99 -20.95
C HIS F 127 2.51 -9.12 -21.91
N ILE F 128 3.76 -9.21 -22.33
CA ILE F 128 4.19 -10.23 -23.28
C ILE F 128 5.26 -11.12 -22.65
N GLY F 129 5.18 -12.41 -22.97
CA GLY F 129 6.15 -13.37 -22.49
C GLY F 129 6.37 -14.45 -23.52
N TYR F 130 7.58 -15.02 -23.56
CA TYR F 130 7.87 -16.11 -24.46
C TYR F 130 9.06 -16.96 -24.00
N LEU F 131 9.08 -18.20 -24.44
CA LEU F 131 10.18 -19.11 -24.19
C LEU F 131 10.77 -19.37 -25.55
N PRO F 132 11.98 -18.89 -25.84
CA PRO F 132 12.52 -19.05 -27.20
C PRO F 132 12.86 -20.47 -27.61
N ASN F 133 12.83 -20.76 -28.92
CA ASN F 133 13.23 -22.07 -29.41
C ASN F 133 14.68 -21.89 -29.90
N LYS F 134 14.87 -21.12 -30.97
CA LYS F 134 16.20 -20.83 -31.53
C LYS F 134 16.38 -19.34 -31.84
N GLN F 135 15.27 -18.58 -31.95
CA GLN F 135 15.29 -17.16 -32.26
C GLN F 135 14.77 -16.30 -31.10
N VAL F 136 15.50 -15.24 -30.78
CA VAL F 136 15.13 -14.28 -29.73
C VAL F 136 14.83 -12.93 -30.40
N LEU F 137 13.83 -12.20 -29.91
CA LEU F 137 13.48 -10.90 -30.46
C LEU F 137 14.04 -9.80 -29.59
N GLY F 138 14.53 -8.73 -30.21
CA GLY F 138 15.03 -7.55 -29.50
C GLY F 138 13.88 -6.92 -28.73
N LEU F 139 14.09 -6.67 -27.43
CA LEU F 139 13.06 -6.17 -26.50
C LEU F 139 12.39 -4.85 -26.97
N SER F 140 13.11 -4.06 -27.78
CA SER F 140 12.54 -2.84 -28.34
C SER F 140 11.48 -3.21 -29.38
N LYS F 141 11.73 -4.27 -30.17
CA LYS F 141 10.87 -4.76 -31.23
C LYS F 141 9.57 -5.33 -30.73
N LEU F 142 9.54 -5.86 -29.50
CA LEU F 142 8.29 -6.36 -28.93
C LEU F 142 7.27 -5.23 -28.78
N ALA F 143 7.74 -4.05 -28.36
CA ALA F 143 6.91 -2.85 -28.22
C ALA F 143 6.45 -2.30 -29.57
N ARG F 144 7.28 -2.46 -30.60
CA ARG F 144 6.90 -2.01 -31.94
C ARG F 144 5.73 -2.86 -32.50
N ILE F 145 5.63 -4.16 -32.10
CA ILE F 145 4.54 -5.04 -32.50
C ILE F 145 3.24 -4.55 -31.85
N VAL F 146 3.31 -4.15 -30.57
CA VAL F 146 2.17 -3.63 -29.82
C VAL F 146 1.63 -2.38 -30.53
N GLU F 147 2.55 -1.48 -30.93
CA GLU F 147 2.27 -0.22 -31.58
C GLU F 147 1.61 -0.39 -32.93
N ILE F 148 2.08 -1.36 -33.74
CA ILE F 148 1.53 -1.58 -35.07
C ILE F 148 0.10 -1.98 -35.01
N TYR F 149 -0.24 -2.92 -34.13
CA TYR F 149 -1.61 -3.40 -34.03
C TYR F 149 -2.52 -2.49 -33.19
N SER F 150 -2.01 -1.84 -32.13
CA SER F 150 -2.84 -0.98 -31.29
C SER F 150 -3.25 0.32 -32.00
N ARG F 151 -2.38 0.86 -32.87
CA ARG F 151 -2.71 2.08 -33.62
C ARG F 151 -3.57 1.78 -34.86
N ARG F 152 -4.79 1.32 -34.60
CA ARG F 152 -5.77 0.90 -35.58
C ARG F 152 -7.17 0.93 -34.96
N LEU F 153 -8.21 0.71 -35.77
CA LEU F 153 -9.57 0.63 -35.27
C LEU F 153 -9.69 -0.81 -34.83
N GLN F 154 -9.62 -1.04 -33.53
CA GLN F 154 -9.57 -2.36 -32.96
C GLN F 154 -10.75 -2.81 -32.06
N VAL F 155 -10.66 -4.07 -31.70
CA VAL F 155 -11.48 -4.79 -30.77
C VAL F 155 -10.40 -5.49 -29.91
N GLN F 156 -10.44 -5.33 -28.57
CA GLN F 156 -9.42 -5.86 -27.66
C GLN F 156 -9.03 -7.30 -27.93
N GLU F 157 -10.01 -8.17 -28.20
CA GLU F 157 -9.81 -9.57 -28.49
C GLU F 157 -8.94 -9.76 -29.73
N ARG F 158 -9.23 -9.01 -30.80
CA ARG F 158 -8.47 -9.09 -32.04
C ARG F 158 -7.03 -8.62 -31.85
N LEU F 159 -6.82 -7.46 -31.24
CA LEU F 159 -5.49 -6.91 -31.00
C LEU F 159 -4.59 -7.93 -30.23
N THR F 160 -5.16 -8.58 -29.20
CA THR F 160 -4.49 -9.56 -28.37
C THR F 160 -4.00 -10.74 -29.21
N LYS F 161 -4.88 -11.23 -30.08
CA LYS F 161 -4.59 -12.35 -30.96
C LYS F 161 -3.48 -11.96 -31.96
N GLN F 162 -3.57 -10.74 -32.50
CA GLN F 162 -2.59 -10.27 -33.47
C GLN F 162 -1.19 -10.16 -32.91
N ILE F 163 -1.03 -9.66 -31.69
CA ILE F 163 0.29 -9.55 -31.06
C ILE F 163 0.91 -10.93 -30.88
N ALA F 164 0.11 -11.89 -30.40
CA ALA F 164 0.56 -13.26 -30.14
C ALA F 164 0.97 -13.96 -31.42
N VAL F 165 0.17 -13.80 -32.50
CA VAL F 165 0.46 -14.42 -33.79
C VAL F 165 1.71 -13.79 -34.42
N ALA F 166 1.89 -12.47 -34.27
CA ALA F 166 3.07 -11.80 -34.81
C ALA F 166 4.34 -12.35 -34.17
N ILE F 167 4.35 -12.53 -32.84
CA ILE F 167 5.49 -13.08 -32.14
C ILE F 167 5.74 -14.53 -32.56
N THR F 168 4.68 -15.35 -32.59
CA THR F 168 4.77 -16.75 -32.97
C THR F 168 5.35 -16.91 -34.35
N GLU F 169 4.86 -16.13 -35.32
CA GLU F 169 5.34 -16.21 -36.69
C GLU F 169 6.77 -15.70 -36.84
N ALA F 170 7.13 -14.64 -36.11
CA ALA F 170 8.48 -14.09 -36.16
C ALA F 170 9.55 -15.00 -35.53
N LEU F 171 9.34 -15.46 -34.29
CA LEU F 171 10.33 -16.25 -33.58
C LEU F 171 10.19 -17.75 -33.65
N ARG F 172 8.96 -18.25 -33.84
CA ARG F 172 8.62 -19.69 -33.75
C ARG F 172 9.08 -20.23 -32.38
N PRO F 173 8.55 -19.64 -31.29
CA PRO F 173 9.02 -20.01 -29.95
C PRO F 173 8.33 -21.25 -29.37
N ALA F 174 8.83 -21.75 -28.23
CA ALA F 174 8.22 -22.87 -27.55
C ALA F 174 6.83 -22.51 -27.01
N GLY F 175 6.60 -21.23 -26.71
CA GLY F 175 5.30 -20.75 -26.25
C GLY F 175 5.26 -19.26 -26.14
N VAL F 176 4.07 -18.67 -26.27
CA VAL F 176 3.85 -17.24 -26.12
C VAL F 176 2.69 -16.96 -25.12
N GLY F 177 2.78 -15.84 -24.43
CA GLY F 177 1.74 -15.39 -23.52
C GLY F 177 1.53 -13.92 -23.76
N VAL F 178 0.28 -13.53 -24.05
CA VAL F 178 -0.06 -12.13 -24.25
C VAL F 178 -1.28 -11.75 -23.40
N VAL F 179 -1.07 -10.88 -22.39
CA VAL F 179 -2.20 -10.40 -21.58
C VAL F 179 -2.43 -8.91 -21.86
N VAL F 180 -3.66 -8.54 -22.16
CA VAL F 180 -4.01 -7.15 -22.42
C VAL F 180 -5.11 -6.74 -21.46
N GLU F 181 -4.88 -5.71 -20.69
CA GLU F 181 -5.86 -5.18 -19.75
C GLU F 181 -6.09 -3.76 -20.16
N ALA F 182 -7.35 -3.38 -20.32
CA ALA F 182 -7.69 -2.05 -20.76
C ALA F 182 -8.98 -1.53 -20.12
N THR F 183 -9.18 -0.19 -20.15
CA THR F 183 -10.38 0.48 -19.67
C THR F 183 -10.99 1.16 -20.88
N HIS F 184 -12.16 0.72 -21.31
CA HIS F 184 -12.83 1.27 -22.50
C HIS F 184 -13.59 2.59 -22.24
N MET F 195 -19.72 3.10 -16.22
CA MET F 195 -19.35 1.78 -15.70
C MET F 195 -17.83 1.56 -15.48
N ASN F 196 -17.40 1.55 -14.21
CA ASN F 196 -16.00 1.37 -13.82
C ASN F 196 -15.58 -0.12 -13.69
N SER F 197 -15.06 -0.67 -14.77
CA SER F 197 -14.63 -2.05 -14.84
C SER F 197 -13.52 -2.18 -15.91
N LYS F 198 -12.67 -3.17 -15.74
CA LYS F 198 -11.56 -3.42 -16.67
C LYS F 198 -11.77 -4.68 -17.50
N THR F 199 -11.24 -4.68 -18.72
CA THR F 199 -11.35 -5.83 -19.61
C THR F 199 -10.00 -6.46 -19.77
N VAL F 200 -9.89 -7.75 -19.45
CA VAL F 200 -8.65 -8.46 -19.57
C VAL F 200 -8.81 -9.59 -20.60
N THR F 201 -8.00 -9.58 -21.65
CA THR F 201 -7.97 -10.64 -22.67
C THR F 201 -6.60 -11.33 -22.51
N SER F 202 -6.56 -12.65 -22.69
CA SER F 202 -5.33 -13.40 -22.49
C SER F 202 -5.16 -14.53 -23.51
N THR F 203 -4.03 -14.53 -24.24
CA THR F 203 -3.69 -15.57 -25.20
C THR F 203 -2.50 -16.37 -24.66
N MET F 204 -2.66 -17.70 -24.54
CA MET F 204 -1.59 -18.58 -24.06
C MET F 204 -1.35 -19.61 -25.15
N LEU F 205 -0.17 -19.55 -25.80
CA LEU F 205 0.18 -20.47 -26.88
C LEU F 205 1.35 -21.36 -26.52
N GLY F 206 1.40 -22.52 -27.12
CA GLY F 206 2.48 -23.47 -26.89
C GLY F 206 2.64 -23.93 -25.47
N VAL F 207 3.89 -23.96 -25.00
CA VAL F 207 4.22 -24.38 -23.66
C VAL F 207 3.52 -23.51 -22.61
N PHE F 208 3.15 -22.24 -22.96
CA PHE F 208 2.40 -21.36 -22.03
C PHE F 208 0.99 -21.92 -21.81
N ARG F 209 0.40 -22.56 -22.82
CA ARG F 209 -0.92 -23.18 -22.68
C ARG F 209 -0.80 -24.56 -22.04
N GLU F 210 0.13 -25.38 -22.53
CA GLU F 210 0.25 -26.75 -22.11
C GLU F 210 0.95 -27.00 -20.76
N ASP F 211 1.97 -26.21 -20.42
CA ASP F 211 2.71 -26.40 -19.18
C ASP F 211 2.15 -25.57 -18.05
N PRO F 212 1.65 -26.21 -17.00
CA PRO F 212 1.11 -25.47 -15.86
C PRO F 212 2.18 -24.64 -15.14
N LYS F 213 3.42 -25.15 -15.07
CA LYS F 213 4.53 -24.47 -14.44
C LYS F 213 4.85 -23.18 -15.23
N THR F 214 4.89 -23.29 -16.56
CA THR F 214 5.16 -22.15 -17.42
C THR F 214 4.09 -21.05 -17.30
N ARG F 215 2.80 -21.43 -17.32
CA ARG F 215 1.73 -20.44 -17.23
C ARG F 215 1.71 -19.75 -15.86
N GLU F 216 1.91 -20.52 -14.76
CA GLU F 216 1.93 -19.97 -13.40
C GLU F 216 3.06 -18.94 -13.28
N GLU F 217 4.25 -19.30 -13.80
CA GLU F 217 5.43 -18.45 -13.82
C GLU F 217 5.21 -17.14 -14.59
N PHE F 218 4.60 -17.22 -15.78
CA PHE F 218 4.33 -16.03 -16.58
C PHE F 218 3.37 -15.10 -15.82
N LEU F 219 2.24 -15.65 -15.37
CA LEU F 219 1.22 -14.90 -14.65
C LEU F 219 1.70 -14.29 -13.36
N THR F 220 2.64 -14.97 -12.66
CA THR F 220 3.20 -14.44 -11.42
C THR F 220 4.20 -13.34 -11.71
N LEU F 221 5.09 -13.54 -12.71
CA LEU F 221 6.12 -12.58 -13.04
C LEU F 221 5.58 -11.30 -13.66
N ILE F 222 4.39 -11.32 -14.31
CA ILE F 222 3.81 -10.06 -14.83
C ILE F 222 3.15 -9.19 -13.76
N ARG F 223 3.15 -9.65 -12.48
CA ARG F 223 2.58 -8.92 -11.37
C ARG F 223 3.69 -8.27 -10.60
N GLU G 36 -35.01 17.46 -30.13
CA GLU G 36 -35.29 17.72 -31.53
C GLU G 36 -34.01 18.04 -32.29
N ASP G 37 -33.14 18.87 -31.70
CA ASP G 37 -31.85 19.27 -32.27
C ASP G 37 -30.93 18.05 -32.43
N ASN G 38 -30.98 17.12 -31.47
CA ASN G 38 -30.15 15.92 -31.52
C ASN G 38 -30.61 14.98 -32.59
N GLU G 39 -31.91 14.76 -32.71
CA GLU G 39 -32.47 13.87 -33.72
C GLU G 39 -32.18 14.40 -35.15
N LEU G 40 -32.19 15.73 -35.32
CA LEU G 40 -31.92 16.39 -36.59
C LEU G 40 -30.43 16.43 -36.93
N ASN G 41 -29.54 16.51 -35.91
CA ASN G 41 -28.09 16.53 -36.15
C ASN G 41 -27.42 15.18 -36.19
N LEU G 42 -28.10 14.13 -35.69
CA LEU G 42 -27.57 12.77 -35.67
C LEU G 42 -27.16 12.26 -37.05
N PRO G 43 -28.00 12.43 -38.08
CA PRO G 43 -27.59 12.01 -39.42
C PRO G 43 -26.34 12.77 -39.90
N ASN G 44 -26.25 14.08 -39.65
CA ASN G 44 -25.11 14.88 -40.08
C ASN G 44 -23.82 14.44 -39.42
N LEU G 45 -23.89 13.95 -38.19
CA LEU G 45 -22.73 13.47 -37.47
C LEU G 45 -22.32 12.12 -38.04
N ALA G 46 -23.29 11.20 -38.24
CA ALA G 46 -23.02 9.88 -38.80
C ALA G 46 -22.43 10.00 -40.22
N ALA G 47 -22.90 10.98 -41.01
CA ALA G 47 -22.36 11.20 -42.35
C ALA G 47 -20.88 11.59 -42.29
N ALA G 48 -20.52 12.49 -41.34
CA ALA G 48 -19.14 12.93 -41.14
C ALA G 48 -18.28 11.80 -40.62
N TYR G 49 -18.83 10.91 -39.77
CA TYR G 49 -18.08 9.76 -39.24
C TYR G 49 -17.82 8.71 -40.30
N SER G 50 -18.75 8.56 -41.26
CA SER G 50 -18.57 7.64 -42.37
C SER G 50 -17.44 8.17 -43.26
N SER G 51 -17.41 9.48 -43.49
CA SER G 51 -16.39 10.13 -44.28
C SER G 51 -15.02 9.96 -43.62
N ILE G 52 -14.95 9.98 -42.28
CA ILE G 52 -13.71 9.81 -41.54
C ILE G 52 -13.19 8.40 -41.74
N LEU G 53 -14.07 7.39 -41.64
CA LEU G 53 -13.68 5.99 -41.85
C LEU G 53 -13.07 5.80 -43.25
N SER G 54 -13.71 6.37 -44.29
CA SER G 54 -13.23 6.30 -45.67
C SER G 54 -11.90 7.04 -45.82
N SER G 55 -11.78 8.22 -45.22
CA SER G 55 -10.55 9.02 -45.27
C SER G 55 -9.36 8.36 -44.54
N LEU G 56 -9.60 7.37 -43.68
CA LEU G 56 -8.52 6.67 -42.98
C LEU G 56 -7.97 5.45 -43.72
N GLY G 57 -8.44 5.21 -44.93
CA GLY G 57 -8.00 4.05 -45.70
C GLY G 57 -8.60 2.80 -45.09
N GLU G 58 -9.91 2.85 -44.84
CA GLU G 58 -10.64 1.78 -44.18
C GLU G 58 -11.97 1.56 -44.88
N ASN G 59 -12.48 0.30 -44.94
CA ASN G 59 -13.77 0.08 -45.64
C ASN G 59 -14.93 0.17 -44.66
N PRO G 60 -15.78 1.19 -44.86
CA PRO G 60 -16.93 1.38 -43.96
C PRO G 60 -18.02 0.33 -44.10
N GLN G 61 -17.95 -0.51 -45.13
CA GLN G 61 -18.91 -1.58 -45.29
C GLN G 61 -18.48 -2.91 -44.61
N ARG G 62 -17.33 -2.91 -43.86
CA ARG G 62 -16.81 -4.04 -43.08
C ARG G 62 -17.86 -4.50 -42.07
N GLN G 63 -17.83 -5.76 -41.65
CA GLN G 63 -18.76 -6.28 -40.64
C GLN G 63 -18.79 -5.39 -39.36
N GLY G 64 -17.64 -5.19 -38.72
CA GLY G 64 -17.54 -4.39 -37.50
C GLY G 64 -17.64 -2.88 -37.67
N LEU G 65 -17.66 -2.40 -38.93
CA LEU G 65 -17.72 -0.96 -39.19
C LEU G 65 -19.01 -0.49 -39.81
N LEU G 66 -20.00 -1.38 -40.00
CA LEU G 66 -21.25 -1.00 -40.64
C LEU G 66 -22.08 -0.04 -39.79
N LYS G 67 -22.18 -0.33 -38.48
CA LYS G 67 -22.94 0.52 -37.57
C LYS G 67 -22.10 1.64 -36.94
N THR G 68 -20.77 1.63 -37.13
CA THR G 68 -19.83 2.58 -36.54
C THR G 68 -20.16 4.06 -36.81
N PRO G 69 -20.56 4.55 -38.01
CA PRO G 69 -20.88 5.99 -38.13
C PRO G 69 -22.00 6.45 -37.21
N TRP G 70 -23.03 5.60 -37.01
CA TRP G 70 -24.16 5.92 -36.13
C TRP G 70 -23.78 5.87 -34.68
N ARG G 71 -22.99 4.86 -34.30
CA ARG G 71 -22.52 4.63 -32.93
C ARG G 71 -21.58 5.73 -32.49
N ALA G 72 -20.68 6.16 -33.38
CA ALA G 72 -19.73 7.24 -33.13
C ALA G 72 -20.49 8.55 -32.97
N ALA G 73 -21.50 8.78 -33.80
CA ALA G 73 -22.34 9.97 -33.69
C ALA G 73 -23.10 9.99 -32.36
N SER G 74 -23.66 8.83 -31.95
CA SER G 74 -24.38 8.73 -30.69
C SER G 74 -23.46 8.97 -29.51
N ALA G 75 -22.20 8.48 -29.60
CA ALA G 75 -21.17 8.65 -28.55
C ALA G 75 -20.80 10.12 -28.43
N MET G 76 -20.53 10.80 -29.55
CA MET G 76 -20.21 12.22 -29.56
C MET G 76 -21.36 13.06 -29.01
N GLN G 77 -22.62 12.65 -29.23
CA GLN G 77 -23.80 13.33 -28.70
C GLN G 77 -23.87 13.21 -27.19
N PHE G 78 -23.49 12.05 -26.66
CA PHE G 78 -23.47 11.80 -25.23
C PHE G 78 -22.35 12.60 -24.56
N PHE G 79 -21.18 12.70 -25.21
CA PHE G 79 -20.08 13.48 -24.65
C PHE G 79 -20.35 14.98 -24.67
N THR G 80 -21.35 15.46 -25.42
CA THR G 80 -21.71 16.87 -25.50
C THR G 80 -23.17 17.11 -25.04
N LYS G 81 -23.74 16.22 -24.23
CA LYS G 81 -25.12 16.36 -23.75
C LYS G 81 -25.35 17.52 -22.80
N GLY G 82 -24.29 18.09 -22.25
CA GLY G 82 -24.36 19.23 -21.33
C GLY G 82 -24.85 20.51 -22.00
N TYR G 83 -24.69 20.58 -23.33
CA TYR G 83 -25.20 21.70 -24.11
C TYR G 83 -26.74 21.74 -24.04
N GLN G 84 -27.40 20.57 -23.86
CA GLN G 84 -28.85 20.44 -23.74
C GLN G 84 -29.33 20.99 -22.40
N VAL G 90 -32.38 23.95 -14.17
CA VAL G 90 -31.52 23.23 -13.22
C VAL G 90 -31.55 23.88 -11.82
N HIS G 100 -27.08 25.75 8.10
CA HIS G 100 -25.93 25.00 8.58
C HIS G 100 -24.71 25.87 8.84
N ASP G 101 -23.73 25.30 9.49
CA ASP G 101 -22.46 25.92 9.81
C ASP G 101 -21.44 24.78 9.76
N GLU G 102 -21.19 24.23 8.57
CA GLU G 102 -20.27 23.11 8.39
C GLU G 102 -19.77 23.01 6.97
N MET G 103 -18.57 22.48 6.80
CA MET G 103 -18.03 22.31 5.46
C MET G 103 -18.68 21.12 4.79
N VAL G 104 -19.16 21.29 3.55
CA VAL G 104 -19.80 20.21 2.80
C VAL G 104 -18.96 19.87 1.57
N ILE G 105 -18.52 18.61 1.47
CA ILE G 105 -17.65 18.12 0.40
C ILE G 105 -18.25 16.91 -0.36
N VAL G 106 -18.04 16.85 -1.69
CA VAL G 106 -18.41 15.68 -2.48
C VAL G 106 -17.15 15.33 -3.26
N LYS G 107 -16.42 14.31 -2.81
CA LYS G 107 -15.19 13.93 -3.47
C LYS G 107 -15.33 12.72 -4.41
N ASP G 108 -14.33 12.56 -5.31
CA ASP G 108 -14.24 11.48 -6.25
C ASP G 108 -15.43 11.41 -7.19
N ILE G 109 -15.89 12.58 -7.66
CA ILE G 109 -16.98 12.61 -8.62
C ILE G 109 -16.36 12.27 -9.96
N ASP G 110 -16.79 11.16 -10.59
CA ASP G 110 -16.25 10.75 -11.90
C ASP G 110 -16.63 11.74 -12.98
N MET G 111 -15.66 12.19 -13.76
CA MET G 111 -15.88 13.21 -14.76
C MET G 111 -15.34 12.81 -16.12
N PHE G 112 -16.16 12.89 -17.16
CA PHE G 112 -15.83 12.53 -18.53
C PHE G 112 -16.06 13.78 -19.41
N SER G 113 -15.00 14.31 -20.02
CA SER G 113 -15.10 15.50 -20.85
C SER G 113 -14.38 15.33 -22.21
N MET G 114 -14.35 16.38 -23.03
CA MET G 114 -13.77 16.32 -24.34
C MET G 114 -12.80 17.46 -24.61
N CYS G 115 -11.60 17.15 -25.12
CA CYS G 115 -10.64 18.19 -25.46
C CYS G 115 -11.13 19.00 -26.64
N GLU G 116 -11.42 20.28 -26.43
CA GLU G 116 -11.89 21.14 -27.51
C GLU G 116 -10.83 21.46 -28.58
N HIS G 117 -9.60 20.96 -28.41
CA HIS G 117 -8.55 21.19 -29.40
C HIS G 117 -8.44 20.06 -30.40
N HIS G 118 -8.52 18.80 -29.95
CA HIS G 118 -8.36 17.61 -30.79
C HIS G 118 -9.55 16.69 -30.84
N LEU G 119 -10.62 16.99 -30.08
CA LEU G 119 -11.81 16.15 -29.99
C LEU G 119 -11.50 14.74 -29.44
N VAL G 120 -10.58 14.68 -28.50
CA VAL G 120 -10.20 13.45 -27.83
C VAL G 120 -10.70 13.57 -26.39
N PRO G 121 -11.39 12.53 -25.89
CA PRO G 121 -11.87 12.59 -24.50
C PRO G 121 -10.79 12.66 -23.43
N PHE G 122 -11.20 13.14 -22.26
CA PHE G 122 -10.34 13.15 -21.10
C PHE G 122 -11.21 12.82 -19.87
N VAL G 123 -10.80 11.76 -19.16
CA VAL G 123 -11.52 11.38 -17.95
C VAL G 123 -10.79 11.97 -16.77
N GLY G 124 -11.49 12.07 -15.63
CA GLY G 124 -10.95 12.61 -14.39
C GLY G 124 -11.86 12.50 -13.18
N LYS G 125 -11.51 13.23 -12.13
CA LYS G 125 -12.27 13.28 -10.89
C LYS G 125 -12.39 14.71 -10.43
N VAL G 126 -13.52 15.01 -9.81
CA VAL G 126 -13.84 16.34 -9.35
C VAL G 126 -14.15 16.29 -7.88
N HIS G 127 -13.64 17.25 -7.13
CA HIS G 127 -13.90 17.31 -5.71
C HIS G 127 -14.35 18.72 -5.44
N ILE G 128 -15.59 18.84 -4.99
CA ILE G 128 -16.20 20.14 -4.70
C ILE G 128 -16.39 20.24 -3.20
N GLY G 129 -16.24 21.45 -2.68
CA GLY G 129 -16.45 21.74 -1.27
C GLY G 129 -17.00 23.15 -1.12
N TYR G 130 -17.79 23.38 -0.08
CA TYR G 130 -18.34 24.70 0.18
C TYR G 130 -18.73 24.89 1.62
N LEU G 131 -18.74 26.13 2.07
CA LEU G 131 -19.19 26.52 3.39
C LEU G 131 -20.42 27.35 3.14
N PRO G 132 -21.61 26.87 3.50
CA PRO G 132 -22.83 27.64 3.19
C PRO G 132 -22.99 28.91 3.98
N ASN G 133 -23.73 29.88 3.42
CA ASN G 133 -24.03 31.12 4.12
C ASN G 133 -25.46 30.93 4.65
N LYS G 134 -26.46 30.86 3.76
CA LYS G 134 -27.85 30.66 4.14
C LYS G 134 -28.54 29.57 3.32
N GLN G 135 -27.97 29.23 2.14
CA GLN G 135 -28.52 28.25 1.23
C GLN G 135 -27.62 27.03 1.08
N VAL G 136 -28.21 25.83 1.15
CA VAL G 136 -27.49 24.56 0.97
C VAL G 136 -28.00 23.88 -0.31
N LEU G 137 -27.10 23.23 -1.05
CA LEU G 137 -27.42 22.56 -2.30
C LEU G 137 -27.54 21.07 -2.10
N GLY G 138 -28.54 20.44 -2.70
CA GLY G 138 -28.73 18.99 -2.64
C GLY G 138 -27.54 18.28 -3.27
N LEU G 139 -26.97 17.30 -2.55
CA LEU G 139 -25.76 16.57 -2.96
C LEU G 139 -25.87 15.91 -4.36
N SER G 140 -27.07 15.59 -4.79
CA SER G 140 -27.27 15.05 -6.14
C SER G 140 -27.05 16.15 -7.19
N LYS G 141 -27.46 17.39 -6.87
CA LYS G 141 -27.34 18.56 -7.72
C LYS G 141 -25.92 19.01 -7.94
N LEU G 142 -25.00 18.73 -6.98
CA LEU G 142 -23.59 19.07 -7.16
C LEU G 142 -23.01 18.28 -8.34
N ALA G 143 -23.37 17.00 -8.43
CA ALA G 143 -22.94 16.14 -9.51
C ALA G 143 -23.56 16.56 -10.84
N ARG G 144 -24.79 17.11 -10.81
CA ARG G 144 -25.42 17.58 -12.03
C ARG G 144 -24.67 18.77 -12.61
N ILE G 145 -24.06 19.63 -11.74
CA ILE G 145 -23.26 20.78 -12.14
C ILE G 145 -21.98 20.31 -12.86
N VAL G 146 -21.38 19.24 -12.35
CA VAL G 146 -20.20 18.63 -12.96
C VAL G 146 -20.55 18.14 -14.36
N GLU G 147 -21.67 17.43 -14.47
CA GLU G 147 -22.18 16.82 -15.68
C GLU G 147 -22.54 17.81 -16.75
N ILE G 148 -23.19 18.92 -16.38
CA ILE G 148 -23.59 19.94 -17.35
C ILE G 148 -22.40 20.57 -18.07
N TYR G 149 -21.35 20.88 -17.31
CA TYR G 149 -20.20 21.53 -17.87
C TYR G 149 -19.20 20.56 -18.47
N SER G 150 -19.06 19.34 -17.90
CA SER G 150 -18.08 18.39 -18.40
C SER G 150 -18.50 17.77 -19.73
N ARG G 151 -19.80 17.57 -19.98
CA ARG G 151 -20.24 17.04 -21.27
C ARG G 151 -20.28 18.19 -22.30
N ARG G 152 -19.11 18.67 -22.71
CA ARG G 152 -18.95 19.81 -23.62
C ARG G 152 -17.54 19.82 -24.23
N LEU G 153 -17.34 20.63 -25.28
CA LEU G 153 -16.01 20.77 -25.85
C LEU G 153 -15.33 21.74 -24.91
N GLN G 154 -14.45 21.18 -24.09
CA GLN G 154 -13.86 21.86 -22.95
C GLN G 154 -12.36 22.05 -22.93
N VAL G 155 -11.92 22.78 -21.89
CA VAL G 155 -10.56 23.05 -21.48
C VAL G 155 -10.65 22.93 -19.94
N GLN G 156 -9.81 22.08 -19.32
CA GLN G 156 -9.85 21.81 -17.89
C GLN G 156 -9.96 23.06 -17.00
N GLU G 157 -9.19 24.10 -17.35
CA GLU G 157 -9.17 25.37 -16.61
C GLU G 157 -10.55 26.00 -16.63
N ARG G 158 -11.19 26.05 -17.82
CA ARG G 158 -12.52 26.63 -17.95
C ARG G 158 -13.55 25.81 -17.21
N LEU G 159 -13.49 24.48 -17.37
CA LEU G 159 -14.43 23.56 -16.74
C LEU G 159 -14.44 23.73 -15.22
N THR G 160 -13.25 23.90 -14.61
CA THR G 160 -13.13 24.12 -13.16
C THR G 160 -13.82 25.43 -12.76
N LYS G 161 -13.47 26.53 -13.46
CA LYS G 161 -14.03 27.86 -13.22
C LYS G 161 -15.57 27.84 -13.31
N GLN G 162 -16.11 27.13 -14.32
CA GLN G 162 -17.55 27.01 -14.49
C GLN G 162 -18.26 26.32 -13.34
N ILE G 163 -17.69 25.23 -12.80
CA ILE G 163 -18.29 24.50 -11.68
C ILE G 163 -18.30 25.35 -10.40
N ALA G 164 -17.23 26.11 -10.19
CA ALA G 164 -17.11 26.99 -9.03
C ALA G 164 -18.08 28.17 -9.12
N VAL G 165 -18.21 28.78 -10.31
CA VAL G 165 -19.12 29.89 -10.53
C VAL G 165 -20.57 29.45 -10.38
N ALA G 166 -20.89 28.23 -10.85
CA ALA G 166 -22.25 27.70 -10.77
C ALA G 166 -22.68 27.57 -9.30
N ILE G 167 -21.79 27.04 -8.45
CA ILE G 167 -22.07 26.90 -7.03
C ILE G 167 -22.21 28.26 -6.38
N THR G 168 -21.26 29.17 -6.64
CA THR G 168 -21.23 30.51 -6.07
C THR G 168 -22.50 31.27 -6.39
N GLU G 169 -22.93 31.22 -7.65
CA GLU G 169 -24.11 31.93 -8.07
C GLU G 169 -25.39 31.32 -7.50
N ALA G 170 -25.44 29.99 -7.41
CA ALA G 170 -26.61 29.31 -6.88
C ALA G 170 -26.81 29.51 -5.36
N LEU G 171 -25.78 29.25 -4.56
CA LEU G 171 -25.88 29.30 -3.11
C LEU G 171 -25.46 30.59 -2.44
N ARG G 172 -24.56 31.36 -3.08
CA ARG G 172 -23.93 32.54 -2.49
C ARG G 172 -23.27 32.16 -1.15
N PRO G 173 -22.32 31.20 -1.20
CA PRO G 173 -21.73 30.68 0.03
C PRO G 173 -20.55 31.50 0.57
N ALA G 174 -20.08 31.16 1.76
CA ALA G 174 -18.93 31.81 2.37
C ALA G 174 -17.63 31.50 1.62
N GLY G 175 -17.54 30.32 1.02
CA GLY G 175 -16.36 29.90 0.29
C GLY G 175 -16.64 28.67 -0.54
N VAL G 176 -15.91 28.49 -1.64
CA VAL G 176 -16.09 27.35 -2.55
C VAL G 176 -14.71 26.83 -2.93
N GLY G 177 -14.60 25.53 -3.13
CA GLY G 177 -13.37 24.89 -3.53
C GLY G 177 -13.65 23.84 -4.57
N VAL G 178 -12.96 23.95 -5.73
CA VAL G 178 -13.16 23.01 -6.81
C VAL G 178 -11.81 22.47 -7.31
N VAL G 179 -11.61 21.16 -7.18
CA VAL G 179 -10.39 20.53 -7.67
C VAL G 179 -10.73 19.51 -8.75
N VAL G 180 -10.14 19.70 -9.94
CA VAL G 180 -10.30 18.79 -11.06
C VAL G 180 -8.94 18.16 -11.34
N GLU G 181 -8.86 16.83 -11.29
CA GLU G 181 -7.62 16.13 -11.58
C GLU G 181 -7.93 15.19 -12.70
N ALA G 182 -7.30 15.39 -13.86
CA ALA G 182 -7.61 14.61 -15.03
C ALA G 182 -6.36 14.11 -15.78
N THR G 183 -6.54 13.07 -16.61
CA THR G 183 -5.49 12.53 -17.48
C THR G 183 -5.97 12.75 -18.92
N HIS G 184 -5.25 13.60 -19.66
CA HIS G 184 -5.66 13.94 -21.03
C HIS G 184 -5.14 12.93 -22.06
N MET G 185 -6.03 12.48 -22.96
CA MET G 185 -5.61 11.57 -24.02
C MET G 185 -5.33 12.38 -25.30
N SER G 197 1.57 11.34 -15.86
CA SER G 197 1.34 12.77 -16.14
C SER G 197 -0.12 13.24 -16.02
N LYS G 198 -0.43 13.90 -14.90
CA LYS G 198 -1.77 14.37 -14.61
C LYS G 198 -1.86 15.89 -14.57
N THR G 199 -3.06 16.42 -14.87
CA THR G 199 -3.29 17.86 -14.82
C THR G 199 -4.25 18.16 -13.71
N VAL G 200 -3.83 19.00 -12.77
CA VAL G 200 -4.69 19.37 -11.65
C VAL G 200 -5.00 20.87 -11.72
N THR G 201 -6.29 21.24 -11.73
CA THR G 201 -6.72 22.63 -11.72
C THR G 201 -7.51 22.84 -10.42
N SER G 202 -7.27 23.97 -9.74
CA SER G 202 -7.90 24.23 -8.45
C SER G 202 -8.43 25.66 -8.33
N THR G 203 -9.73 25.80 -8.02
CA THR G 203 -10.35 27.12 -7.79
C THR G 203 -10.74 27.24 -6.33
N MET G 204 -10.26 28.28 -5.65
CA MET G 204 -10.55 28.49 -4.24
C MET G 204 -11.17 29.87 -4.13
N LEU G 205 -12.45 29.94 -3.75
CA LEU G 205 -13.14 31.23 -3.64
C LEU G 205 -13.56 31.50 -2.20
N GLY G 206 -13.67 32.78 -1.86
CA GLY G 206 -14.09 33.22 -0.55
C GLY G 206 -13.20 32.76 0.57
N VAL G 207 -13.83 32.26 1.65
CA VAL G 207 -13.15 31.77 2.83
C VAL G 207 -12.18 30.62 2.47
N PHE G 208 -12.47 29.86 1.38
CA PHE G 208 -11.59 28.80 0.88
C PHE G 208 -10.28 29.37 0.40
N ARG G 209 -10.26 30.59 -0.16
CA ARG G 209 -9.04 31.26 -0.60
C ARG G 209 -8.37 31.98 0.56
N GLU G 210 -9.16 32.76 1.33
CA GLU G 210 -8.65 33.62 2.39
C GLU G 210 -8.27 32.95 3.71
N ASP G 211 -8.99 31.90 4.12
CA ASP G 211 -8.73 31.25 5.40
C ASP G 211 -7.83 30.08 5.22
N PRO G 212 -6.64 30.13 5.85
CA PRO G 212 -5.72 29.00 5.77
C PRO G 212 -6.29 27.72 6.38
N LYS G 213 -7.04 27.85 7.50
CA LYS G 213 -7.66 26.72 8.17
C LYS G 213 -8.66 26.05 7.26
N THR G 214 -9.52 26.85 6.59
CA THR G 214 -10.54 26.36 5.70
C THR G 214 -9.94 25.64 4.49
N ARG G 215 -8.91 26.23 3.81
CA ARG G 215 -8.31 25.60 2.65
C ARG G 215 -7.57 24.29 3.03
N GLU G 216 -6.82 24.29 4.16
CA GLU G 216 -6.11 23.10 4.60
C GLU G 216 -7.10 21.96 4.86
N GLU G 217 -8.22 22.28 5.51
CA GLU G 217 -9.29 21.33 5.82
C GLU G 217 -9.91 20.74 4.55
N PHE G 218 -10.22 21.58 3.56
CA PHE G 218 -10.79 21.09 2.31
C PHE G 218 -9.82 20.14 1.61
N LEU G 219 -8.58 20.60 1.42
CA LEU G 219 -7.57 19.82 0.76
C LEU G 219 -7.26 18.52 1.47
N THR G 220 -7.34 18.49 2.81
CA THR G 220 -7.05 17.27 3.55
C THR G 220 -8.20 16.30 3.45
N LEU G 221 -9.44 16.81 3.59
CA LEU G 221 -10.62 15.96 3.56
C LEU G 221 -10.89 15.34 2.18
N ILE G 222 -10.43 15.97 1.08
CA ILE G 222 -10.62 15.36 -0.25
C ILE G 222 -9.61 14.25 -0.56
N ARG G 223 -8.68 13.95 0.35
CA ARG G 223 -7.69 12.91 0.19
C ARG G 223 -8.11 11.68 0.99
N ARG H 33 -26.57 -22.95 29.64
CA ARG H 33 -26.53 -21.65 30.31
C ARG H 33 -27.78 -20.83 29.99
N SER H 34 -28.36 -20.16 30.99
CA SER H 34 -29.55 -19.34 30.77
C SER H 34 -29.43 -17.91 31.36
N GLU H 35 -30.33 -16.99 30.98
CA GLU H 35 -30.30 -15.61 31.50
C GLU H 35 -30.58 -15.55 33.02
N GLU H 36 -31.33 -16.53 33.55
CA GLU H 36 -31.59 -16.59 34.98
C GLU H 36 -30.30 -16.95 35.74
N ASP H 37 -29.51 -17.88 35.19
CA ASP H 37 -28.23 -18.30 35.75
C ASP H 37 -27.21 -17.15 35.76
N ASN H 38 -27.25 -16.31 34.73
CA ASN H 38 -26.36 -15.18 34.62
C ASN H 38 -26.70 -14.12 35.63
N GLU H 39 -28.00 -13.80 35.76
CA GLU H 39 -28.43 -12.79 36.71
C GLU H 39 -28.14 -13.19 38.16
N LEU H 40 -28.23 -14.51 38.46
CA LEU H 40 -27.95 -15.06 39.79
C LEU H 40 -26.46 -15.11 40.10
N ASN H 41 -25.62 -15.36 39.09
CA ASN H 41 -24.17 -15.45 39.28
C ASN H 41 -23.44 -14.13 39.14
N LEU H 42 -24.11 -13.08 38.65
CA LEU H 42 -23.50 -11.78 38.46
C LEU H 42 -22.92 -11.17 39.75
N PRO H 43 -23.64 -11.17 40.90
CA PRO H 43 -23.03 -10.64 42.14
C PRO H 43 -21.84 -11.46 42.63
N ASN H 44 -21.83 -12.79 42.37
CA ASN H 44 -20.72 -13.67 42.75
C ASN H 44 -19.48 -13.41 41.90
N LEU H 45 -19.66 -12.97 40.65
CA LEU H 45 -18.56 -12.62 39.75
C LEU H 45 -18.01 -11.28 40.18
N ALA H 46 -18.90 -10.29 40.43
CA ALA H 46 -18.49 -8.97 40.88
C ALA H 46 -17.74 -9.03 42.22
N ALA H 47 -18.16 -9.93 43.12
CA ALA H 47 -17.47 -10.11 44.40
C ALA H 47 -16.03 -10.60 44.17
N ALA H 48 -15.83 -11.55 43.24
CA ALA H 48 -14.51 -12.08 42.90
C ALA H 48 -13.67 -11.01 42.22
N TYR H 49 -14.28 -10.14 41.39
CA TYR H 49 -13.56 -9.06 40.72
C TYR H 49 -13.14 -7.97 41.70
N SER H 50 -13.95 -7.74 42.76
CA SER H 50 -13.58 -6.77 43.79
C SER H 50 -12.38 -7.31 44.58
N SER H 51 -12.37 -8.63 44.86
CA SER H 51 -11.28 -9.30 45.54
C SER H 51 -9.99 -9.20 44.72
N ILE H 52 -10.09 -9.26 43.37
CA ILE H 52 -8.95 -9.15 42.47
C ILE H 52 -8.35 -7.78 42.55
N LEU H 53 -9.19 -6.74 42.53
CA LEU H 53 -8.75 -5.35 42.65
C LEU H 53 -7.97 -5.13 43.96
N SER H 54 -8.51 -5.63 45.09
CA SER H 54 -7.86 -5.54 46.39
C SER H 54 -6.54 -6.32 46.42
N SER H 55 -6.53 -7.52 45.83
CA SER H 55 -5.34 -8.37 45.78
C SER H 55 -4.22 -7.80 44.91
N LEU H 56 -4.53 -6.83 44.05
CA LEU H 56 -3.51 -6.20 43.18
C LEU H 56 -2.80 -4.99 43.81
N GLY H 57 -3.16 -4.66 45.06
CA GLY H 57 -2.61 -3.47 45.71
C GLY H 57 -3.21 -2.25 45.06
N GLU H 58 -4.53 -2.25 44.95
CA GLU H 58 -5.28 -1.18 44.33
C GLU H 58 -6.51 -0.87 45.22
N ASN H 59 -6.91 0.43 45.28
CA ASN H 59 -8.02 0.89 46.09
C ASN H 59 -9.34 0.71 45.33
N PRO H 60 -10.19 -0.27 45.71
CA PRO H 60 -11.45 -0.46 44.96
C PRO H 60 -12.49 0.65 45.18
N GLN H 61 -12.27 1.51 46.18
CA GLN H 61 -13.18 2.62 46.45
C GLN H 61 -12.79 3.92 45.73
N ARG H 62 -11.75 3.92 44.87
CA ARG H 62 -11.41 5.14 44.12
C ARG H 62 -12.46 5.35 43.02
N GLN H 63 -12.67 6.58 42.55
CA GLN H 63 -13.70 6.91 41.58
C GLN H 63 -13.83 5.92 40.39
N GLY H 64 -12.73 5.72 39.66
CA GLY H 64 -12.68 4.86 38.47
C GLY H 64 -12.89 3.37 38.68
N LEU H 65 -12.88 2.91 39.94
CA LEU H 65 -13.06 1.50 40.23
C LEU H 65 -14.32 1.16 41.02
N LEU H 66 -15.19 2.14 41.26
CA LEU H 66 -16.40 1.90 42.05
C LEU H 66 -17.34 0.95 41.33
N LYS H 67 -17.44 1.05 39.99
CA LYS H 67 -18.31 0.18 39.20
C LYS H 67 -17.56 -0.96 38.49
N THR H 68 -16.20 -0.97 38.54
CA THR H 68 -15.36 -1.97 37.89
C THR H 68 -15.68 -3.43 38.23
N PRO H 69 -15.93 -3.88 39.49
CA PRO H 69 -16.22 -5.33 39.70
C PRO H 69 -17.43 -5.80 38.90
N TRP H 70 -18.46 -4.95 38.78
CA TRP H 70 -19.71 -5.26 38.07
C TRP H 70 -19.57 -5.17 36.59
N ARG H 71 -18.78 -4.20 36.10
CA ARG H 71 -18.49 -4.02 34.67
C ARG H 71 -17.63 -5.19 34.15
N ALA H 72 -16.64 -5.62 34.94
CA ALA H 72 -15.77 -6.75 34.64
C ALA H 72 -16.60 -8.03 34.63
N ALA H 73 -17.51 -8.20 35.61
CA ALA H 73 -18.37 -9.38 35.67
C ALA H 73 -19.28 -9.43 34.45
N SER H 74 -19.88 -8.27 34.07
CA SER H 74 -20.77 -8.18 32.91
C SER H 74 -20.03 -8.47 31.62
N ALA H 75 -18.77 -7.97 31.52
CA ALA H 75 -17.91 -8.18 30.35
C ALA H 75 -17.57 -9.67 30.23
N MET H 76 -17.14 -10.33 31.32
CA MET H 76 -16.82 -11.75 31.31
C MET H 76 -18.02 -12.60 30.89
N GLN H 77 -19.24 -12.16 31.28
CA GLN H 77 -20.46 -12.85 30.90
C GLN H 77 -20.74 -12.75 29.40
N PHE H 78 -20.44 -11.59 28.82
CA PHE H 78 -20.61 -11.35 27.39
C PHE H 78 -19.56 -12.14 26.57
N PHE H 79 -18.33 -12.26 27.08
CA PHE H 79 -17.29 -13.04 26.40
C PHE H 79 -17.58 -14.54 26.43
N THR H 80 -18.47 -15.01 27.30
CA THR H 80 -18.83 -16.41 27.41
C THR H 80 -20.33 -16.66 27.11
N LYS H 81 -20.99 -15.75 26.38
CA LYS H 81 -22.41 -15.88 26.06
C LYS H 81 -22.76 -17.02 25.10
N GLY H 82 -21.76 -17.55 24.41
CA GLY H 82 -21.93 -18.67 23.49
C GLY H 82 -22.34 -19.96 24.16
N TYR H 83 -22.12 -20.06 25.48
CA TYR H 83 -22.53 -21.20 26.29
C TYR H 83 -24.07 -21.21 26.44
N GLN H 84 -24.72 -20.03 26.38
CA GLN H 84 -26.18 -19.87 26.46
C GLN H 84 -26.92 -20.32 25.19
N GLU H 85 -26.21 -20.50 24.08
CA GLU H 85 -26.83 -20.92 22.83
C GLU H 85 -26.52 -22.37 22.48
N THR H 86 -27.37 -23.00 21.65
CA THR H 86 -27.12 -24.36 21.16
C THR H 86 -27.01 -24.34 19.62
N ILE H 87 -26.21 -25.24 19.06
CA ILE H 87 -26.06 -25.33 17.60
C ILE H 87 -27.37 -25.71 16.90
N SER H 88 -28.26 -26.41 17.60
CA SER H 88 -29.56 -26.82 17.11
C SER H 88 -30.40 -25.63 16.64
N ASP H 89 -30.40 -24.52 17.41
CA ASP H 89 -31.15 -23.30 17.11
C ASP H 89 -30.71 -22.69 15.79
N VAL H 90 -29.40 -22.55 15.60
CA VAL H 90 -28.86 -22.00 14.38
C VAL H 90 -28.75 -23.07 13.30
N HIS H 100 -27.67 -25.74 -5.98
CA HIS H 100 -26.51 -24.83 -6.01
C HIS H 100 -25.23 -25.60 -6.26
N ASP H 101 -24.53 -25.24 -7.33
CA ASP H 101 -23.28 -25.89 -7.69
C ASP H 101 -22.19 -24.82 -7.78
N GLU H 102 -21.88 -24.20 -6.64
CA GLU H 102 -20.89 -23.12 -6.57
C GLU H 102 -20.27 -22.98 -5.20
N MET H 103 -19.05 -22.44 -5.14
CA MET H 103 -18.38 -22.25 -3.87
C MET H 103 -18.96 -21.08 -3.12
N VAL H 104 -19.30 -21.28 -1.83
CA VAL H 104 -19.87 -20.21 -1.03
C VAL H 104 -18.91 -19.86 0.14
N ILE H 105 -18.36 -18.65 0.09
CA ILE H 105 -17.39 -18.16 1.06
C ILE H 105 -17.90 -16.91 1.83
N VAL H 106 -17.63 -16.85 3.13
CA VAL H 106 -17.88 -15.69 3.98
C VAL H 106 -16.55 -15.39 4.67
N LYS H 107 -15.85 -14.36 4.20
CA LYS H 107 -14.53 -14.01 4.72
C LYS H 107 -14.57 -12.79 5.65
N ASP H 108 -13.49 -12.60 6.42
CA ASP H 108 -13.32 -11.46 7.31
C ASP H 108 -14.39 -11.39 8.37
N ILE H 109 -14.81 -12.52 8.91
CA ILE H 109 -15.78 -12.57 9.98
C ILE H 109 -15.04 -12.18 11.26
N ASP H 110 -15.39 -11.04 11.88
CA ASP H 110 -14.72 -10.62 13.11
C ASP H 110 -14.98 -11.58 14.24
N MET H 111 -13.90 -12.07 14.83
CA MET H 111 -13.99 -13.03 15.90
C MET H 111 -13.41 -12.45 17.19
N PHE H 112 -14.11 -12.67 18.31
CA PHE H 112 -13.63 -12.24 19.63
C PHE H 112 -13.81 -13.45 20.53
N SER H 113 -12.72 -13.96 21.10
CA SER H 113 -12.78 -15.13 21.96
C SER H 113 -11.94 -14.96 23.25
N MET H 114 -11.91 -15.98 24.12
CA MET H 114 -11.14 -15.91 25.33
C MET H 114 -10.24 -17.09 25.49
N CYS H 115 -8.98 -16.83 25.84
CA CYS H 115 -8.00 -17.88 26.06
C CYS H 115 -8.36 -18.62 27.35
N GLU H 116 -8.66 -19.92 27.24
CA GLU H 116 -9.04 -20.73 28.40
C GLU H 116 -7.87 -20.98 29.36
N HIS H 117 -6.63 -20.68 28.98
CA HIS H 117 -5.48 -20.89 29.84
C HIS H 117 -5.29 -19.76 30.85
N HIS H 118 -5.42 -18.50 30.42
CA HIS H 118 -5.18 -17.33 31.28
C HIS H 118 -6.37 -16.40 31.41
N LEU H 119 -7.50 -16.70 30.74
CA LEU H 119 -8.69 -15.86 30.74
C LEU H 119 -8.41 -14.47 30.13
N VAL H 120 -7.57 -14.44 29.11
CA VAL H 120 -7.23 -13.20 28.41
C VAL H 120 -7.84 -13.27 27.01
N PRO H 121 -8.57 -12.25 26.59
CA PRO H 121 -9.18 -12.29 25.25
C PRO H 121 -8.22 -12.38 24.08
N PHE H 122 -8.61 -13.09 23.03
CA PHE H 122 -7.87 -13.16 21.79
C PHE H 122 -8.82 -12.81 20.64
N VAL H 123 -8.36 -11.99 19.71
CA VAL H 123 -9.22 -11.48 18.65
C VAL H 123 -8.65 -11.79 17.29
N GLY H 124 -9.51 -12.16 16.36
CA GLY H 124 -9.09 -12.45 15.01
C GLY H 124 -10.19 -12.37 13.98
N LYS H 125 -9.99 -13.09 12.88
CA LYS H 125 -10.90 -13.17 11.75
C LYS H 125 -11.08 -14.61 11.32
N VAL H 126 -12.30 -14.95 10.89
CA VAL H 126 -12.63 -16.30 10.42
C VAL H 126 -13.04 -16.25 8.95
N HIS H 127 -12.55 -17.20 8.18
CA HIS H 127 -12.88 -17.30 6.76
C HIS H 127 -13.49 -18.66 6.57
N ILE H 128 -14.72 -18.71 6.08
CA ILE H 128 -15.43 -19.97 5.88
C ILE H 128 -15.79 -20.15 4.43
N GLY H 129 -15.70 -21.38 3.96
CA GLY H 129 -16.09 -21.71 2.61
C GLY H 129 -16.65 -23.12 2.53
N TYR H 130 -17.56 -23.36 1.60
CA TYR H 130 -18.10 -24.68 1.39
C TYR H 130 -18.66 -24.82 -0.01
N LEU H 131 -18.75 -26.07 -0.46
CA LEU H 131 -19.35 -26.46 -1.73
C LEU H 131 -20.51 -27.32 -1.33
N PRO H 132 -21.74 -26.83 -1.56
CA PRO H 132 -22.91 -27.61 -1.11
C PRO H 132 -23.14 -28.92 -1.85
N ASN H 133 -23.81 -29.88 -1.19
CA ASN H 133 -24.18 -31.13 -1.83
C ASN H 133 -25.65 -30.92 -2.22
N LYS H 134 -26.55 -30.83 -1.24
CA LYS H 134 -27.97 -30.59 -1.51
C LYS H 134 -28.57 -29.53 -0.56
N GLN H 135 -27.90 -29.22 0.55
CA GLN H 135 -28.35 -28.23 1.52
C GLN H 135 -27.43 -27.01 1.57
N VAL H 136 -28.02 -25.83 1.54
CA VAL H 136 -27.28 -24.56 1.62
C VAL H 136 -27.70 -23.87 2.94
N LEU H 137 -26.75 -23.24 3.62
CA LEU H 137 -27.02 -22.53 4.87
C LEU H 137 -27.08 -21.05 4.57
N GLY H 138 -28.01 -20.35 5.22
CA GLY H 138 -28.15 -18.91 5.11
C GLY H 138 -26.89 -18.25 5.62
N LEU H 139 -26.29 -17.37 4.83
CA LEU H 139 -25.01 -16.69 5.10
C LEU H 139 -24.98 -15.97 6.47
N SER H 140 -26.13 -15.53 6.95
CA SER H 140 -26.23 -14.89 8.27
C SER H 140 -25.98 -15.96 9.36
N LYS H 141 -26.51 -17.18 9.15
CA LYS H 141 -26.36 -18.31 10.07
C LYS H 141 -24.93 -18.84 10.15
N LEU H 142 -24.14 -18.64 9.08
CA LEU H 142 -22.73 -19.04 8.99
C LEU H 142 -21.90 -18.32 10.06
N ALA H 143 -22.02 -16.99 10.10
CA ALA H 143 -21.30 -16.19 11.09
C ALA H 143 -21.89 -16.36 12.51
N ARG H 144 -23.15 -16.82 12.61
CA ARG H 144 -23.76 -17.12 13.89
C ARG H 144 -23.11 -18.35 14.54
N ILE H 145 -22.55 -19.29 13.73
CA ILE H 145 -21.82 -20.49 14.18
C ILE H 145 -20.54 -20.07 14.90
N VAL H 146 -19.84 -19.09 14.32
CA VAL H 146 -18.61 -18.51 14.86
C VAL H 146 -18.90 -17.81 16.21
N GLU H 147 -19.97 -16.99 16.28
CA GLU H 147 -20.30 -16.31 17.51
C GLU H 147 -20.59 -17.29 18.67
N ILE H 148 -21.12 -18.50 18.36
CA ILE H 148 -21.42 -19.52 19.37
C ILE H 148 -20.17 -20.15 19.97
N TYR H 149 -19.24 -20.58 19.12
CA TYR H 149 -18.01 -21.20 19.59
C TYR H 149 -16.98 -20.21 20.08
N SER H 150 -16.90 -19.02 19.46
CA SER H 150 -15.93 -18.03 19.87
C SER H 150 -16.26 -17.42 21.22
N ARG H 151 -17.55 -17.23 21.55
CA ARG H 151 -17.90 -16.68 22.86
C ARG H 151 -17.90 -17.78 23.93
N ARG H 152 -16.75 -18.41 24.15
CA ARG H 152 -16.52 -19.48 25.13
C ARG H 152 -15.03 -19.44 25.52
N LEU H 153 -14.64 -20.22 26.54
CA LEU H 153 -13.23 -20.33 26.93
C LEU H 153 -12.68 -21.30 25.92
N GLN H 154 -11.89 -20.78 25.02
CA GLN H 154 -11.40 -21.51 23.88
C GLN H 154 -9.90 -21.65 23.76
N VAL H 155 -9.52 -22.52 22.83
CA VAL H 155 -8.20 -22.80 22.30
C VAL H 155 -8.46 -22.70 20.78
N GLN H 156 -7.65 -21.85 20.08
CA GLN H 156 -7.84 -21.57 18.65
C GLN H 156 -8.07 -22.80 17.81
N GLU H 157 -7.27 -23.83 18.06
CA GLU H 157 -7.34 -25.08 17.34
C GLU H 157 -8.72 -25.71 17.47
N ARG H 158 -9.24 -25.79 18.72
CA ARG H 158 -10.53 -26.38 19.01
C ARG H 158 -11.65 -25.59 18.40
N LEU H 159 -11.61 -24.26 18.53
CA LEU H 159 -12.61 -23.37 17.97
C LEU H 159 -12.71 -23.56 16.45
N THR H 160 -11.57 -23.69 15.77
CA THR H 160 -11.53 -23.89 14.32
C THR H 160 -12.26 -25.17 13.92
N LYS H 161 -11.92 -26.27 14.60
CA LYS H 161 -12.46 -27.62 14.40
C LYS H 161 -13.97 -27.60 14.65
N GLN H 162 -14.39 -26.90 15.72
CA GLN H 162 -15.78 -26.78 16.12
C GLN H 162 -16.62 -26.12 15.07
N ILE H 163 -16.09 -25.06 14.45
CA ILE H 163 -16.81 -24.38 13.38
C ILE H 163 -17.04 -25.32 12.19
N ALA H 164 -15.95 -25.94 11.67
CA ALA H 164 -15.96 -26.86 10.53
C ALA H 164 -16.88 -28.05 10.72
N VAL H 165 -16.88 -28.64 11.91
CA VAL H 165 -17.75 -29.77 12.23
C VAL H 165 -19.21 -29.34 12.24
N ALA H 166 -19.51 -28.14 12.76
CA ALA H 166 -20.88 -27.63 12.78
C ALA H 166 -21.46 -27.52 11.35
N ILE H 167 -20.69 -26.96 10.42
CA ILE H 167 -21.07 -26.81 9.03
C ILE H 167 -21.24 -28.18 8.36
N THR H 168 -20.29 -29.09 8.59
CA THR H 168 -20.32 -30.43 8.01
C THR H 168 -21.54 -31.19 8.48
N GLU H 169 -21.82 -31.16 9.78
CA GLU H 169 -22.96 -31.89 10.35
C GLU H 169 -24.30 -31.31 9.91
N ALA H 170 -24.38 -29.97 9.83
CA ALA H 170 -25.62 -29.31 9.41
C ALA H 170 -25.96 -29.52 7.92
N LEU H 171 -25.01 -29.24 7.02
CA LEU H 171 -25.26 -29.29 5.60
C LEU H 171 -24.91 -30.57 4.89
N ARG H 172 -23.93 -31.32 5.42
CA ARG H 172 -23.34 -32.49 4.75
C ARG H 172 -22.84 -32.10 3.35
N PRO H 173 -21.91 -31.12 3.29
CA PRO H 173 -21.47 -30.60 1.99
C PRO H 173 -20.37 -31.42 1.35
N ALA H 174 -20.02 -31.08 0.10
CA ALA H 174 -18.96 -31.75 -0.64
C ALA H 174 -17.59 -31.44 -0.05
N GLY H 175 -17.39 -30.21 0.40
CA GLY H 175 -16.13 -29.79 1.01
C GLY H 175 -16.33 -28.59 1.90
N VAL H 176 -15.50 -28.46 2.93
CA VAL H 176 -15.57 -27.31 3.85
C VAL H 176 -14.16 -26.75 4.05
N GLY H 177 -14.07 -25.46 4.29
CA GLY H 177 -12.80 -24.81 4.56
C GLY H 177 -12.96 -23.77 5.64
N VAL H 178 -12.23 -23.90 6.76
CA VAL H 178 -12.30 -22.91 7.84
C VAL H 178 -10.89 -22.42 8.14
N VAL H 179 -10.70 -21.10 8.14
CA VAL H 179 -9.42 -20.50 8.44
C VAL H 179 -9.62 -19.46 9.53
N VAL H 180 -8.89 -19.62 10.63
CA VAL H 180 -8.95 -18.68 11.73
C VAL H 180 -7.59 -18.05 11.87
N GLU H 181 -7.50 -16.73 11.78
CA GLU H 181 -6.24 -16.03 11.96
C GLU H 181 -6.44 -15.09 13.12
N ALA H 182 -5.68 -15.26 14.19
CA ALA H 182 -5.87 -14.46 15.39
C ALA H 182 -4.56 -13.96 15.98
N THR H 183 -4.65 -12.92 16.81
CA THR H 183 -3.53 -12.35 17.56
C THR H 183 -3.88 -12.52 19.06
N HIS H 184 -3.11 -13.37 19.77
CA HIS H 184 -3.37 -13.68 21.17
C HIS H 184 -2.79 -12.63 22.12
N SER H 197 3.19 -11.17 15.32
CA SER H 197 3.05 -12.64 15.44
C SER H 197 1.61 -13.13 15.45
N LYS H 198 1.18 -13.75 14.34
CA LYS H 198 -0.18 -14.25 14.20
C LYS H 198 -0.26 -15.76 14.22
N THR H 199 -1.39 -16.29 14.68
CA THR H 199 -1.62 -17.73 14.72
C THR H 199 -2.72 -18.06 13.73
N VAL H 200 -2.42 -18.91 12.77
CA VAL H 200 -3.39 -19.29 11.74
C VAL H 200 -3.67 -20.79 11.88
N THR H 201 -4.95 -21.15 12.01
CA THR H 201 -5.37 -22.55 12.06
C THR H 201 -6.30 -22.78 10.85
N SER H 202 -6.11 -23.90 10.13
CA SER H 202 -6.85 -24.16 8.92
C SER H 202 -7.40 -25.59 8.83
N THR H 203 -8.72 -25.74 8.64
CA THR H 203 -9.37 -27.04 8.46
C THR H 203 -9.90 -27.14 7.02
N MET H 204 -9.49 -28.18 6.29
CA MET H 204 -9.91 -28.41 4.91
C MET H 204 -10.55 -29.79 4.89
N LEU H 205 -11.85 -29.87 4.65
CA LEU H 205 -12.57 -31.14 4.60
C LEU H 205 -13.12 -31.42 3.22
N GLY H 206 -13.25 -32.71 2.91
CA GLY H 206 -13.83 -33.18 1.66
C GLY H 206 -13.11 -32.69 0.45
N VAL H 207 -13.86 -32.18 -0.53
CA VAL H 207 -13.35 -31.66 -1.79
C VAL H 207 -12.32 -30.53 -1.57
N PHE H 208 -12.44 -29.77 -0.45
CA PHE H 208 -11.45 -28.73 -0.11
C PHE H 208 -10.10 -29.35 0.22
N ARG H 209 -10.08 -30.55 0.82
CA ARG H 209 -8.82 -31.23 1.13
C ARG H 209 -8.31 -31.98 -0.12
N GLU H 210 -9.21 -32.72 -0.79
CA GLU H 210 -8.84 -33.60 -1.90
C GLU H 210 -8.61 -32.91 -3.26
N ASP H 211 -9.38 -31.88 -3.60
CA ASP H 211 -9.25 -31.21 -4.89
C ASP H 211 -8.31 -30.03 -4.79
N PRO H 212 -7.19 -30.09 -5.55
CA PRO H 212 -6.24 -28.98 -5.54
C PRO H 212 -6.84 -27.69 -6.09
N LYS H 213 -7.72 -27.80 -7.10
CA LYS H 213 -8.36 -26.65 -7.72
C LYS H 213 -9.28 -25.98 -6.70
N THR H 214 -10.05 -26.78 -5.96
CA THR H 214 -10.95 -26.27 -4.94
C THR H 214 -10.22 -25.55 -3.82
N ARG H 215 -9.13 -26.16 -3.26
CA ARG H 215 -8.38 -25.52 -2.19
C ARG H 215 -7.69 -24.22 -2.64
N GLU H 216 -7.11 -24.21 -3.84
CA GLU H 216 -6.43 -23.04 -4.38
C GLU H 216 -7.44 -21.89 -4.54
N GLU H 217 -8.64 -22.21 -5.05
CA GLU H 217 -9.74 -21.26 -5.24
C GLU H 217 -10.20 -20.66 -3.91
N PHE H 218 -10.37 -21.50 -2.89
CA PHE H 218 -10.76 -21.02 -1.57
C PHE H 218 -9.70 -20.07 -1.02
N LEU H 219 -8.46 -20.50 -0.96
CA LEU H 219 -7.37 -19.72 -0.45
C LEU H 219 -7.14 -18.44 -1.21
N THR H 220 -7.40 -18.41 -2.52
CA THR H 220 -7.21 -17.18 -3.28
C THR H 220 -8.36 -16.22 -3.05
N LEU H 221 -9.58 -16.74 -3.08
CA LEU H 221 -10.76 -15.92 -2.88
C LEU H 221 -10.88 -15.32 -1.48
N ILE H 222 -10.33 -15.97 -0.43
CA ILE H 222 -10.37 -15.38 0.92
C ILE H 222 -9.39 -14.20 1.10
N ARG H 223 -8.55 -13.91 0.09
CA ARG H 223 -7.57 -12.84 0.15
C ARG H 223 -8.09 -11.63 -0.60
N LEU I 42 -45.61 -2.72 14.26
CA LEU I 42 -45.00 -3.80 13.49
C LEU I 42 -45.95 -4.43 12.45
N PRO I 43 -47.21 -4.81 12.77
CA PRO I 43 -48.09 -5.38 11.73
C PRO I 43 -48.46 -4.36 10.65
N ASN I 44 -48.50 -3.05 10.98
CA ASN I 44 -48.80 -2.00 10.00
C ASN I 44 -47.66 -1.79 9.02
N LEU I 45 -46.41 -2.05 9.47
CA LEU I 45 -45.23 -1.96 8.61
C LEU I 45 -45.20 -3.18 7.71
N ALA I 46 -45.42 -4.39 8.27
CA ALA I 46 -45.44 -5.63 7.50
C ALA I 46 -46.54 -5.60 6.44
N ALA I 47 -47.69 -4.98 6.75
CA ALA I 47 -48.79 -4.85 5.78
C ALA I 47 -48.34 -4.01 4.59
N ALA I 48 -47.64 -2.89 4.84
CA ALA I 48 -47.13 -2.02 3.80
C ALA I 48 -46.04 -2.69 2.99
N TYR I 49 -45.20 -3.53 3.63
CA TYR I 49 -44.15 -4.28 2.94
C TYR I 49 -44.71 -5.38 2.05
N SER I 50 -45.83 -5.99 2.45
CA SER I 50 -46.49 -6.99 1.63
C SER I 50 -47.08 -6.32 0.38
N SER I 51 -47.65 -5.13 0.54
CA SER I 51 -48.19 -4.34 -0.56
C SER I 51 -47.09 -3.97 -1.55
N ILE I 52 -45.88 -3.68 -1.05
CA ILE I 52 -44.73 -3.32 -1.87
C ILE I 52 -44.32 -4.50 -2.72
N LEU I 53 -44.24 -5.70 -2.12
CA LEU I 53 -43.89 -6.92 -2.84
C LEU I 53 -44.86 -7.19 -4.01
N SER I 54 -46.17 -7.06 -3.74
CA SER I 54 -47.19 -7.24 -4.76
C SER I 54 -47.09 -6.17 -5.85
N SER I 55 -46.86 -4.90 -5.45
CA SER I 55 -46.73 -3.78 -6.40
C SER I 55 -45.50 -3.88 -7.29
N LEU I 56 -44.51 -4.70 -6.92
CA LEU I 56 -43.30 -4.86 -7.73
C LEU I 56 -43.38 -5.96 -8.79
N GLY I 57 -44.52 -6.61 -8.93
CA GLY I 57 -44.68 -7.71 -9.87
C GLY I 57 -43.90 -8.90 -9.34
N GLU I 58 -44.15 -9.23 -8.09
CA GLU I 58 -43.48 -10.31 -7.40
C GLU I 58 -44.51 -11.11 -6.58
N ASN I 59 -44.29 -12.42 -6.43
CA ASN I 59 -45.18 -13.33 -5.70
C ASN I 59 -44.86 -13.33 -4.22
N PRO I 60 -45.70 -12.70 -3.36
CA PRO I 60 -45.39 -12.68 -1.92
C PRO I 60 -45.54 -14.04 -1.22
N GLN I 61 -46.15 -15.02 -1.89
CA GLN I 61 -46.29 -16.37 -1.31
C GLN I 61 -45.13 -17.31 -1.69
N ARG I 62 -44.06 -16.79 -2.34
CA ARG I 62 -42.85 -17.53 -2.69
C ARG I 62 -42.20 -18.07 -1.41
N GLN I 63 -41.41 -19.15 -1.50
CA GLN I 63 -40.71 -19.68 -0.32
C GLN I 63 -39.85 -18.60 0.40
N GLY I 64 -38.96 -17.95 -0.34
CA GLY I 64 -38.09 -16.91 0.21
C GLY I 64 -38.74 -15.58 0.51
N LEU I 65 -40.01 -15.40 0.10
CA LEU I 65 -40.71 -14.13 0.31
C LEU I 65 -41.86 -14.19 1.31
N LEU I 66 -42.10 -15.35 1.93
CA LEU I 66 -43.23 -15.50 2.85
C LEU I 66 -43.05 -14.68 4.12
N LYS I 67 -41.84 -14.74 4.71
CA LYS I 67 -41.52 -14.00 5.93
C LYS I 67 -40.98 -12.59 5.67
N THR I 68 -40.70 -12.24 4.40
CA THR I 68 -40.13 -10.95 4.00
C THR I 68 -40.92 -9.73 4.52
N PRO I 69 -42.28 -9.63 4.50
CA PRO I 69 -42.92 -8.41 5.04
C PRO I 69 -42.61 -8.16 6.52
N TRP I 70 -42.51 -9.23 7.33
CA TRP I 70 -42.19 -9.14 8.75
C TRP I 70 -40.72 -8.79 8.98
N ARG I 71 -39.82 -9.41 8.20
CA ARG I 71 -38.37 -9.22 8.28
C ARG I 71 -38.00 -7.79 7.86
N ALA I 72 -38.64 -7.29 6.80
CA ALA I 72 -38.41 -5.93 6.29
C ALA I 72 -38.92 -4.92 7.33
N ALA I 73 -40.07 -5.18 7.94
CA ALA I 73 -40.62 -4.32 8.98
C ALA I 73 -39.68 -4.29 10.19
N SER I 74 -39.16 -5.45 10.61
CA SER I 74 -38.24 -5.53 11.73
C SER I 74 -36.91 -4.82 11.44
N ALA I 75 -36.43 -4.91 10.18
CA ALA I 75 -35.21 -4.26 9.74
C ALA I 75 -35.40 -2.75 9.77
N MET I 76 -36.51 -2.24 9.21
CA MET I 76 -36.81 -0.82 9.20
C MET I 76 -36.93 -0.25 10.62
N GLN I 77 -37.42 -1.07 11.58
CA GLN I 77 -37.53 -0.68 12.99
C GLN I 77 -36.14 -0.53 13.62
N PHE I 78 -35.21 -1.41 13.25
CA PHE I 78 -33.84 -1.38 13.74
C PHE I 78 -33.09 -0.17 13.15
N PHE I 79 -33.34 0.17 11.88
CA PHE I 79 -32.70 1.33 11.25
C PHE I 79 -33.20 2.66 11.81
N THR I 80 -34.35 2.66 12.51
CA THR I 80 -34.91 3.86 13.11
C THR I 80 -35.04 3.73 14.64
N LYS I 81 -34.22 2.87 15.28
CA LYS I 81 -34.26 2.68 16.73
C LYS I 81 -33.79 3.88 17.55
N GLY I 82 -33.08 4.80 16.91
CA GLY I 82 -32.58 6.00 17.56
C GLY I 82 -33.67 6.96 18.01
N TYR I 83 -34.87 6.83 17.44
CA TYR I 83 -36.03 7.61 17.82
C TYR I 83 -36.50 7.21 19.24
N GLN I 84 -36.28 5.92 19.63
CA GLN I 84 -36.61 5.36 20.95
C GLN I 84 -35.71 5.91 22.08
N GLU I 85 -34.64 6.67 21.75
CA GLU I 85 -33.72 7.20 22.74
C GLU I 85 -33.62 8.74 22.76
N THR I 86 -33.31 9.26 23.94
CA THR I 86 -33.13 10.69 24.21
C THR I 86 -31.65 10.92 24.55
N ILE I 87 -31.11 12.08 24.17
CA ILE I 87 -29.72 12.43 24.45
C ILE I 87 -29.40 12.38 25.96
N SER I 88 -30.42 12.64 26.79
CA SER I 88 -30.41 12.63 28.25
C SER I 88 -29.79 11.34 28.83
N ASP I 89 -29.78 10.25 28.05
CA ASP I 89 -29.22 8.96 28.45
C ASP I 89 -27.77 8.81 27.93
N HIS I 100 -8.89 17.34 31.52
CA HIS I 100 -7.70 16.50 31.37
C HIS I 100 -6.55 17.22 30.63
N ASP I 101 -6.84 18.31 29.90
CA ASP I 101 -5.84 19.12 29.18
C ASP I 101 -5.14 18.36 28.04
N GLU I 102 -5.93 17.76 27.14
CA GLU I 102 -5.42 16.98 26.02
C GLU I 102 -6.51 16.72 24.98
N MET I 103 -6.08 16.48 23.72
CA MET I 103 -7.03 16.22 22.65
C MET I 103 -7.53 14.79 22.66
N VAL I 104 -8.84 14.61 22.74
CA VAL I 104 -9.42 13.27 22.78
C VAL I 104 -10.16 12.98 21.48
N ILE I 105 -9.75 11.92 20.77
CA ILE I 105 -10.33 11.52 19.48
C ILE I 105 -10.82 10.07 19.48
N VAL I 106 -11.96 9.82 18.81
CA VAL I 106 -12.48 8.49 18.57
C VAL I 106 -12.76 8.47 17.07
N LYS I 107 -11.91 7.79 16.30
CA LYS I 107 -12.04 7.73 14.86
C LYS I 107 -12.58 6.38 14.36
N ASP I 108 -13.03 6.35 13.10
CA ASP I 108 -13.52 5.16 12.43
C ASP I 108 -14.72 4.55 13.12
N ILE I 109 -15.63 5.39 13.60
CA ILE I 109 -16.84 4.91 14.23
C ILE I 109 -17.77 4.50 13.09
N ASP I 110 -18.11 3.21 12.99
CA ASP I 110 -19.01 2.75 11.93
C ASP I 110 -20.39 3.34 12.06
N MET I 111 -20.85 3.97 11.00
CA MET I 111 -22.13 4.63 10.99
C MET I 111 -23.04 3.99 9.97
N PHE I 112 -24.30 3.73 10.33
CA PHE I 112 -25.29 3.17 9.42
C PHE I 112 -26.52 4.05 9.60
N SER I 113 -26.94 4.73 8.54
CA SER I 113 -28.10 5.62 8.61
C SER I 113 -29.08 5.41 7.44
N MET I 114 -30.19 6.15 7.39
CA MET I 114 -31.18 5.99 6.33
C MET I 114 -31.53 7.31 5.67
N CYS I 115 -31.29 7.45 4.34
CA CYS I 115 -31.63 8.70 3.64
C CYS I 115 -33.13 9.00 3.76
N GLU I 116 -33.46 10.17 4.30
CA GLU I 116 -34.86 10.54 4.49
C GLU I 116 -35.57 10.99 3.23
N HIS I 117 -34.91 10.96 2.08
CA HIS I 117 -35.53 11.31 0.81
C HIS I 117 -36.06 10.07 0.08
N HIS I 118 -35.28 8.98 0.07
CA HIS I 118 -35.65 7.76 -0.66
C HIS I 118 -35.77 6.52 0.22
N LEU I 119 -35.52 6.64 1.53
CA LEU I 119 -35.53 5.50 2.45
C LEU I 119 -34.49 4.43 2.07
N VAL I 120 -33.35 4.88 1.57
CA VAL I 120 -32.26 3.99 1.19
C VAL I 120 -31.13 4.19 2.17
N PRO I 121 -30.58 3.11 2.75
CA PRO I 121 -29.51 3.26 3.72
C PRO I 121 -28.24 3.88 3.15
N PHE I 122 -27.57 4.67 3.96
CA PHE I 122 -26.26 5.24 3.64
C PHE I 122 -25.32 4.88 4.76
N VAL I 123 -24.13 4.43 4.42
CA VAL I 123 -23.19 3.92 5.39
C VAL I 123 -21.88 4.68 5.34
N GLY I 124 -21.32 4.98 6.49
CA GLY I 124 -20.06 5.68 6.54
C GLY I 124 -19.31 5.51 7.84
N LYS I 125 -18.44 6.49 8.12
CA LYS I 125 -17.62 6.55 9.30
C LYS I 125 -17.67 7.93 9.93
N VAL I 126 -17.64 7.96 11.28
CA VAL I 126 -17.64 9.21 12.04
C VAL I 126 -16.34 9.35 12.83
N HIS I 127 -15.78 10.54 12.79
CA HIS I 127 -14.56 10.85 13.52
C HIS I 127 -14.90 11.99 14.44
N ILE I 128 -14.71 11.78 15.74
CA ILE I 128 -15.02 12.78 16.74
C ILE I 128 -13.77 13.16 17.51
N GLY I 129 -13.66 14.43 17.83
CA GLY I 129 -12.56 14.94 18.62
C GLY I 129 -13.01 16.08 19.49
N TYR I 130 -12.36 16.26 20.64
CA TYR I 130 -12.69 17.36 21.52
C TYR I 130 -11.58 17.69 22.49
N LEU I 131 -11.57 18.94 22.92
CA LEU I 131 -10.66 19.42 23.95
C LEU I 131 -11.53 19.75 25.13
N PRO I 132 -11.42 19.01 26.23
CA PRO I 132 -12.31 19.24 27.36
C PRO I 132 -12.07 20.54 28.12
N ASN I 133 -13.12 21.05 28.80
CA ASN I 133 -12.98 22.23 29.63
C ASN I 133 -12.87 21.70 31.06
N LYS I 134 -13.95 21.10 31.58
CA LYS I 134 -13.98 20.54 32.93
C LYS I 134 -14.59 19.14 32.96
N GLN I 135 -15.37 18.79 31.91
CA GLN I 135 -16.06 17.52 31.81
C GLN I 135 -15.51 16.67 30.68
N VAL I 136 -15.23 15.40 30.98
CA VAL I 136 -14.77 14.44 29.99
C VAL I 136 -15.87 13.39 29.81
N LEU I 137 -16.11 12.94 28.57
CA LEU I 137 -17.15 11.96 28.29
C LEU I 137 -16.51 10.60 28.15
N GLY I 138 -17.18 9.58 28.66
CA GLY I 138 -16.74 8.19 28.51
C GLY I 138 -16.74 7.83 27.04
N LEU I 139 -15.61 7.27 26.55
CA LEU I 139 -15.41 6.93 25.13
C LEU I 139 -16.50 6.00 24.54
N SER I 140 -17.14 5.20 25.38
CA SER I 140 -18.24 4.35 24.96
C SER I 140 -19.46 5.21 24.63
N LYS I 141 -19.70 6.27 25.42
CA LYS I 141 -20.81 7.21 25.28
C LYS I 141 -20.72 8.07 24.01
N LEU I 142 -19.51 8.34 23.49
CA LEU I 142 -19.37 9.09 22.24
C LEU I 142 -20.03 8.31 21.10
N ALA I 143 -19.84 7.00 21.09
CA ALA I 143 -20.41 6.11 20.08
C ALA I 143 -21.91 5.98 20.24
N ARG I 144 -22.42 6.07 21.47
CA ARG I 144 -23.84 6.01 21.69
C ARG I 144 -24.57 7.24 21.14
N ILE I 145 -23.89 8.41 21.12
CA ILE I 145 -24.43 9.65 20.54
C ILE I 145 -24.59 9.46 19.04
N VAL I 146 -23.58 8.88 18.39
CA VAL I 146 -23.58 8.63 16.96
C VAL I 146 -24.71 7.67 16.57
N GLU I 147 -24.96 6.66 17.40
CA GLU I 147 -25.98 5.66 17.20
C GLU I 147 -27.38 6.25 17.34
N ILE I 148 -27.61 7.14 18.33
CA ILE I 148 -28.92 7.75 18.54
C ILE I 148 -29.36 8.58 17.34
N TYR I 149 -28.45 9.38 16.79
CA TYR I 149 -28.78 10.21 15.64
C TYR I 149 -28.72 9.48 14.32
N SER I 150 -27.81 8.51 14.14
CA SER I 150 -27.70 7.81 12.85
C SER I 150 -28.85 6.86 12.60
N ARG I 151 -29.40 6.26 13.67
CA ARG I 151 -30.54 5.34 13.52
C ARG I 151 -31.84 6.13 13.46
N ARG I 152 -31.95 6.98 12.43
CA ARG I 152 -33.06 7.88 12.15
C ARG I 152 -33.10 8.17 10.65
N LEU I 153 -34.22 8.73 10.16
CA LEU I 153 -34.30 9.15 8.77
C LEU I 153 -33.52 10.46 8.72
N GLN I 154 -32.31 10.39 8.16
CA GLN I 154 -31.37 11.50 8.20
C GLN I 154 -30.98 12.13 6.85
N VAL I 155 -30.29 13.27 6.96
CA VAL I 155 -29.60 14.03 5.94
C VAL I 155 -28.22 14.19 6.58
N GLN I 156 -27.14 13.76 5.88
CA GLN I 156 -25.78 13.76 6.44
C GLN I 156 -25.38 15.06 7.16
N GLU I 157 -25.73 16.21 6.56
CA GLU I 157 -25.44 17.52 7.11
C GLU I 157 -26.09 17.67 8.49
N ARG I 158 -27.38 17.32 8.61
CA ARG I 158 -28.10 17.42 9.87
C ARG I 158 -27.51 16.49 10.90
N LEU I 159 -27.22 15.26 10.51
CA LEU I 159 -26.65 14.26 11.40
C LEU I 159 -25.33 14.75 12.03
N THR I 160 -24.47 15.40 11.23
CA THR I 160 -23.19 15.94 11.65
C THR I 160 -23.42 17.07 12.67
N LYS I 161 -24.37 17.96 12.37
CA LYS I 161 -24.75 19.09 13.20
C LYS I 161 -25.23 18.59 14.55
N GLN I 162 -26.09 17.57 14.54
CA GLN I 162 -26.65 16.96 15.74
C GLN I 162 -25.60 16.37 16.72
N ILE I 163 -24.70 15.50 16.23
CA ILE I 163 -23.63 14.90 17.04
C ILE I 163 -22.70 15.93 17.68
N ALA I 164 -22.33 17.00 16.94
CA ALA I 164 -21.49 18.09 17.45
C ALA I 164 -22.23 18.89 18.55
N VAL I 165 -23.53 19.18 18.34
CA VAL I 165 -24.33 19.92 19.32
C VAL I 165 -24.54 19.08 20.59
N ALA I 166 -24.72 17.76 20.43
CA ALA I 166 -24.92 16.86 21.56
C ALA I 166 -23.67 16.88 22.46
N ILE I 167 -22.46 16.80 21.86
CA ILE I 167 -21.22 16.84 22.60
C ILE I 167 -21.05 18.18 23.28
N THR I 168 -21.25 19.28 22.54
CA THR I 168 -21.11 20.63 23.07
C THR I 168 -22.02 20.87 24.27
N GLU I 169 -23.29 20.49 24.15
CA GLU I 169 -24.25 20.68 25.22
C GLU I 169 -23.95 19.81 26.43
N ALA I 170 -23.51 18.56 26.20
CA ALA I 170 -23.18 17.65 27.28
C ALA I 170 -21.89 18.01 28.04
N LEU I 171 -20.78 18.24 27.33
CA LEU I 171 -19.49 18.49 27.98
C LEU I 171 -19.08 19.94 28.13
N ARG I 172 -19.71 20.88 27.39
CA ARG I 172 -19.30 22.29 27.34
C ARG I 172 -17.78 22.40 27.16
N PRO I 173 -17.26 21.80 26.05
CA PRO I 173 -15.80 21.73 25.88
C PRO I 173 -15.20 22.97 25.27
N ALA I 174 -13.85 23.05 25.36
CA ALA I 174 -13.03 24.10 24.75
C ALA I 174 -13.25 24.10 23.25
N GLY I 175 -13.41 22.91 22.66
CA GLY I 175 -13.68 22.73 21.25
C GLY I 175 -14.15 21.33 20.88
N VAL I 176 -14.79 21.20 19.72
CA VAL I 176 -15.30 19.92 19.20
C VAL I 176 -15.02 19.85 17.68
N GLY I 177 -14.85 18.65 17.16
CA GLY I 177 -14.64 18.39 15.75
C GLY I 177 -15.38 17.12 15.38
N VAL I 178 -16.32 17.22 14.44
CA VAL I 178 -17.10 16.05 14.00
C VAL I 178 -16.95 15.92 12.48
N VAL I 179 -16.47 14.76 11.99
CA VAL I 179 -16.31 14.50 10.57
C VAL I 179 -17.08 13.23 10.20
N VAL I 180 -18.02 13.35 9.26
CA VAL I 180 -18.79 12.22 8.77
C VAL I 180 -18.45 12.01 7.31
N GLU I 181 -17.96 10.82 6.95
CA GLU I 181 -17.67 10.51 5.56
C GLU I 181 -18.52 9.31 5.20
N ALA I 182 -19.45 9.49 4.25
CA ALA I 182 -20.37 8.44 3.88
C ALA I 182 -20.49 8.21 2.38
N THR I 183 -20.99 7.01 1.98
CA THR I 183 -21.28 6.67 0.59
C THR I 183 -22.79 6.43 0.51
N HIS I 184 -23.51 7.29 -0.22
CA HIS I 184 -24.98 7.20 -0.33
C HIS I 184 -25.41 6.21 -1.43
N SER I 197 -17.61 7.99 -5.37
CA SER I 197 -18.02 9.31 -4.89
C SER I 197 -18.50 9.36 -3.42
N LYS I 198 -17.75 10.06 -2.58
CA LYS I 198 -18.04 10.16 -1.16
C LYS I 198 -18.48 11.55 -0.72
N THR I 199 -19.30 11.62 0.33
CA THR I 199 -19.76 12.88 0.87
C THR I 199 -19.13 13.07 2.24
N VAL I 200 -18.40 14.16 2.43
CA VAL I 200 -17.76 14.44 3.71
C VAL I 200 -18.35 15.72 4.30
N THR I 201 -18.89 15.63 5.52
CA THR I 201 -19.43 16.79 6.22
C THR I 201 -18.58 17.00 7.48
N SER I 202 -18.20 18.25 7.76
CA SER I 202 -17.30 18.54 8.86
C SER I 202 -17.75 19.73 9.70
N THR I 203 -17.90 19.53 11.02
CA THR I 203 -18.26 20.59 11.96
C THR I 203 -17.08 20.87 12.90
N MET I 204 -16.62 22.13 12.93
CA MET I 204 -15.50 22.53 13.78
C MET I 204 -16.00 23.63 14.70
N LEU I 205 -16.08 23.33 16.01
CA LEU I 205 -16.56 24.31 16.97
C LEU I 205 -15.46 24.70 17.96
N GLY I 206 -15.53 25.95 18.42
CA GLY I 206 -14.64 26.47 19.43
C GLY I 206 -13.19 26.56 19.05
N VAL I 207 -12.32 26.00 19.87
CA VAL I 207 -10.88 26.03 19.60
C VAL I 207 -10.53 25.22 18.30
N PHE I 208 -11.39 24.24 17.92
CA PHE I 208 -11.20 23.48 16.68
C PHE I 208 -11.43 24.39 15.49
N ARG I 209 -12.35 25.37 15.59
CA ARG I 209 -12.58 26.31 14.51
C ARG I 209 -11.52 27.44 14.54
N GLU I 210 -11.26 27.98 15.73
CA GLU I 210 -10.41 29.16 15.87
C GLU I 210 -8.89 28.91 15.86
N ASP I 211 -8.44 27.77 16.40
CA ASP I 211 -7.02 27.51 16.48
C ASP I 211 -6.56 26.69 15.31
N PRO I 212 -5.65 27.26 14.48
CA PRO I 212 -5.13 26.50 13.33
C PRO I 212 -4.37 25.25 13.75
N LYS I 213 -3.64 25.33 14.88
CA LYS I 213 -2.87 24.21 15.39
C LYS I 213 -3.79 23.08 15.79
N THR I 214 -4.87 23.41 16.50
CA THR I 214 -5.86 22.45 16.95
C THR I 214 -6.54 21.75 15.77
N ARG I 215 -6.99 22.51 14.74
CA ARG I 215 -7.68 21.90 13.62
C ARG I 215 -6.77 21.01 12.80
N GLU I 216 -5.51 21.45 12.54
CA GLU I 216 -4.52 20.68 11.77
C GLU I 216 -4.26 19.34 12.48
N GLU I 217 -4.08 19.40 13.82
CA GLU I 217 -3.87 18.23 14.67
C GLU I 217 -5.04 17.23 14.63
N PHE I 218 -6.30 17.70 14.76
CA PHE I 218 -7.45 16.82 14.69
C PHE I 218 -7.52 16.13 13.32
N LEU I 219 -7.41 16.93 12.24
CA LEU I 219 -7.47 16.41 10.89
C LEU I 219 -6.35 15.44 10.57
N THR I 220 -5.16 15.65 11.15
CA THR I 220 -4.05 14.74 10.90
C THR I 220 -4.20 13.44 11.67
N LEU I 221 -4.63 13.54 12.95
CA LEU I 221 -4.77 12.38 13.79
C LEU I 221 -5.93 11.48 13.39
N ILE I 222 -6.97 12.01 12.71
CA ILE I 222 -8.05 11.13 12.25
C ILE I 222 -7.68 10.33 10.97
N ARG I 223 -6.46 10.52 10.42
CA ARG I 223 -5.98 9.82 9.25
C ARG I 223 -5.08 8.70 9.68
N GLU J 36 -43.63 1.06 -18.07
CA GLU J 36 -44.67 0.09 -18.40
C GLU J 36 -45.72 0.01 -17.24
N ASP J 37 -45.83 -1.13 -16.53
CA ASP J 37 -46.75 -1.31 -15.41
C ASP J 37 -46.35 -0.46 -14.20
N ASN J 38 -45.07 -0.01 -14.14
CA ASN J 38 -44.55 0.84 -13.06
C ASN J 38 -45.26 2.20 -12.99
N GLU J 39 -45.99 2.60 -14.04
CA GLU J 39 -46.78 3.83 -14.01
C GLU J 39 -48.08 3.58 -13.20
N LEU J 40 -48.67 2.38 -13.34
CA LEU J 40 -49.92 2.00 -12.66
C LEU J 40 -49.68 1.65 -11.19
N ASN J 41 -48.53 1.04 -10.88
CA ASN J 41 -48.21 0.65 -9.50
C ASN J 41 -47.52 1.72 -8.68
N LEU J 42 -47.03 2.79 -9.32
CA LEU J 42 -46.33 3.87 -8.62
C LEU J 42 -47.18 4.52 -7.50
N PRO J 43 -48.47 4.88 -7.71
CA PRO J 43 -49.24 5.45 -6.58
C PRO J 43 -49.49 4.45 -5.45
N ASN J 44 -49.58 3.15 -5.76
CA ASN J 44 -49.78 2.09 -4.76
C ASN J 44 -48.51 1.85 -3.92
N LEU J 45 -47.32 2.07 -4.53
CA LEU J 45 -46.04 1.95 -3.84
C LEU J 45 -45.80 3.21 -2.97
N ALA J 46 -46.21 4.40 -3.49
CA ALA J 46 -46.11 5.65 -2.76
C ALA J 46 -47.01 5.59 -1.51
N ALA J 47 -48.21 5.02 -1.65
CA ALA J 47 -49.16 4.86 -0.54
C ALA J 47 -48.58 3.99 0.58
N ALA J 48 -47.91 2.89 0.21
CA ALA J 48 -47.29 1.97 1.17
C ALA J 48 -46.12 2.64 1.87
N TYR J 49 -45.35 3.48 1.15
CA TYR J 49 -44.23 4.20 1.75
C TYR J 49 -44.68 5.28 2.71
N SER J 50 -45.84 5.90 2.44
CA SER J 50 -46.41 6.89 3.35
C SER J 50 -46.85 6.19 4.64
N SER J 51 -47.42 5.00 4.52
CA SER J 51 -47.83 4.19 5.66
C SER J 51 -46.63 3.82 6.52
N ILE J 52 -45.48 3.55 5.89
CA ILE J 52 -44.24 3.19 6.58
C ILE J 52 -43.75 4.37 7.41
N LEU J 53 -43.76 5.57 6.81
CA LEU J 53 -43.33 6.80 7.49
C LEU J 53 -44.18 7.06 8.75
N SER J 54 -45.51 6.90 8.62
CA SER J 54 -46.43 7.07 9.74
C SER J 54 -46.20 6.00 10.81
N SER J 55 -46.00 4.74 10.40
CA SER J 55 -45.76 3.62 11.31
C SER J 55 -44.43 3.73 12.07
N LEU J 56 -43.49 4.58 11.61
CA LEU J 56 -42.20 4.77 12.28
C LEU J 56 -42.19 5.86 13.35
N GLY J 57 -43.34 6.47 13.62
CA GLY J 57 -43.43 7.56 14.58
C GLY J 57 -42.76 8.78 14.00
N GLU J 58 -43.15 9.10 12.76
CA GLU J 58 -42.58 10.21 12.01
C GLU J 58 -43.70 10.96 11.28
N ASN J 59 -43.54 12.28 11.10
CA ASN J 59 -44.53 13.14 10.43
C ASN J 59 -44.33 13.14 8.92
N PRO J 60 -45.21 12.49 8.15
CA PRO J 60 -45.03 12.46 6.69
C PRO J 60 -45.26 13.81 5.98
N GLN J 61 -45.83 14.79 6.68
CA GLN J 61 -46.04 16.12 6.11
C GLN J 61 -44.86 17.09 6.41
N ARG J 62 -43.74 16.59 6.96
CA ARG J 62 -42.52 17.34 7.22
C ARG J 62 -41.98 17.90 5.89
N GLN J 63 -41.20 18.99 5.93
CA GLN J 63 -40.60 19.54 4.71
C GLN J 63 -39.82 18.47 3.88
N GLY J 64 -38.84 17.82 4.52
CA GLY J 64 -38.03 16.80 3.87
C GLY J 64 -38.68 15.46 3.64
N LEU J 65 -39.90 15.25 4.16
CA LEU J 65 -40.61 13.98 3.99
C LEU J 65 -41.85 14.04 3.11
N LEU J 66 -42.16 15.20 2.52
CA LEU J 66 -43.37 15.36 1.70
C LEU J 66 -43.35 14.56 0.41
N LYS J 67 -42.31 14.72 -0.44
CA LYS J 67 -42.23 13.95 -1.69
C LYS J 67 -41.46 12.61 -1.52
N THR J 68 -41.08 12.27 -0.28
CA THR J 68 -40.41 11.02 0.08
C THR J 68 -41.26 9.80 -0.31
N PRO J 69 -42.61 9.72 -0.10
CA PRO J 69 -43.34 8.52 -0.56
C PRO J 69 -43.24 8.30 -2.07
N TRP J 70 -43.15 9.38 -2.87
CA TRP J 70 -42.98 9.28 -4.32
C TRP J 70 -41.54 8.85 -4.67
N ARG J 71 -40.53 9.48 -4.02
CA ARG J 71 -39.10 9.24 -4.23
C ARG J 71 -38.66 7.84 -3.80
N ALA J 72 -39.17 7.36 -2.67
CA ALA J 72 -38.89 6.02 -2.15
C ALA J 72 -39.49 4.97 -3.06
N ALA J 73 -40.70 5.24 -3.62
CA ALA J 73 -41.41 4.36 -4.55
C ALA J 73 -40.66 4.31 -5.88
N SER J 74 -40.17 5.45 -6.36
CA SER J 74 -39.40 5.51 -7.60
C SER J 74 -38.06 4.78 -7.45
N ALA J 75 -37.43 4.89 -6.26
CA ALA J 75 -36.16 4.22 -5.97
C ALA J 75 -36.35 2.70 -5.98
N MET J 76 -37.40 2.20 -5.32
CA MET J 76 -37.70 0.77 -5.28
C MET J 76 -37.97 0.20 -6.68
N GLN J 77 -38.59 0.99 -7.56
CA GLN J 77 -38.84 0.57 -8.94
C GLN J 77 -37.52 0.48 -9.71
N PHE J 78 -36.57 1.37 -9.45
CA PHE J 78 -35.26 1.36 -10.09
C PHE J 78 -34.44 0.15 -9.60
N PHE J 79 -34.55 -0.19 -8.31
CA PHE J 79 -33.83 -1.34 -7.77
C PHE J 79 -34.37 -2.67 -8.28
N THR J 80 -35.59 -2.69 -8.84
CA THR J 80 -36.23 -3.89 -9.38
C THR J 80 -36.53 -3.74 -10.88
N LYS J 81 -35.80 -2.86 -11.60
CA LYS J 81 -36.03 -2.64 -13.04
C LYS J 81 -35.65 -3.83 -13.92
N GLY J 82 -34.86 -4.76 -13.39
CA GLY J 82 -34.44 -5.95 -14.11
C GLY J 82 -35.57 -6.91 -14.44
N TYR J 83 -36.69 -6.79 -13.73
CA TYR J 83 -37.89 -7.57 -14.00
C TYR J 83 -38.54 -7.13 -15.34
N GLN J 84 -38.38 -5.83 -15.71
CA GLN J 84 -38.89 -5.24 -16.95
C GLN J 84 -38.14 -5.71 -18.20
N GLU J 85 -36.93 -6.29 -18.04
CA GLU J 85 -36.12 -6.75 -19.16
C GLU J 85 -36.11 -8.28 -19.29
N THR J 86 -35.95 -8.75 -20.51
CA THR J 86 -35.87 -10.16 -20.84
C THR J 86 -34.40 -10.55 -21.07
N ILE J 87 -34.11 -11.84 -21.24
CA ILE J 87 -32.73 -12.27 -21.50
C ILE J 87 -32.23 -11.82 -22.91
N SER J 88 -33.15 -11.39 -23.82
CA SER J 88 -32.91 -10.89 -25.18
C SER J 88 -31.56 -10.16 -25.39
N ASP J 89 -30.92 -10.44 -26.54
CA ASP J 89 -29.64 -9.85 -26.93
C ASP J 89 -29.32 -10.13 -28.43
N VAL J 90 -28.10 -9.74 -28.88
CA VAL J 90 -27.60 -9.93 -30.24
C VAL J 90 -26.06 -9.82 -30.23
N HIS J 100 -12.57 -17.08 -31.46
CA HIS J 100 -11.49 -16.54 -30.64
C HIS J 100 -10.99 -17.55 -29.62
N ASP J 101 -9.75 -17.95 -29.80
CA ASP J 101 -9.05 -18.94 -28.99
C ASP J 101 -8.30 -18.23 -27.83
N GLU J 102 -9.05 -17.55 -26.95
CA GLU J 102 -8.42 -16.80 -25.86
C GLU J 102 -9.35 -16.55 -24.70
N MET J 103 -8.80 -16.39 -23.48
CA MET J 103 -9.63 -16.11 -22.32
C MET J 103 -10.11 -14.66 -22.33
N VAL J 104 -11.41 -14.45 -22.14
CA VAL J 104 -11.98 -13.12 -22.13
C VAL J 104 -12.58 -12.81 -20.74
N ILE J 105 -12.10 -11.75 -20.09
CA ILE J 105 -12.50 -11.35 -18.75
C ILE J 105 -13.00 -9.92 -18.66
N VAL J 106 -14.04 -9.69 -17.87
CA VAL J 106 -14.54 -8.37 -17.51
C VAL J 106 -14.63 -8.35 -15.98
N LYS J 107 -13.68 -7.68 -15.33
CA LYS J 107 -13.62 -7.63 -13.88
C LYS J 107 -14.09 -6.28 -13.32
N ASP J 108 -14.38 -6.24 -12.00
CA ASP J 108 -14.79 -5.05 -11.29
C ASP J 108 -16.06 -4.44 -11.84
N ILE J 109 -17.02 -5.28 -12.19
CA ILE J 109 -18.30 -4.80 -12.68
C ILE J 109 -19.10 -4.38 -11.45
N ASP J 110 -19.43 -3.09 -11.32
CA ASP J 110 -20.18 -2.62 -10.16
C ASP J 110 -21.56 -3.21 -10.12
N MET J 111 -21.89 -3.85 -9.01
CA MET J 111 -23.17 -4.51 -8.86
C MET J 111 -23.96 -3.88 -7.73
N PHE J 112 -25.26 -3.65 -7.94
CA PHE J 112 -26.14 -3.10 -6.91
C PHE J 112 -27.38 -3.98 -6.95
N SER J 113 -27.68 -4.66 -5.84
CA SER J 113 -28.83 -5.56 -5.78
C SER J 113 -29.67 -5.35 -4.50
N MET J 114 -30.77 -6.09 -4.34
CA MET J 114 -31.64 -5.95 -3.19
C MET J 114 -31.85 -7.28 -2.50
N CYS J 115 -31.56 -7.35 -1.18
CA CYS J 115 -31.73 -8.57 -0.42
C CYS J 115 -33.20 -8.90 -0.35
N GLU J 116 -33.61 -10.05 -0.90
CA GLU J 116 -35.01 -10.46 -0.90
C GLU J 116 -35.56 -10.80 0.50
N HIS J 117 -34.70 -10.95 1.51
CA HIS J 117 -35.15 -11.27 2.86
C HIS J 117 -35.62 -10.05 3.64
N HIS J 118 -34.87 -8.94 3.57
CA HIS J 118 -35.19 -7.72 4.33
C HIS J 118 -35.46 -6.50 3.47
N LEU J 119 -35.34 -6.61 2.15
CA LEU J 119 -35.49 -5.50 1.22
C LEU J 119 -34.43 -4.42 1.46
N VAL J 120 -33.22 -4.84 1.83
CA VAL J 120 -32.11 -3.92 2.09
C VAL J 120 -31.09 -4.14 0.99
N PRO J 121 -30.64 -3.05 0.35
CA PRO J 121 -29.68 -3.21 -0.75
C PRO J 121 -28.35 -3.82 -0.34
N PHE J 122 -27.77 -4.62 -1.23
CA PHE J 122 -26.43 -5.16 -1.06
C PHE J 122 -25.62 -4.80 -2.30
N VAL J 123 -24.39 -4.35 -2.09
CA VAL J 123 -23.57 -3.84 -3.17
C VAL J 123 -22.28 -4.58 -3.25
N GLY J 124 -21.85 -4.86 -4.47
CA GLY J 124 -20.60 -5.55 -4.68
C GLY J 124 -20.00 -5.38 -6.06
N LYS J 125 -19.19 -6.37 -6.43
CA LYS J 125 -18.49 -6.43 -7.70
C LYS J 125 -18.60 -7.80 -8.32
N VAL J 126 -18.72 -7.85 -9.65
CA VAL J 126 -18.81 -9.10 -10.39
C VAL J 126 -17.62 -9.24 -11.33
N HIS J 127 -17.04 -10.43 -11.37
CA HIS J 127 -15.92 -10.75 -12.23
C HIS J 127 -16.36 -11.87 -13.12
N ILE J 128 -16.35 -11.66 -14.43
CA ILE J 128 -16.78 -12.67 -15.39
C ILE J 128 -15.62 -13.04 -16.32
N GLY J 129 -15.54 -14.31 -16.65
CA GLY J 129 -14.54 -14.81 -17.58
C GLY J 129 -15.07 -15.97 -18.37
N TYR J 130 -14.59 -16.13 -19.60
CA TYR J 130 -15.02 -17.25 -20.44
C TYR J 130 -14.02 -17.57 -21.54
N LEU J 131 -14.04 -18.80 -22.00
CA LEU J 131 -13.22 -19.27 -23.12
C LEU J 131 -14.23 -19.61 -24.18
N PRO J 132 -14.29 -18.83 -25.27
CA PRO J 132 -15.32 -19.08 -26.28
C PRO J 132 -15.12 -20.36 -27.06
N ASN J 133 -16.21 -20.90 -27.60
CA ASN J 133 -16.15 -22.06 -28.46
C ASN J 133 -16.21 -21.50 -29.88
N LYS J 134 -17.35 -20.91 -30.27
CA LYS J 134 -17.52 -20.33 -31.61
C LYS J 134 -18.17 -18.96 -31.57
N GLN J 135 -18.86 -18.62 -30.46
CA GLN J 135 -19.56 -17.35 -30.28
C GLN J 135 -18.92 -16.50 -29.19
N VAL J 136 -18.72 -15.22 -29.49
CA VAL J 136 -18.16 -14.27 -28.53
C VAL J 136 -19.24 -13.23 -28.21
N LEU J 137 -19.32 -12.78 -26.96
CA LEU J 137 -20.32 -11.78 -26.57
C LEU J 137 -19.66 -10.42 -26.49
N GLY J 138 -20.39 -9.39 -26.91
CA GLY J 138 -19.93 -8.01 -26.81
C GLY J 138 -19.77 -7.64 -25.36
N LEU J 139 -18.60 -7.09 -25.01
CA LEU J 139 -18.22 -6.77 -23.63
C LEU J 139 -19.23 -5.86 -22.90
N SER J 140 -19.96 -5.03 -23.65
CA SER J 140 -21.00 -4.19 -23.08
C SER J 140 -22.18 -5.06 -22.60
N LYS J 141 -22.50 -6.12 -23.37
CA LYS J 141 -23.59 -7.05 -23.09
C LYS J 141 -23.36 -7.90 -21.87
N LEU J 142 -22.10 -8.15 -21.49
CA LEU J 142 -21.81 -8.91 -20.27
C LEU J 142 -22.34 -8.15 -19.05
N ALA J 143 -22.14 -6.83 -19.05
CA ALA J 143 -22.61 -5.96 -17.98
C ALA J 143 -24.12 -5.83 -17.96
N ARG J 144 -24.77 -5.91 -19.13
CA ARG J 144 -26.22 -5.84 -19.20
C ARG J 144 -26.86 -7.10 -18.58
N ILE J 145 -26.17 -8.26 -18.62
CA ILE J 145 -26.63 -9.51 -17.99
C ILE J 145 -26.59 -9.34 -16.48
N VAL J 146 -25.51 -8.71 -15.96
CA VAL J 146 -25.34 -8.43 -14.54
C VAL J 146 -26.50 -7.57 -14.04
N GLU J 147 -26.83 -6.53 -14.81
CA GLU J 147 -27.85 -5.56 -14.51
C GLU J 147 -29.24 -6.15 -14.48
N ILE J 148 -29.57 -7.05 -15.44
CA ILE J 148 -30.88 -7.67 -15.52
C ILE J 148 -31.19 -8.50 -14.28
N TYR J 149 -30.23 -9.31 -13.84
CA TYR J 149 -30.44 -10.16 -12.68
C TYR J 149 -30.22 -9.45 -11.34
N SER J 150 -29.25 -8.49 -11.25
CA SER J 150 -28.99 -7.78 -10.00
C SER J 150 -30.10 -6.82 -9.62
N ARG J 151 -30.79 -6.21 -10.61
CA ARG J 151 -31.92 -5.33 -10.33
C ARG J 151 -33.22 -6.12 -10.11
N ARG J 152 -33.25 -6.90 -9.04
CA ARG J 152 -34.36 -7.77 -8.64
C ARG J 152 -34.26 -8.09 -7.12
N LEU J 153 -35.23 -8.84 -6.57
CA LEU J 153 -35.15 -9.28 -5.19
C LEU J 153 -34.34 -10.56 -5.28
N GLN J 154 -33.09 -10.48 -4.85
CA GLN J 154 -32.12 -11.55 -5.00
C GLN J 154 -31.51 -12.09 -3.71
N VAL J 155 -30.84 -13.23 -3.86
CA VAL J 155 -30.00 -13.95 -2.92
C VAL J 155 -28.68 -14.12 -3.70
N GLN J 156 -27.53 -13.70 -3.14
CA GLN J 156 -26.25 -13.69 -3.86
C GLN J 156 -25.94 -14.98 -4.61
N GLU J 157 -26.21 -16.13 -3.99
CA GLU J 157 -25.98 -17.43 -4.56
C GLU J 157 -26.81 -17.63 -5.83
N ARG J 158 -28.09 -17.23 -5.82
CA ARG J 158 -28.95 -17.36 -6.97
C ARG J 158 -28.50 -16.42 -8.08
N LEU J 159 -28.13 -15.18 -7.72
CA LEU J 159 -27.66 -14.16 -8.66
C LEU J 159 -26.50 -14.66 -9.53
N THR J 160 -25.42 -15.12 -8.91
CA THR J 160 -24.23 -15.61 -9.60
C THR J 160 -24.57 -16.82 -10.47
N LYS J 161 -25.48 -17.72 -10.03
CA LYS J 161 -25.92 -18.87 -10.84
C LYS J 161 -26.67 -18.37 -12.08
N GLN J 162 -27.52 -17.33 -11.91
CA GLN J 162 -28.28 -16.68 -12.97
C GLN J 162 -27.39 -16.13 -14.09
N ILE J 163 -26.37 -15.33 -13.73
CA ILE J 163 -25.40 -14.79 -14.70
C ILE J 163 -24.65 -15.93 -15.41
N ALA J 164 -24.11 -16.88 -14.63
CA ALA J 164 -23.36 -18.02 -15.15
C ALA J 164 -24.14 -18.79 -16.22
N VAL J 165 -25.42 -19.09 -15.96
CA VAL J 165 -26.31 -19.81 -16.88
C VAL J 165 -26.66 -18.97 -18.11
N ALA J 166 -26.87 -17.64 -17.92
CA ALA J 166 -27.17 -16.74 -19.02
C ALA J 166 -26.03 -16.74 -20.06
N ILE J 167 -24.78 -16.64 -19.59
CA ILE J 167 -23.63 -16.66 -20.49
C ILE J 167 -23.51 -18.00 -21.19
N THR J 168 -23.61 -19.09 -20.43
CA THR J 168 -23.51 -20.46 -20.96
C THR J 168 -24.53 -20.70 -22.04
N GLU J 169 -25.78 -20.32 -21.80
CA GLU J 169 -26.85 -20.52 -22.76
C GLU J 169 -26.68 -19.65 -24.00
N ALA J 170 -26.23 -18.40 -23.81
CA ALA J 170 -26.04 -17.48 -24.92
C ALA J 170 -24.89 -17.87 -25.87
N LEU J 171 -23.69 -18.13 -25.32
CA LEU J 171 -22.51 -18.40 -26.11
C LEU J 171 -22.18 -19.86 -26.36
N ARG J 172 -22.60 -20.74 -25.43
CA ARG J 172 -22.19 -22.16 -25.42
C ARG J 172 -20.66 -22.26 -25.43
N PRO J 173 -20.01 -21.67 -24.41
CA PRO J 173 -18.54 -21.61 -24.41
C PRO J 173 -17.88 -22.87 -23.87
N ALA J 174 -16.55 -22.93 -23.97
CA ALA J 174 -15.77 -24.04 -23.42
C ALA J 174 -15.79 -23.99 -21.89
N GLY J 175 -15.78 -22.79 -21.34
CA GLY J 175 -15.77 -22.59 -19.90
C GLY J 175 -16.33 -21.24 -19.50
N VAL J 176 -16.75 -21.13 -18.23
CA VAL J 176 -17.32 -19.92 -17.68
C VAL J 176 -16.85 -19.77 -16.22
N GLY J 177 -16.60 -18.55 -15.82
CA GLY J 177 -16.20 -18.25 -14.45
C GLY J 177 -16.93 -17.01 -14.02
N VAL J 178 -17.70 -17.10 -12.93
CA VAL J 178 -18.46 -15.97 -12.42
C VAL J 178 -18.18 -15.78 -10.93
N VAL J 179 -17.59 -14.65 -10.52
CA VAL J 179 -17.30 -14.38 -9.13
C VAL J 179 -18.03 -13.12 -8.65
N VAL J 180 -18.85 -13.25 -7.62
CA VAL J 180 -19.55 -12.11 -7.04
C VAL J 180 -19.03 -11.90 -5.61
N GLU J 181 -18.53 -10.71 -5.33
CA GLU J 181 -18.07 -10.39 -3.98
C GLU J 181 -18.87 -9.21 -3.52
N ALA J 182 -19.66 -9.39 -2.46
CA ALA J 182 -20.54 -8.34 -2.00
C ALA J 182 -20.47 -8.11 -0.49
N THR J 183 -20.95 -6.92 -0.03
CA THR J 183 -21.03 -6.57 1.38
C THR J 183 -22.48 -6.15 1.66
N SER J 197 -16.64 -7.93 6.85
CA SER J 197 -17.11 -9.25 6.42
C SER J 197 -17.74 -9.28 5.02
N LYS J 198 -17.07 -9.96 4.09
CA LYS J 198 -17.55 -10.04 2.72
C LYS J 198 -18.04 -11.43 2.34
N THR J 199 -19.00 -11.49 1.40
CA THR J 199 -19.52 -12.76 0.92
C THR J 199 -19.09 -12.96 -0.50
N VAL J 200 -18.38 -14.04 -0.78
CA VAL J 200 -17.90 -14.32 -2.12
C VAL J 200 -18.57 -15.59 -2.64
N THR J 201 -19.27 -15.52 -3.80
CA THR J 201 -19.89 -16.68 -4.42
C THR J 201 -19.19 -16.89 -5.77
N SER J 202 -18.82 -18.13 -6.09
CA SER J 202 -18.05 -18.41 -7.29
C SER J 202 -18.55 -19.61 -8.05
N THR J 203 -18.90 -19.44 -9.34
CA THR J 203 -19.36 -20.55 -10.19
C THR J 203 -18.33 -20.82 -11.30
N MET J 204 -17.78 -22.05 -11.36
CA MET J 204 -16.79 -22.44 -12.37
C MET J 204 -17.38 -23.57 -13.18
N LEU J 205 -17.59 -23.35 -14.48
CA LEU J 205 -18.18 -24.35 -15.38
C LEU J 205 -17.22 -24.74 -16.48
N GLY J 206 -17.40 -25.95 -16.97
CA GLY J 206 -16.61 -26.45 -18.08
C GLY J 206 -15.13 -26.44 -17.85
N VAL J 207 -14.37 -25.94 -18.84
CA VAL J 207 -12.92 -25.90 -18.78
C VAL J 207 -12.42 -25.08 -17.55
N PHE J 208 -13.25 -24.12 -17.04
CA PHE J 208 -12.91 -23.36 -15.84
C PHE J 208 -12.96 -24.26 -14.61
N ARG J 209 -13.87 -25.24 -14.59
CA ARG J 209 -13.94 -26.20 -13.49
C ARG J 209 -12.89 -27.31 -13.67
N GLU J 210 -12.80 -27.86 -14.88
CA GLU J 210 -11.97 -29.03 -15.16
C GLU J 210 -10.47 -28.76 -15.35
N ASP J 211 -10.09 -27.63 -15.94
CA ASP J 211 -8.68 -27.34 -16.17
C ASP J 211 -8.10 -26.52 -15.04
N PRO J 212 -7.12 -27.09 -14.34
CA PRO J 212 -6.48 -26.35 -13.25
C PRO J 212 -5.75 -25.10 -13.73
N LYS J 213 -5.11 -25.19 -14.91
CA LYS J 213 -4.39 -24.09 -15.50
C LYS J 213 -5.35 -22.92 -15.81
N THR J 214 -6.50 -23.24 -16.43
CA THR J 214 -7.53 -22.27 -16.76
C THR J 214 -8.05 -21.57 -15.48
N ARG J 215 -8.48 -22.35 -14.44
CA ARG J 215 -9.04 -21.75 -13.25
C ARG J 215 -8.04 -20.85 -12.55
N GLU J 216 -6.76 -21.28 -12.45
CA GLU J 216 -5.73 -20.48 -11.82
C GLU J 216 -5.56 -19.14 -12.59
N GLU J 217 -5.56 -19.22 -13.92
CA GLU J 217 -5.45 -18.05 -14.78
C GLU J 217 -6.61 -17.06 -14.60
N PHE J 218 -7.85 -17.55 -14.54
CA PHE J 218 -8.99 -16.68 -14.32
C PHE J 218 -8.89 -15.99 -12.96
N LEU J 219 -8.67 -16.77 -11.90
CA LEU J 219 -8.57 -16.25 -10.56
C LEU J 219 -7.40 -15.25 -10.39
N THR J 220 -6.29 -15.45 -11.11
CA THR J 220 -5.16 -14.55 -11.01
C THR J 220 -5.43 -13.28 -11.78
N LEU J 221 -6.02 -13.39 -12.99
CA LEU J 221 -6.28 -12.23 -13.82
C LEU J 221 -7.38 -11.33 -13.27
N ILE J 222 -8.29 -11.84 -12.42
CA ILE J 222 -9.30 -10.96 -11.81
C ILE J 222 -8.77 -10.13 -10.60
N ARG J 223 -7.47 -10.32 -10.25
CA ARG J 223 -6.80 -9.60 -9.16
C ARG J 223 -5.92 -8.55 -9.79
C5 QBK K . 11.77 28.13 0.28
C7 QBK K . 13.71 31.08 -0.09
C8 QBK K . 12.28 27.01 -1.80
N12 QBK K . 12.06 25.96 -2.55
C1 QBK K . 13.25 28.99 -1.43
C2 QBK K . 12.64 29.13 -0.18
S3 QBK K . 14.23 30.41 -1.69
N4 QBK K . 13.11 27.97 -2.23
N6 QBK K . 12.85 30.23 0.55
N9 QBK K . 11.63 27.09 -0.60
O10 QBK K . 11.18 28.11 1.36
O11 QBK K . 14.09 32.14 0.33
C5 QBK L . 11.83 22.54 16.38
C7 QBK L . 13.93 24.62 18.44
C8 QBK L . 13.53 21.02 15.53
N12 QBK L . 13.78 19.98 14.78
C1 QBK L . 14.21 22.63 16.93
C2 QBK L . 12.90 23.17 17.09
S3 QBK L . 15.30 23.55 17.91
N4 QBK L . 14.55 21.61 16.18
N6 QBK L . 12.72 24.24 17.90
N9 QBK L . 12.25 21.48 15.61
O10 QBK L . 10.65 22.90 16.35
O11 QBK L . 14.11 25.55 19.20
ZN ZN M . 20.87 0.76 -24.75
C5 QBK N . 10.07 -22.48 -17.98
C7 QBK N . 11.96 -24.40 -20.35
C8 QBK N . 11.78 -20.83 -17.46
N12 QBK N . 12.09 -19.77 -16.74
C1 QBK N . 12.34 -22.40 -18.95
C2 QBK N . 11.07 -23.04 -18.88
S3 QBK N . 13.31 -23.21 -20.12
N4 QBK N . 12.69 -21.32 -18.32
N6 QBK N . 10.84 -24.12 -19.62
N9 QBK N . 10.55 -21.38 -17.29
O10 QBK N . 8.94 -22.91 -17.76
O11 QBK N . 12.10 -25.30 -21.15
C5 QBK O . -4.63 21.12 21.37
C7 QBK O . -5.12 23.10 24.36
C8 QBK O . -3.48 19.23 22.35
N12 QBK O . -2.93 18.05 22.13
C1 QBK O . -4.08 20.89 23.73
C2 QBK O . -4.62 21.68 22.70
S3 QBK O . -4.35 21.72 25.24
N4 QBK O . -3.53 19.71 23.59
N6 QBK O . -5.21 22.88 23.01
N9 QBK O . -4.04 19.87 21.28
O10 QBK O . -5.07 21.67 20.37
O11 QBK O . -5.57 24.06 24.96
C5 QBK P . 11.77 -27.91 -2.09
C7 QBK P . 13.78 -30.86 -1.73
C8 QBK P . 12.29 -26.83 0.01
N12 QBK P . 12.05 -25.81 0.80
C1 QBK P . 13.29 -28.77 -0.41
C2 QBK P . 12.67 -28.92 -1.66
S3 QBK P . 14.25 -30.19 -0.12
N4 QBK P . 13.16 -27.76 0.39
N6 QBK P . 12.92 -30.02 -2.39
N9 QBK P . 11.63 -26.88 -1.18
O10 QBK P . 11.14 -27.88 -3.16
O11 QBK P . 14.17 -31.93 -2.13
C5 QBK Q . -3.56 -30.06 4.47
C7 QBK Q . -3.97 -33.48 5.63
C8 QBK Q . -5.21 -29.00 5.91
N12 QBK Q . -5.75 -27.86 6.29
C1 QBK Q . -4.96 -31.23 6.15
C2 QBK Q . -3.97 -31.29 5.11
S3 QBK Q . -5.18 -32.83 6.80
N4 QBK Q . -5.56 -30.13 6.54
N6 QBK Q . -3.39 -32.50 4.85
N9 QBK Q . -4.26 -28.96 4.94
O10 QBK Q . -2.71 -29.93 3.58
O11 QBK Q . -3.70 -34.66 5.58
ZN ZN R . -17.41 2.33 -24.11
C5 QBK S . -6.70 -21.24 -21.22
C7 QBK S . -7.82 -23.12 -24.09
C8 QBK S . -5.97 -19.22 -22.37
N12 QBK S . -5.47 -18.01 -22.24
C1 QBK S . -6.81 -20.87 -23.64
C2 QBK S . -7.04 -21.72 -22.53
S3 QBK S . -7.30 -21.69 -25.08
N4 QBK S . -6.30 -19.67 -23.57
N6 QBK S . -7.59 -22.94 -22.75
N9 QBK S . -6.17 -19.96 -21.23
O10 QBK S . -6.84 -21.84 -20.16
O11 QBK S . -8.29 -24.10 -24.61
C5 QBK T . -4.16 30.05 -4.57
C7 QBK T . -5.09 33.31 -5.69
C8 QBK T . -5.85 28.77 -5.76
N12 QBK T . -6.33 27.58 -6.02
C1 QBK T . -5.87 30.99 -6.05
C2 QBK T . -4.78 31.19 -5.17
S3 QBK T . -6.34 32.52 -6.73
N4 QBK T . -6.39 29.84 -6.35
N6 QBK T . -4.34 32.43 -4.96
N9 QBK T . -4.76 28.86 -4.93
O10 QBK T . -3.23 30.06 -3.77
O11 QBK T . -4.95 34.51 -5.71
C5 QBK U . -14.42 25.91 8.25
C7 QBK U . -16.51 28.57 9.33
C8 QBK U . -15.72 24.05 9.10
N12 QBK U . -15.82 22.74 9.22
C1 QBK U . -16.50 26.10 9.47
C2 QBK U . -15.43 26.72 8.79
S3 QBK U . -17.57 27.30 10.08
N4 QBK U . -16.66 24.82 9.65
N6 QBK U . -15.41 28.06 8.68
N9 QBK U . -14.65 24.56 8.43
O10 QBK U . -13.41 26.30 7.66
O11 QBK U . -16.78 29.73 9.45
C5 QBK V . -15.16 -25.92 -7.14
C7 QBK V . -17.50 -28.58 -7.69
C8 QBK V . -16.53 -24.06 -7.92
N12 QBK V . -16.60 -22.77 -8.10
C1 QBK V . -17.44 -26.11 -8.03
C2 QBK V . -16.28 -26.74 -7.50
S3 QBK V . -18.66 -27.32 -8.29
N4 QBK V . -17.58 -24.83 -8.23
N6 QBK V . -16.28 -28.07 -7.30
N9 QBK V . -15.37 -24.58 -7.41
O10 QBK V . -14.09 -26.30 -6.69
O11 QBK V . -17.83 -29.74 -7.68
#